data_8SZF
#
_entry.id   8SZF
#
_cell.length_a   1.00
_cell.length_b   1.00
_cell.length_c   1.00
_cell.angle_alpha   90.00
_cell.angle_beta   90.00
_cell.angle_gamma   90.00
#
_symmetry.space_group_name_H-M   'P 1'
#
loop_
_entity.id
_entity.type
_entity.pdbx_description
1 polymer 'Extracellular calcium-sensing receptor'
2 polymer 'Extracellular calcium-sensing receptor'
3 branched 2-acetamido-2-deoxy-beta-D-glucopyranose-(1-4)-2-acetamido-2-deoxy-beta-D-glucopyranose
4 non-polymer 2-acetamido-2-deoxy-beta-D-glucopyranose
5 non-polymer TRYPTOPHAN
6 non-polymer 'CALCIUM ION'
7 non-polymer 'PHOSPHATE ION'
8 non-polymer N-[(1R)-1-(naphthalen-1-yl)ethyl]-3-[3-(trifluoromethyl)phenyl]propan-1-amine
9 non-polymer SPERMINE
#
loop_
_entity_poly.entity_id
_entity_poly.type
_entity_poly.pdbx_seq_one_letter_code
_entity_poly.pdbx_strand_id
1 'polypeptide(L)'
;DYKDDDDKAAAYGPDQRAQKKGDIILGGLFPIHFGVAAKDQDLKSRPESVECIRYNFRGFRWLQAMIFAIEEINSSPALL
PNLTLGYRIFDTCNTVSKALEATLSFVAQNKIDSLNLDEFCNCSEHIPSTIAVVGATGSGVSTAVANLLGLFYIPQVSYA
SSSRLLSNKNQFKSFLRTIPNDEHQATAMADIIEYFRWNWVGTIAADDDYGRPGIEKFREEAEERDICIDFSELISQYSD
EEEIQHVVEVIQNSTAKVIVVFSSGPDLEPLIKEIVRRNITGKIWLASEAWASSSLIAMPQYFHVVGGTIGFALKAGQIP
GFREFLKKVHPRKSVHNGFAKEFWEETFNCHLQEGAKGPLPVDTFLRGHEESGDRFSNSSTAFRPLCTGDENISSVETPY
IDYTHLRISYNVYLAVYSIAHALQDIYTCLPGRGLFTNGSCADIKKVEAWQVLKHLRHLNFTNNMGEQVTFDECGDLVGN
YSIINWHLSPEDGSIVFKEVGYYNVYAKKGERLFINEEKILWSGFSREVPFSNCSRDCLAGTRKGIIEGEPTCCFECVEC
PDGEYSDETDASACNKCPDDFWSNENHTSCIAKEIEFLSWTEPFGIALTLFAVLGIFLTAFVLGVFIKFRNTPIVKATNR
ELSYLLLFSLLCCFSSSLFFIGEPQDWTCRLRQPAFGISFVLCISCILVKTNRVLLVFEAKIPTSFHRKWWGLNLQFLLV
FLCTFMQIVICVIWLYTAPPSSYRNQELEDEIIFITCHEGSLMALGFLIGYTCLLAAICFFFAFKSRKLPENFNEAKFIT
FSMLIFFIVWISFIPAYASTYGKFVSAVEVIAILAASFGLLACIFFNKIYIILFKPSRNTIEEVRCSTAAHAFKVAARAT
LRRSNVTSTSVTSVNQASTSRLEGLQSENHRLRMKITELDKDLEEVTMQLQDTPEKKTNSGGSVFTLEDFVGDWEQTAAY
NLDQVLEQGGVSSLLQNLAVSVTPIQRIVRSGENALKIDIHVIIPYEGLSADQMAQIEEVFKVVYPVDDHHFKVILPYGT
LVIDGVTPNMLNYFGRPYEGIAVFDGKKITVTGTLWNGNKIIDERLITPDGSMLFRVTINS
;
A
2 'polypeptide(L)'
;WSHPQFEKGGGSGGGSGGSAWSHPQFEKGSAAAYGPDQRAQKKGDIILGGLFPIHFGVAAKDQDLKSRPESVECIRYNFR
GFRWLQAMIFAIEEINSSPALLPNLTLGYRIFDTCNTVSKALEATLSFVAQNKIDSLNLDEFCNCSEHIPSTIAVVGATG
SGVSTAVANLLGLFYIPQVSYASSSRLLSNKNQFKSFLRTIPNDEHQATAMADIIEYFRWNWVGTIAADDDYGRPGIEKF
REEAEERDICIDFSELISQYSDEEEIQHVVEVIQNSTAKVIVVFSSGPDLEPLIKEIVRRNITGKIWLASEAWASSSLIA
MPQYFHVVGGTIGFALKAGQIPGFREFLKKVHPRKSVHNGFAKEFWEETFNCHLQEGAKGPLPVDTFLRGHEESGDRFSN
SSTAFRPLCTGDENISSVETPYIDYTHLRISYNVYLAVYSIAHALQDIYTCLPGRGLFTNGSCADIKKVEAWQVLKHLRH
LNFTNNMGEQVTFDECGDLVGNYSIINWHLSPEDGSIVFKEVGYYNVYAKKGERLFINEEKILWSGFSREVPFSNCSRDC
LAGTRKGIIEGEPTCCFECVECPDGEYSDETDASACNKCPDDFWSNENHTSCIAKEIEFLSWTEPFGIALTLFAVLGIFL
TAFVLGVFIKFRNTPIVKATNRELSYLLLFSLLCCFSSSLFFIGEPQDWTCRLRQPAFGISFVLCISCILVKTNRVLLVF
EAKIPTSFHRKWWGLNLQFLLVFLCTFMQIVICVIWLYTAPPSSYRNQELEDEIIFITCHEGSLMALGFLIGYTCLLAAI
CFFFAFKSRKLPENFNEAKFITFSMLIFFIVWISFIPAYASTYGKFVSAVEVIAILAASFGLLACIFFNKIYIILFKPSR
NTIEEVRCSTAAHAFKVAARATLRRSNVTGSSTNNNEEEKSRLLEKENRELEKIIAEKEERVSELRHQLQSRQQLKKTN
;
B
#
# COMPACT_ATOMS: atom_id res chain seq x y z
N TYR A 12 9.23 64.18 -7.96
CA TYR A 12 8.01 63.60 -8.53
C TYR A 12 7.85 62.14 -8.11
N GLY A 13 6.63 61.64 -8.16
CA GLY A 13 6.32 60.30 -7.75
C GLY A 13 5.30 60.28 -6.63
N PRO A 14 5.39 59.29 -5.74
CA PRO A 14 4.51 59.27 -4.57
C PRO A 14 4.71 60.50 -3.71
N ASP A 15 3.61 60.97 -3.12
CA ASP A 15 3.64 62.21 -2.35
C ASP A 15 4.36 62.02 -1.02
N GLN A 16 4.07 60.93 -0.31
CA GLN A 16 4.63 60.68 1.01
C GLN A 16 5.89 59.85 0.90
N ARG A 17 6.95 60.30 1.55
CA ARG A 17 8.27 59.70 1.35
C ARG A 17 9.21 60.19 2.46
N ALA A 18 10.40 59.61 2.48
CA ALA A 18 11.51 60.08 3.29
C ALA A 18 12.68 60.38 2.37
N GLN A 19 13.20 61.60 2.44
CA GLN A 19 14.20 62.05 1.47
C GLN A 19 15.24 62.93 2.12
N LYS A 20 16.50 62.72 1.72
CA LYS A 20 17.62 63.57 2.11
C LYS A 20 18.65 63.53 0.99
N LYS A 21 19.27 64.67 0.71
CA LYS A 21 20.20 64.77 -0.41
C LYS A 21 21.62 64.50 0.05
N GLY A 22 22.45 64.07 -0.89
CA GLY A 22 23.84 63.77 -0.60
C GLY A 22 24.62 63.55 -1.87
N ASP A 23 25.87 63.13 -1.71
CA ASP A 23 26.72 62.86 -2.86
C ASP A 23 26.29 61.58 -3.58
N ILE A 24 25.84 60.58 -2.82
CA ILE A 24 25.38 59.31 -3.36
C ILE A 24 24.03 58.99 -2.74
N ILE A 25 23.06 58.63 -3.57
CA ILE A 25 21.68 58.42 -3.15
C ILE A 25 21.34 56.95 -3.21
N LEU A 26 20.82 56.41 -2.11
CA LEU A 26 20.31 55.05 -2.04
C LEU A 26 18.80 55.05 -2.14
N GLY A 27 18.23 53.89 -2.45
CA GLY A 27 16.80 53.72 -2.54
C GLY A 27 16.33 52.62 -1.59
N GLY A 28 15.08 52.74 -1.15
CA GLY A 28 14.52 51.77 -0.22
C GLY A 28 13.04 51.62 -0.42
N LEU A 29 12.54 50.42 -0.10
CA LEU A 29 11.13 50.08 -0.23
C LEU A 29 10.71 49.33 1.02
N PHE A 30 9.69 49.83 1.71
CA PHE A 30 9.25 49.23 2.97
C PHE A 30 7.73 49.20 3.01
N PRO A 31 7.16 48.17 3.66
CA PRO A 31 5.68 48.07 3.82
C PRO A 31 5.12 48.82 5.03
N ILE A 32 4.94 50.13 4.86
CA ILE A 32 4.39 50.93 5.95
C ILE A 32 2.91 50.61 6.15
N HIS A 33 2.26 49.98 5.18
CA HIS A 33 0.87 49.56 5.31
C HIS A 33 0.73 48.10 4.93
N PHE A 34 -0.24 47.43 5.55
CA PHE A 34 -0.46 46.01 5.32
C PHE A 34 -1.16 45.71 4.01
N GLY A 35 -1.85 46.68 3.41
CA GLY A 35 -2.59 46.43 2.19
C GLY A 35 -3.27 47.68 1.70
N VAL A 36 -4.11 47.50 0.67
CA VAL A 36 -4.83 48.61 0.04
C VAL A 36 -6.33 48.35 0.16
N ALA A 37 -7.12 49.40 -0.06
CA ALA A 37 -8.57 49.29 0.12
C ALA A 37 -9.21 48.43 -0.97
N ALA A 38 -10.21 47.64 -0.58
CA ALA A 38 -10.90 46.74 -1.51
C ALA A 38 -11.97 47.52 -2.27
N LYS A 39 -11.53 48.29 -3.26
CA LYS A 39 -12.44 49.07 -4.11
C LYS A 39 -12.75 48.27 -5.36
N ASP A 40 -14.02 47.93 -5.58
CA ASP A 40 -14.42 47.23 -6.81
C ASP A 40 -14.57 48.28 -7.91
N GLN A 41 -13.56 48.43 -8.75
CA GLN A 41 -13.60 49.51 -9.73
C GLN A 41 -14.40 49.09 -10.96
N ASP A 42 -15.52 49.77 -11.19
CA ASP A 42 -16.25 49.66 -12.44
C ASP A 42 -15.85 50.90 -13.23
N LEU A 43 -15.50 50.73 -14.50
CA LEU A 43 -14.87 51.86 -15.20
C LEU A 43 -15.93 52.83 -15.68
N LYS A 44 -16.33 53.74 -14.79
CA LYS A 44 -17.25 54.82 -15.14
C LYS A 44 -16.60 56.21 -15.03
N SER A 45 -15.36 56.28 -14.55
CA SER A 45 -14.60 57.53 -14.41
C SER A 45 -13.11 57.23 -14.57
N ARG A 46 -12.31 58.28 -14.65
CA ARG A 46 -10.86 58.14 -14.80
C ARG A 46 -10.29 57.60 -13.49
N PRO A 47 -9.80 56.35 -13.46
CA PRO A 47 -9.51 55.71 -12.17
C PRO A 47 -8.48 56.50 -11.37
N GLU A 48 -8.74 56.60 -10.07
CA GLU A 48 -7.87 57.32 -9.16
C GLU A 48 -6.97 56.34 -8.41
N SER A 49 -6.02 56.89 -7.66
CA SER A 49 -5.09 56.07 -6.90
C SER A 49 -5.83 55.35 -5.77
N VAL A 50 -5.43 54.10 -5.53
CA VAL A 50 -6.01 53.34 -4.42
C VAL A 50 -5.34 53.78 -3.12
N GLU A 51 -6.03 53.52 -2.01
CA GLU A 51 -5.59 53.95 -0.69
C GLU A 51 -5.18 52.76 0.17
N CYS A 52 -4.15 52.95 0.97
CA CYS A 52 -3.66 51.93 1.91
C CYS A 52 -4.39 52.10 3.25
N ILE A 53 -4.55 50.98 3.96
CA ILE A 53 -5.53 50.87 5.04
C ILE A 53 -4.88 50.75 6.43
N ARG A 54 -4.09 49.69 6.65
CA ARG A 54 -3.66 49.33 7.99
C ARG A 54 -2.19 49.68 8.21
N TYR A 55 -1.88 50.29 9.35
CA TYR A 55 -0.53 50.74 9.64
C TYR A 55 0.35 49.58 10.13
N ASN A 56 1.66 49.70 9.90
CA ASN A 56 2.63 48.65 10.21
C ASN A 56 3.80 49.25 10.99
N PHE A 57 3.74 49.14 12.32
CA PHE A 57 4.80 49.68 13.17
C PHE A 57 6.10 48.92 13.00
N ARG A 58 6.03 47.61 12.77
CA ARG A 58 7.23 46.82 12.50
C ARG A 58 7.92 47.29 11.23
N GLY A 59 7.13 47.59 10.19
CA GLY A 59 7.70 48.15 8.98
C GLY A 59 8.30 49.53 9.18
N PHE A 60 7.66 50.34 10.03
CA PHE A 60 8.24 51.65 10.34
C PHE A 60 9.58 51.50 11.06
N ARG A 61 9.69 50.53 11.97
CA ARG A 61 10.97 50.28 12.63
C ARG A 61 12.03 49.80 11.62
N TRP A 62 11.62 48.95 10.68
CA TRP A 62 12.55 48.54 9.63
C TRP A 62 13.04 49.73 8.83
N LEU A 63 12.14 50.66 8.51
CA LEU A 63 12.53 51.88 7.81
C LEU A 63 13.50 52.72 8.64
N GLN A 64 13.27 52.80 9.95
CA GLN A 64 14.15 53.57 10.82
C GLN A 64 15.55 52.96 10.89
N ALA A 65 15.65 51.64 10.76
CA ALA A 65 16.97 51.00 10.81
C ALA A 65 17.88 51.47 9.69
N MET A 66 17.34 51.64 8.48
CA MET A 66 18.13 52.11 7.35
C MET A 66 18.65 53.52 7.58
N ILE A 67 17.79 54.41 8.10
CA ILE A 67 18.20 55.78 8.37
C ILE A 67 19.29 55.80 9.45
N PHE A 68 19.12 54.98 10.49
CA PHE A 68 20.15 54.90 11.53
C PHE A 68 21.48 54.44 10.96
N ALA A 69 21.45 53.42 10.10
CA ALA A 69 22.70 52.93 9.49
C ALA A 69 23.36 54.01 8.64
N ILE A 70 22.57 54.73 7.83
CA ILE A 70 23.15 55.75 6.96
C ILE A 70 23.74 56.88 7.80
N GLU A 71 23.04 57.30 8.86
CA GLU A 71 23.56 58.36 9.72
C GLU A 71 24.85 57.94 10.42
N GLU A 72 24.92 56.69 10.87
CA GLU A 72 26.15 56.19 11.49
C GLU A 72 27.30 56.18 10.49
N ILE A 73 27.04 55.74 9.26
CA ILE A 73 28.08 55.76 8.23
C ILE A 73 28.56 57.18 7.97
N ASN A 74 27.62 58.13 7.89
CA ASN A 74 27.99 59.51 7.62
C ASN A 74 28.79 60.10 8.77
N SER A 75 28.48 59.72 10.02
CA SER A 75 29.26 60.18 11.15
C SER A 75 30.65 59.58 11.19
N SER A 76 30.80 58.32 10.77
CA SER A 76 32.08 57.63 10.86
C SER A 76 33.11 58.28 9.93
N PRO A 77 34.30 58.60 10.41
CA PRO A 77 35.34 59.18 9.54
C PRO A 77 36.27 58.16 8.91
N ALA A 78 36.21 56.90 9.32
CA ALA A 78 37.06 55.85 8.78
C ALA A 78 36.40 55.07 7.65
N LEU A 79 35.21 55.47 7.22
CA LEU A 79 34.49 54.81 6.14
C LEU A 79 33.93 55.88 5.22
N LEU A 80 34.35 55.85 3.95
CA LEU A 80 33.97 56.82 2.93
C LEU A 80 34.26 58.24 3.37
N PRO A 81 35.53 58.61 3.56
CA PRO A 81 35.84 59.98 3.98
C PRO A 81 35.47 61.00 2.91
N ASN A 82 35.04 62.17 3.38
CA ASN A 82 34.70 63.30 2.52
C ASN A 82 33.63 62.93 1.49
N LEU A 83 32.67 62.11 1.92
CA LEU A 83 31.54 61.73 1.08
C LEU A 83 30.29 61.65 1.95
N THR A 84 29.15 61.98 1.37
CA THR A 84 27.87 61.93 2.05
C THR A 84 26.94 60.96 1.34
N LEU A 85 25.98 60.42 2.08
CA LEU A 85 24.98 59.50 1.53
C LEU A 85 23.59 60.09 1.72
N GLY A 86 22.76 59.96 0.68
CA GLY A 86 21.37 60.33 0.75
C GLY A 86 20.48 59.12 0.56
N TYR A 87 19.17 59.38 0.52
CA TYR A 87 18.21 58.30 0.35
C TYR A 87 16.89 58.84 -0.18
N ARG A 88 16.12 57.95 -0.79
CA ARG A 88 14.76 58.23 -1.25
C ARG A 88 13.94 56.97 -1.01
N ILE A 89 13.09 57.00 0.01
CA ILE A 89 12.40 55.80 0.50
C ILE A 89 10.90 55.98 0.28
N PHE A 90 10.26 54.94 -0.24
CA PHE A 90 8.84 54.94 -0.55
C PHE A 90 8.14 53.80 0.19
N ASP A 91 6.81 53.77 0.06
CA ASP A 91 5.98 52.76 0.69
C ASP A 91 5.35 51.88 -0.38
N THR A 92 5.32 50.57 -0.14
CA THR A 92 4.78 49.61 -1.09
C THR A 92 3.37 49.13 -0.74
N CYS A 93 2.99 49.13 0.53
CA CYS A 93 1.69 48.62 0.98
C CYS A 93 1.49 47.17 0.59
N ASN A 94 2.59 46.43 0.44
CA ASN A 94 2.58 45.00 0.11
C ASN A 94 1.95 44.71 -1.25
N THR A 95 1.95 45.68 -2.16
CA THR A 95 1.34 45.53 -3.46
C THR A 95 2.36 45.78 -4.56
N VAL A 96 2.17 45.08 -5.68
CA VAL A 96 3.06 45.24 -6.83
C VAL A 96 2.88 46.61 -7.47
N SER A 97 1.63 47.07 -7.60
CA SER A 97 1.35 48.29 -8.34
C SER A 97 2.01 49.51 -7.69
N LYS A 98 1.92 49.62 -6.36
CA LYS A 98 2.55 50.74 -5.67
C LYS A 98 4.07 50.68 -5.79
N ALA A 99 4.64 49.47 -5.73
CA ALA A 99 6.09 49.33 -5.81
C ALA A 99 6.62 49.74 -7.18
N LEU A 100 5.87 49.49 -8.24
CA LEU A 100 6.35 49.81 -9.59
C LEU A 100 6.29 51.30 -9.87
N GLU A 101 5.37 52.04 -9.22
CA GLU A 101 5.37 53.50 -9.36
C GLU A 101 6.65 54.09 -8.79
N ALA A 102 7.12 53.57 -7.65
CA ALA A 102 8.36 54.06 -7.07
C ALA A 102 9.57 53.64 -7.89
N THR A 103 9.55 52.41 -8.42
CA THR A 103 10.69 51.93 -9.20
C THR A 103 10.86 52.69 -10.51
N LEU A 104 9.77 53.22 -11.06
CA LEU A 104 9.87 54.05 -12.26
C LEU A 104 10.59 55.35 -11.97
N SER A 105 10.48 55.86 -10.74
CA SER A 105 11.22 57.05 -10.34
C SER A 105 12.69 56.74 -10.09
N PHE A 106 13.02 55.51 -9.72
CA PHE A 106 14.40 55.14 -9.47
C PHE A 106 15.23 55.15 -10.74
N VAL A 107 14.62 54.81 -11.88
CA VAL A 107 15.33 54.66 -13.14
C VAL A 107 15.01 55.82 -14.10
N ALA A 108 14.52 56.94 -13.56
CA ALA A 108 14.07 58.04 -14.42
C ALA A 108 15.23 58.63 -15.23
N GLN A 109 16.33 58.95 -14.56
CA GLN A 109 17.45 59.61 -15.25
C GLN A 109 18.15 58.65 -16.20
N ASN A 110 18.30 57.38 -15.80
CA ASN A 110 18.99 56.41 -16.64
C ASN A 110 18.25 56.17 -17.94
N LYS A 111 16.91 56.13 -17.89
CA LYS A 111 16.13 55.97 -19.11
C LYS A 111 16.25 57.19 -20.02
N ILE A 112 16.41 58.39 -19.44
CA ILE A 112 16.71 59.57 -20.23
C ILE A 112 18.04 59.39 -20.95
N ASP A 113 19.05 58.89 -20.25
CA ASP A 113 20.31 58.56 -20.90
C ASP A 113 20.12 57.43 -21.90
N SER A 114 19.27 56.45 -21.57
CA SER A 114 19.00 55.35 -22.50
C SER A 114 18.33 55.86 -23.78
N LEU A 115 17.38 56.79 -23.65
CA LEU A 115 16.67 57.33 -24.79
C LEU A 115 17.29 58.63 -25.27
N HIS A 126 16.95 67.33 -13.68
CA HIS A 126 17.14 67.52 -12.25
C HIS A 126 16.89 66.24 -11.45
N ILE A 127 16.93 65.08 -12.10
CA ILE A 127 16.67 63.81 -11.44
C ILE A 127 17.99 63.25 -10.93
N PRO A 128 18.17 63.08 -9.63
CA PRO A 128 19.39 62.45 -9.12
C PRO A 128 19.42 60.98 -9.48
N SER A 129 20.63 60.44 -9.55
CA SER A 129 20.84 59.05 -9.94
C SER A 129 20.91 58.15 -8.72
N THR A 130 20.27 56.99 -8.81
CA THR A 130 20.29 55.99 -7.76
C THR A 130 21.24 54.86 -8.17
N ILE A 131 22.15 54.50 -7.28
CA ILE A 131 23.11 53.44 -7.58
C ILE A 131 22.71 52.09 -7.00
N ALA A 132 21.85 52.06 -5.98
CA ALA A 132 21.44 50.81 -5.37
C ALA A 132 20.13 51.01 -4.64
N VAL A 133 19.37 49.92 -4.52
CA VAL A 133 18.07 49.92 -3.86
C VAL A 133 18.06 48.82 -2.81
N VAL A 134 17.58 49.15 -1.62
CA VAL A 134 17.38 48.15 -0.57
C VAL A 134 16.04 47.48 -0.83
N GLY A 135 16.07 46.19 -1.15
CA GLY A 135 14.95 45.47 -1.73
C GLY A 135 13.67 45.43 -0.91
N ALA A 136 12.65 44.76 -1.46
CA ALA A 136 11.34 44.74 -0.84
C ALA A 136 11.24 43.58 0.15
N THR A 137 10.01 43.30 0.60
CA THR A 137 9.76 42.27 1.59
C THR A 137 9.16 41.00 0.96
N GLY A 138 8.11 41.14 0.16
CA GLY A 138 7.49 39.99 -0.47
C GLY A 138 8.24 39.57 -1.72
N SER A 139 8.30 38.25 -1.93
CA SER A 139 9.00 37.70 -3.08
C SER A 139 8.32 38.11 -4.39
N GLY A 140 6.98 38.14 -4.42
CA GLY A 140 6.28 38.55 -5.63
C GLY A 140 6.55 40.00 -6.00
N VAL A 141 6.65 40.87 -4.99
CA VAL A 141 6.98 42.26 -5.22
C VAL A 141 8.44 42.39 -5.68
N SER A 142 9.35 41.63 -5.04
CA SER A 142 10.76 41.70 -5.39
C SER A 142 11.02 41.20 -6.81
N THR A 143 10.28 40.19 -7.25
CA THR A 143 10.42 39.70 -8.62
C THR A 143 10.06 40.79 -9.61
N ALA A 144 8.91 41.45 -9.40
CA ALA A 144 8.52 42.51 -10.32
C ALA A 144 9.48 43.72 -10.27
N VAL A 145 10.03 44.04 -9.10
CA VAL A 145 10.98 45.13 -9.01
C VAL A 145 12.28 44.77 -9.71
N ALA A 146 12.74 43.52 -9.57
CA ALA A 146 14.00 43.10 -10.16
C ALA A 146 13.89 43.01 -11.68
N ASN A 147 12.73 42.62 -12.21
CA ASN A 147 12.56 42.56 -13.65
C ASN A 147 12.82 43.92 -14.31
N LEU A 148 12.54 45.00 -13.61
CA LEU A 148 12.77 46.35 -14.13
C LEU A 148 14.13 46.90 -13.74
N LEU A 149 14.60 46.61 -12.53
CA LEU A 149 15.91 47.11 -12.10
C LEU A 149 17.06 46.42 -12.84
N GLY A 150 16.84 45.21 -13.35
CA GLY A 150 17.89 44.51 -14.06
C GLY A 150 18.17 45.04 -15.45
N LEU A 151 17.24 45.81 -16.02
CA LEU A 151 17.45 46.39 -17.34
C LEU A 151 18.61 47.38 -17.32
N PHE A 152 18.71 48.17 -16.26
CA PHE A 152 19.74 49.19 -16.13
C PHE A 152 20.91 48.76 -15.26
N TYR A 153 20.94 47.49 -14.85
CA TYR A 153 22.03 46.93 -14.04
C TYR A 153 22.20 47.68 -12.72
N ILE A 154 21.08 47.98 -12.06
CA ILE A 154 21.08 48.65 -10.77
C ILE A 154 21.01 47.56 -9.69
N PRO A 155 22.00 47.44 -8.82
CA PRO A 155 21.97 46.38 -7.81
C PRO A 155 20.84 46.57 -6.82
N GLN A 156 20.30 45.44 -6.34
CA GLN A 156 19.23 45.43 -5.37
C GLN A 156 19.53 44.41 -4.29
N VAL A 157 19.51 44.84 -3.03
CA VAL A 157 19.79 43.97 -1.88
C VAL A 157 18.51 43.88 -1.07
N SER A 158 17.93 42.68 -1.00
CA SER A 158 16.71 42.44 -0.27
C SER A 158 17.02 41.93 1.14
N TYR A 159 16.13 42.25 2.07
CA TYR A 159 16.29 41.83 3.46
C TYR A 159 15.32 40.72 3.88
N ALA A 160 14.28 40.45 3.09
CA ALA A 160 13.26 39.50 3.52
C ALA A 160 12.83 38.49 2.46
N SER A 161 13.16 38.68 1.18
CA SER A 161 12.65 37.80 0.13
C SER A 161 13.51 36.54 0.07
N SER A 162 12.87 35.39 0.28
CA SER A 162 13.60 34.12 0.42
C SER A 162 13.14 33.05 -0.58
N SER A 163 12.41 33.42 -1.63
CA SER A 163 11.99 32.44 -2.63
C SER A 163 13.21 31.94 -3.42
N ARG A 164 13.18 30.65 -3.76
CA ARG A 164 14.30 30.08 -4.51
C ARG A 164 14.25 30.44 -5.98
N LEU A 165 13.14 31.00 -6.46
CA LEU A 165 13.05 31.45 -7.84
C LEU A 165 13.94 32.63 -8.12
N LEU A 166 14.33 33.38 -7.08
CA LEU A 166 15.19 34.55 -7.25
C LEU A 166 16.66 34.19 -7.35
N SER A 167 17.01 32.91 -7.20
CA SER A 167 18.39 32.47 -7.35
C SER A 167 18.78 32.26 -8.81
N ASN A 168 17.82 32.28 -9.73
CA ASN A 168 18.10 32.11 -11.15
C ASN A 168 18.72 33.40 -11.69
N LYS A 169 20.02 33.36 -11.99
CA LYS A 169 20.74 34.54 -12.44
C LYS A 169 20.64 34.76 -13.94
N ASN A 170 20.03 33.84 -14.69
CA ASN A 170 19.76 34.10 -16.10
C ASN A 170 18.66 35.14 -16.26
N GLN A 171 17.76 35.25 -15.28
CA GLN A 171 16.66 36.20 -15.31
C GLN A 171 16.88 37.40 -14.41
N PHE A 172 17.50 37.21 -13.25
CA PHE A 172 17.73 38.27 -12.28
C PHE A 172 19.24 38.53 -12.20
N LYS A 173 19.69 39.51 -12.99
CA LYS A 173 21.12 39.73 -13.17
C LYS A 173 21.75 40.54 -12.03
N SER A 174 20.97 41.35 -11.31
CA SER A 174 21.51 42.24 -10.30
C SER A 174 20.74 42.13 -8.99
N PHE A 175 20.34 40.92 -8.62
CA PHE A 175 19.62 40.69 -7.38
C PHE A 175 20.53 40.02 -6.36
N LEU A 176 20.53 40.56 -5.14
CA LEU A 176 21.22 40.00 -3.99
C LEU A 176 20.29 40.03 -2.80
N ARG A 177 20.55 39.16 -1.83
CA ARG A 177 19.78 39.14 -0.60
C ARG A 177 20.67 38.79 0.58
N THR A 178 20.31 39.29 1.75
CA THR A 178 21.01 39.02 3.00
C THR A 178 20.24 38.04 3.88
N ILE A 179 19.34 37.27 3.29
CA ILE A 179 18.55 36.26 4.01
C ILE A 179 18.68 34.95 3.25
N PRO A 180 18.74 33.81 3.93
CA PRO A 180 18.80 32.52 3.21
C PRO A 180 17.48 32.17 2.56
N ASN A 181 17.55 31.25 1.59
CA ASN A 181 16.35 30.79 0.90
C ASN A 181 15.72 29.63 1.68
N ASP A 182 14.60 29.12 1.17
CA ASP A 182 13.71 28.27 1.95
C ASP A 182 13.92 26.78 1.73
N GLU A 183 14.94 26.38 0.97
CA GLU A 183 15.21 24.95 0.78
C GLU A 183 15.49 24.27 2.12
N HIS A 184 16.34 24.88 2.94
CA HIS A 184 16.69 24.29 4.23
C HIS A 184 15.50 24.28 5.17
N GLN A 185 14.65 25.32 5.12
CA GLN A 185 13.46 25.33 5.96
C GLN A 185 12.49 24.22 5.57
N ALA A 186 12.28 24.01 4.27
CA ALA A 186 11.41 22.94 3.82
C ALA A 186 11.97 21.58 4.17
N THR A 187 13.30 21.44 4.18
CA THR A 187 13.90 20.19 4.63
C THR A 187 13.75 20.00 6.14
N ALA A 188 13.86 21.09 6.90
CA ALA A 188 13.78 21.00 8.36
C ALA A 188 12.37 20.67 8.82
N MET A 189 11.35 21.10 8.08
CA MET A 189 9.99 20.69 8.40
C MET A 189 9.87 19.16 8.39
N ALA A 190 10.35 18.53 7.31
CA ALA A 190 10.30 17.07 7.22
C ALA A 190 11.20 16.43 8.26
N ASP A 191 12.33 17.06 8.59
CA ASP A 191 13.21 16.54 9.64
C ASP A 191 12.47 16.48 10.97
N ILE A 192 11.76 17.56 11.33
CA ILE A 192 11.01 17.58 12.58
C ILE A 192 9.89 16.54 12.57
N ILE A 193 9.17 16.44 11.44
CA ILE A 193 8.08 15.48 11.35
C ILE A 193 8.59 14.06 11.52
N GLU A 194 9.71 13.74 10.88
CA GLU A 194 10.31 12.41 11.04
C GLU A 194 10.81 12.20 12.46
N TYR A 195 11.33 13.26 13.09
CA TYR A 195 11.82 13.15 14.46
C TYR A 195 10.69 12.78 15.42
N PHE A 196 9.50 13.34 15.22
CA PHE A 196 8.40 13.05 16.13
C PHE A 196 7.55 11.86 15.69
N ARG A 197 7.93 11.19 14.59
CA ARG A 197 7.33 9.92 14.18
C ARG A 197 5.84 10.07 13.83
N TRP A 198 5.57 10.96 12.87
CA TRP A 198 4.24 11.12 12.31
C TRP A 198 4.26 10.77 10.83
N ASN A 199 3.13 10.28 10.32
CA ASN A 199 3.03 9.97 8.89
C ASN A 199 1.67 10.35 8.31
N TRP A 200 0.98 11.32 8.90
CA TRP A 200 -0.37 11.68 8.46
C TRP A 200 -0.56 13.17 8.70
N VAL A 201 -0.31 13.98 7.66
CA VAL A 201 -0.29 15.43 7.79
C VAL A 201 -1.08 16.05 6.64
N GLY A 202 -1.38 17.34 6.79
CA GLY A 202 -1.94 18.13 5.72
C GLY A 202 -1.13 19.39 5.52
N THR A 203 -1.32 20.02 4.36
CA THR A 203 -0.53 21.18 3.99
C THR A 203 -1.43 22.34 3.59
N ILE A 204 -0.97 23.55 3.89
CA ILE A 204 -1.63 24.80 3.48
C ILE A 204 -0.55 25.77 3.03
N ALA A 205 -0.76 26.41 1.88
CA ALA A 205 0.23 27.34 1.34
C ALA A 205 -0.47 28.58 0.80
N ALA A 206 0.26 29.70 0.82
CA ALA A 206 -0.21 30.92 0.18
C ALA A 206 -0.05 30.83 -1.34
N ASP A 207 -0.95 31.49 -2.05
CA ASP A 207 -0.97 31.42 -3.51
C ASP A 207 -0.14 32.57 -4.09
N ASP A 208 1.17 32.44 -3.95
CA ASP A 208 2.10 33.44 -4.46
C ASP A 208 3.45 32.77 -4.67
N ASP A 209 4.49 33.60 -4.87
CA ASP A 209 5.82 33.10 -5.17
C ASP A 209 6.57 32.61 -3.93
N TYR A 210 6.01 32.79 -2.73
CA TYR A 210 6.66 32.37 -1.50
C TYR A 210 6.15 31.04 -0.96
N GLY A 211 4.86 30.76 -1.12
CA GLY A 211 4.29 29.55 -0.55
C GLY A 211 4.34 28.32 -1.44
N ARG A 212 4.09 28.51 -2.74
CA ARG A 212 4.00 27.37 -3.65
C ARG A 212 5.32 26.63 -3.81
N PRO A 213 6.45 27.26 -4.11
CA PRO A 213 7.71 26.49 -4.20
C PRO A 213 8.11 25.85 -2.89
N GLY A 214 7.85 26.52 -1.76
CA GLY A 214 8.15 25.93 -0.48
C GLY A 214 7.34 24.67 -0.20
N ILE A 215 6.04 24.72 -0.50
CA ILE A 215 5.21 23.55 -0.28
C ILE A 215 5.57 22.44 -1.26
N GLU A 216 6.01 22.79 -2.48
CA GLU A 216 6.46 21.77 -3.43
C GLU A 216 7.72 21.06 -2.92
N LYS A 217 8.70 21.83 -2.43
CA LYS A 217 9.91 21.22 -1.89
C LYS A 217 9.59 20.36 -0.67
N PHE A 218 8.70 20.84 0.20
CA PHE A 218 8.31 20.04 1.36
C PHE A 218 7.63 18.74 0.94
N ARG A 219 6.77 18.80 -0.08
CA ARG A 219 6.12 17.59 -0.56
C ARG A 219 7.13 16.59 -1.08
N GLU A 220 8.13 17.07 -1.84
CA GLU A 220 9.16 16.17 -2.34
C GLU A 220 9.92 15.51 -1.19
N GLU A 221 10.35 16.30 -0.20
CA GLU A 221 11.12 15.73 0.91
C GLU A 221 10.27 14.77 1.74
N ALA A 222 9.01 15.11 1.98
CA ALA A 222 8.12 14.25 2.76
C ALA A 222 7.88 12.92 2.05
N GLU A 223 7.62 12.96 0.74
CA GLU A 223 7.47 11.69 0.02
C GLU A 223 8.77 10.90 0.05
N GLU A 224 9.91 11.59 0.08
CA GLU A 224 11.18 10.88 0.23
C GLU A 224 11.27 10.19 1.58
N ARG A 225 10.70 10.78 2.64
CA ARG A 225 10.81 10.23 3.98
C ARG A 225 9.65 9.33 4.38
N ASP A 226 8.83 8.88 3.42
CA ASP A 226 7.69 8.00 3.68
C ASP A 226 6.68 8.64 4.64
N ILE A 227 6.16 9.80 4.23
CA ILE A 227 5.16 10.54 4.99
C ILE A 227 3.97 10.78 4.07
N CYS A 228 2.77 10.46 4.54
CA CYS A 228 1.56 10.54 3.75
C CYS A 228 0.85 11.87 3.98
N ILE A 229 0.50 12.56 2.91
CA ILE A 229 -0.16 13.86 2.96
C ILE A 229 -1.64 13.66 2.62
N ASP A 230 -2.51 14.12 3.52
CA ASP A 230 -3.95 13.94 3.32
C ASP A 230 -4.52 14.97 2.34
N PHE A 231 -4.32 16.26 2.62
CA PHE A 231 -4.87 17.31 1.77
C PHE A 231 -3.81 18.38 1.50
N SER A 232 -4.10 19.23 0.52
CA SER A 232 -3.22 20.34 0.16
C SER A 232 -4.08 21.46 -0.40
N GLU A 233 -4.09 22.60 0.27
CA GLU A 233 -4.99 23.71 -0.07
C GLU A 233 -4.20 24.99 -0.23
N LEU A 234 -4.80 25.94 -0.95
CA LEU A 234 -4.23 27.27 -1.17
C LEU A 234 -5.16 28.33 -0.60
N ILE A 235 -4.56 29.41 -0.10
CA ILE A 235 -5.30 30.52 0.50
C ILE A 235 -4.73 31.83 -0.04
N SER A 236 -5.43 32.92 0.25
CA SER A 236 -5.00 34.25 -0.17
C SER A 236 -5.65 35.29 0.73
N GLN A 237 -5.10 36.50 0.68
CA GLN A 237 -5.66 37.60 1.46
C GLN A 237 -7.03 38.02 0.96
N TYR A 238 -7.28 37.90 -0.34
CA TYR A 238 -8.52 38.36 -0.97
C TYR A 238 -9.45 37.22 -1.34
N SER A 239 -9.35 36.10 -0.62
CA SER A 239 -10.28 35.00 -0.84
C SER A 239 -11.67 35.37 -0.35
N ASP A 240 -12.68 34.91 -1.09
CA ASP A 240 -14.05 35.17 -0.70
C ASP A 240 -14.52 34.14 0.34
N GLU A 241 -15.78 34.29 0.74
CA GLU A 241 -16.33 33.44 1.79
C GLU A 241 -16.36 31.97 1.38
N GLU A 242 -16.71 31.71 0.11
CA GLU A 242 -16.90 30.33 -0.33
C GLU A 242 -15.60 29.53 -0.29
N GLU A 243 -14.49 30.14 -0.72
CA GLU A 243 -13.21 29.45 -0.68
C GLU A 243 -12.80 29.15 0.75
N ILE A 244 -13.00 30.11 1.66
CA ILE A 244 -12.68 29.83 3.06
C ILE A 244 -13.54 28.69 3.61
N GLN A 245 -14.83 28.68 3.26
CA GLN A 245 -15.72 27.61 3.71
C GLN A 245 -15.25 26.26 3.20
N HIS A 246 -14.85 26.20 1.93
CA HIS A 246 -14.35 24.93 1.37
C HIS A 246 -13.09 24.47 2.08
N VAL A 247 -12.17 25.40 2.36
CA VAL A 247 -10.92 25.01 3.04
C VAL A 247 -11.22 24.51 4.46
N VAL A 248 -12.12 25.19 5.17
CA VAL A 248 -12.49 24.75 6.52
C VAL A 248 -13.15 23.38 6.48
N GLU A 249 -14.01 23.14 5.48
CA GLU A 249 -14.64 21.83 5.35
C GLU A 249 -13.61 20.75 5.07
N VAL A 250 -12.61 21.04 4.23
CA VAL A 250 -11.55 20.08 3.97
C VAL A 250 -10.78 19.78 5.25
N ILE A 251 -10.47 20.82 6.03
CA ILE A 251 -9.70 20.62 7.26
C ILE A 251 -10.49 19.79 8.26
N GLN A 252 -11.80 20.04 8.37
CA GLN A 252 -12.61 19.43 9.42
C GLN A 252 -13.01 17.98 9.11
N ASN A 253 -12.92 17.54 7.86
CA ASN A 253 -13.19 16.15 7.53
C ASN A 253 -11.98 15.23 7.70
N SER A 254 -10.82 15.77 8.06
CA SER A 254 -9.59 14.98 8.08
C SER A 254 -9.30 14.48 9.49
N THR A 255 -8.69 13.30 9.55
CA THR A 255 -8.20 12.73 10.79
C THR A 255 -6.75 13.10 11.07
N ALA A 256 -6.09 13.78 10.14
CA ALA A 256 -4.74 14.24 10.35
C ALA A 256 -4.72 15.40 11.35
N LYS A 257 -3.71 15.39 12.22
CA LYS A 257 -3.64 16.37 13.29
C LYS A 257 -2.51 17.39 13.12
N VAL A 258 -1.56 17.15 12.22
CA VAL A 258 -0.41 18.02 12.01
C VAL A 258 -0.58 18.71 10.67
N ILE A 259 -0.47 20.03 10.65
CA ILE A 259 -0.65 20.84 9.45
C ILE A 259 0.58 21.72 9.25
N VAL A 260 1.14 21.69 8.05
CA VAL A 260 2.30 22.49 7.68
C VAL A 260 1.82 23.67 6.84
N VAL A 261 2.22 24.89 7.23
CA VAL A 261 1.76 26.12 6.60
C VAL A 261 2.95 26.97 6.17
N PHE A 262 2.97 27.36 4.89
CA PHE A 262 3.98 28.25 4.31
C PHE A 262 3.24 29.50 3.82
N SER A 263 3.05 30.48 4.70
CA SER A 263 2.28 31.68 4.39
C SER A 263 2.74 32.83 5.29
N SER A 264 2.09 33.98 5.13
CA SER A 264 2.31 35.15 5.98
C SER A 264 1.03 35.49 6.73
N GLY A 265 1.15 36.40 7.70
CA GLY A 265 0.04 36.82 8.52
C GLY A 265 -1.11 37.44 7.75
N PRO A 266 -0.81 38.39 6.85
CA PRO A 266 -1.90 38.97 6.03
C PRO A 266 -2.66 37.95 5.21
N ASP A 267 -1.97 36.93 4.69
CA ASP A 267 -2.63 35.91 3.89
C ASP A 267 -3.22 34.78 4.71
N LEU A 268 -2.92 34.73 6.01
CA LEU A 268 -3.44 33.68 6.87
C LEU A 268 -4.53 34.15 7.82
N GLU A 269 -4.70 35.46 8.00
CA GLU A 269 -5.65 35.97 8.99
C GLU A 269 -7.10 35.54 8.75
N PRO A 270 -7.67 35.63 7.53
CA PRO A 270 -9.08 35.24 7.38
C PRO A 270 -9.39 33.80 7.75
N LEU A 271 -8.52 32.86 7.35
CA LEU A 271 -8.75 31.47 7.68
C LEU A 271 -8.68 31.24 9.18
N ILE A 272 -7.73 31.89 9.85
CA ILE A 272 -7.62 31.74 11.31
C ILE A 272 -8.85 32.32 12.00
N LYS A 273 -9.36 33.45 11.50
CA LYS A 273 -10.58 34.02 12.07
C LYS A 273 -11.75 33.07 11.91
N GLU A 274 -11.90 32.49 10.72
CA GLU A 274 -13.02 31.57 10.48
C GLU A 274 -12.90 30.32 11.35
N ILE A 275 -11.69 29.79 11.50
CA ILE A 275 -11.50 28.61 12.35
C ILE A 275 -11.78 28.95 13.81
N VAL A 276 -11.41 30.16 14.25
CA VAL A 276 -11.70 30.58 15.61
C VAL A 276 -13.20 30.68 15.83
N ARG A 277 -13.93 31.25 14.85
CA ARG A 277 -15.38 31.36 14.98
C ARG A 277 -16.05 30.00 15.04
N ARG A 278 -15.52 29.01 14.32
CA ARG A 278 -16.01 27.64 14.41
C ARG A 278 -15.37 26.86 15.56
N ASN A 279 -14.29 27.38 16.13
CA ASN A 279 -13.74 26.94 17.41
C ASN A 279 -13.29 25.48 17.34
N ILE A 280 -12.40 25.23 16.38
CA ILE A 280 -11.87 23.90 16.11
C ILE A 280 -10.55 23.75 16.85
N THR A 281 -10.50 22.83 17.79
CA THR A 281 -9.36 22.66 18.69
C THR A 281 -8.67 21.33 18.42
N GLY A 282 -7.44 21.23 18.92
CA GLY A 282 -6.69 20.00 18.89
C GLY A 282 -5.70 19.85 17.77
N LYS A 283 -5.44 20.89 16.99
CA LYS A 283 -4.53 20.81 15.86
C LYS A 283 -3.13 21.23 16.25
N ILE A 284 -2.15 20.70 15.52
CA ILE A 284 -0.73 21.01 15.71
C ILE A 284 -0.25 21.75 14.47
N TRP A 285 0.20 22.98 14.67
CA TRP A 285 0.60 23.85 13.56
C TRP A 285 2.11 23.92 13.47
N LEU A 286 2.64 23.77 12.26
CA LEU A 286 4.06 23.95 11.97
C LEU A 286 4.20 25.24 11.16
N ALA A 287 4.83 26.25 11.74
CA ALA A 287 4.85 27.59 11.19
C ALA A 287 6.16 27.88 10.47
N SER A 288 6.05 28.56 9.33
CA SER A 288 7.22 29.08 8.65
C SER A 288 7.62 30.43 9.26
N GLU A 289 8.81 30.90 8.88
CA GLU A 289 9.38 32.09 9.50
C GLU A 289 8.53 33.33 9.29
N ALA A 290 7.76 33.38 8.20
CA ALA A 290 7.01 34.60 7.87
C ALA A 290 5.92 34.90 8.89
N TRP A 291 5.22 33.87 9.38
CA TRP A 291 4.14 34.08 10.34
C TRP A 291 4.42 33.47 11.70
N ALA A 292 5.62 32.95 11.94
CA ALA A 292 5.93 32.36 13.23
C ALA A 292 6.03 33.39 14.35
N SER A 293 6.20 34.67 14.01
CA SER A 293 6.28 35.73 15.00
C SER A 293 5.36 36.90 14.65
N SER A 294 4.31 36.64 13.88
CA SER A 294 3.42 37.70 13.45
C SER A 294 2.44 38.07 14.56
N SER A 295 2.26 39.37 14.78
CA SER A 295 1.34 39.85 15.80
C SER A 295 -0.12 39.82 15.33
N LEU A 296 -0.36 39.59 14.04
CA LEU A 296 -1.73 39.43 13.57
C LEU A 296 -2.31 38.08 13.97
N ILE A 297 -1.47 37.08 14.16
CA ILE A 297 -1.92 35.73 14.50
C ILE A 297 -1.69 35.42 15.97
N ALA A 298 -0.64 36.01 16.56
CA ALA A 298 -0.29 35.74 17.96
C ALA A 298 -1.09 36.68 18.87
N MET A 299 -2.39 36.42 18.94
CA MET A 299 -3.28 37.22 19.75
C MET A 299 -3.91 36.39 20.85
N PRO A 300 -4.12 36.97 22.04
CA PRO A 300 -4.65 36.18 23.16
C PRO A 300 -6.04 35.60 22.92
N GLN A 301 -6.82 36.19 22.00
CA GLN A 301 -8.14 35.65 21.71
C GLN A 301 -8.08 34.35 20.90
N TYR A 302 -7.00 34.13 20.16
CA TYR A 302 -6.87 32.98 19.29
C TYR A 302 -6.15 31.80 19.93
N PHE A 303 -5.82 31.90 21.22
CA PHE A 303 -4.89 30.94 21.81
C PHE A 303 -5.49 29.53 21.89
N HIS A 304 -6.80 29.40 22.10
CA HIS A 304 -7.38 28.08 22.16
C HIS A 304 -7.32 27.34 20.83
N VAL A 305 -7.00 28.03 19.74
CA VAL A 305 -6.83 27.41 18.44
C VAL A 305 -5.36 27.31 18.04
N VAL A 306 -4.58 28.37 18.28
CA VAL A 306 -3.20 28.42 17.82
C VAL A 306 -2.20 28.37 18.97
N GLY A 307 -2.56 27.73 20.07
CA GLY A 307 -1.63 27.56 21.18
C GLY A 307 -0.70 26.38 20.95
N GLY A 308 0.56 26.56 21.34
CA GLY A 308 1.54 25.51 21.15
C GLY A 308 2.10 25.40 19.76
N THR A 309 2.08 26.47 18.98
CA THR A 309 2.63 26.45 17.64
C THR A 309 4.15 26.30 17.68
N ILE A 310 4.68 25.49 16.77
CA ILE A 310 6.12 25.27 16.62
C ILE A 310 6.55 25.86 15.29
N GLY A 311 7.48 26.81 15.34
CA GLY A 311 7.91 27.50 14.14
C GLY A 311 9.38 27.81 14.12
N PHE A 312 9.80 28.65 13.17
CA PHE A 312 11.19 28.98 12.94
C PHE A 312 11.44 30.46 13.20
N ALA A 313 12.71 30.78 13.39
CA ALA A 313 13.14 32.17 13.57
C ALA A 313 14.57 32.29 13.05
N LEU A 314 14.95 33.52 12.74
CA LEU A 314 16.31 33.80 12.30
C LEU A 314 17.21 34.13 13.48
N LYS A 315 18.50 34.29 13.20
CA LYS A 315 19.46 34.60 14.25
C LYS A 315 19.46 36.10 14.53
N ALA A 316 19.47 36.45 15.80
CA ALA A 316 19.39 37.84 16.21
C ALA A 316 20.77 38.50 16.20
N GLY A 317 20.78 39.81 15.95
CA GLY A 317 21.97 40.61 16.01
C GLY A 317 21.79 41.77 16.97
N GLN A 318 22.89 42.48 17.21
CA GLN A 318 22.91 43.61 18.14
C GLN A 318 23.28 44.88 17.39
N ILE A 319 22.48 45.93 17.58
CA ILE A 319 22.78 47.27 17.10
C ILE A 319 22.91 48.18 18.31
N PRO A 320 24.14 48.55 18.69
CA PRO A 320 24.38 49.07 20.04
C PRO A 320 23.87 50.48 20.32
N GLY A 321 23.10 51.08 19.42
CA GLY A 321 22.53 52.38 19.70
C GLY A 321 21.15 52.61 19.12
N PHE A 322 20.46 51.52 18.79
CA PHE A 322 19.24 51.63 17.99
C PHE A 322 18.07 52.14 18.83
N ARG A 323 17.94 51.69 20.07
CA ARG A 323 16.76 52.02 20.86
C ARG A 323 16.69 53.50 21.20
N GLU A 324 17.83 54.11 21.56
CA GLU A 324 17.83 55.53 21.88
C GLU A 324 17.47 56.36 20.65
N PHE A 325 17.94 55.95 19.48
CA PHE A 325 17.54 56.61 18.24
C PHE A 325 16.04 56.45 17.99
N LEU A 326 15.51 55.26 18.28
CA LEU A 326 14.09 55.02 18.08
C LEU A 326 13.24 55.90 18.99
N LYS A 327 13.69 56.12 20.22
CA LYS A 327 12.93 56.88 21.20
C LYS A 327 13.01 58.40 20.99
N LYS A 328 13.51 58.86 19.85
CA LYS A 328 13.71 60.28 19.62
C LYS A 328 12.88 60.83 18.47
N VAL A 329 11.99 60.02 17.88
CA VAL A 329 11.20 60.47 16.75
C VAL A 329 10.19 61.52 17.20
N HIS A 330 9.96 62.54 16.36
CA HIS A 330 9.05 63.62 16.66
C HIS A 330 8.37 64.08 15.38
N PRO A 331 7.07 64.38 15.42
CA PRO A 331 6.38 64.80 14.19
C PRO A 331 6.85 66.14 13.65
N ARG A 332 7.46 66.99 14.47
CA ARG A 332 7.88 68.31 14.05
C ARG A 332 9.39 68.49 13.96
N LYS A 333 10.16 67.65 14.65
CA LYS A 333 11.62 67.70 14.56
C LYS A 333 12.18 66.81 13.46
N SER A 334 11.38 65.92 12.89
CA SER A 334 11.82 65.04 11.81
C SER A 334 11.42 65.70 10.49
N VAL A 335 12.36 66.44 9.89
CA VAL A 335 12.09 67.15 8.65
C VAL A 335 12.17 66.21 7.45
N HIS A 336 13.13 65.29 7.45
CA HIS A 336 13.36 64.41 6.31
C HIS A 336 12.52 63.14 6.34
N ASN A 337 11.63 63.00 7.31
CA ASN A 337 10.79 61.81 7.45
C ASN A 337 9.33 62.23 7.30
N GLY A 338 8.70 61.85 6.19
CA GLY A 338 7.31 62.15 5.95
C GLY A 338 6.32 61.16 6.51
N PHE A 339 6.78 60.03 7.04
CA PHE A 339 5.90 59.05 7.64
C PHE A 339 5.69 59.27 9.14
N ALA A 340 6.47 60.16 9.75
CA ALA A 340 6.41 60.35 11.20
C ALA A 340 5.10 60.98 11.64
N LYS A 341 4.50 61.82 10.79
CA LYS A 341 3.24 62.46 11.16
C LYS A 341 2.12 61.44 11.30
N GLU A 342 1.96 60.57 10.30
CA GLU A 342 0.97 59.50 10.40
C GLU A 342 1.35 58.50 11.49
N PHE A 343 2.64 58.28 11.72
CA PHE A 343 3.05 57.43 12.83
C PHE A 343 2.55 57.98 14.16
N TRP A 344 2.74 59.28 14.39
CA TRP A 344 2.27 59.92 15.61
C TRP A 344 0.76 59.84 15.73
N GLU A 345 0.05 60.13 14.63
CA GLU A 345 -1.41 60.11 14.66
C GLU A 345 -1.94 58.72 14.99
N GLU A 346 -1.38 57.68 14.34
CA GLU A 346 -1.81 56.32 14.62
C GLU A 346 -1.46 55.90 16.04
N THR A 347 -0.30 56.34 16.55
CA THR A 347 0.12 55.93 17.88
C THR A 347 -0.77 56.54 18.97
N PHE A 348 -1.04 57.84 18.87
CA PHE A 348 -1.71 58.53 19.97
C PHE A 348 -3.18 58.83 19.71
N ASN A 349 -3.74 58.37 18.58
CA ASN A 349 -5.17 58.47 18.30
C ASN A 349 -5.68 59.91 18.45
N CYS A 350 -4.98 60.83 17.79
CA CYS A 350 -5.35 62.23 17.81
C CYS A 350 -5.08 62.82 16.42
N HIS A 351 -5.15 64.15 16.33
CA HIS A 351 -5.06 64.87 15.06
C HIS A 351 -4.05 65.99 15.16
N LEU A 352 -3.24 66.13 14.12
CA LEU A 352 -2.21 67.17 14.03
C LEU A 352 -2.68 68.28 13.11
N GLN A 353 -2.62 69.52 13.58
CA GLN A 353 -2.89 70.67 12.74
C GLN A 353 -1.66 71.02 11.91
N GLU A 354 -1.89 71.30 10.64
CA GLU A 354 -0.80 71.63 9.72
C GLU A 354 -0.56 73.14 9.68
N PHE A 383 -14.71 62.38 15.60
CA PHE A 383 -14.07 63.62 15.99
C PHE A 383 -12.84 63.36 16.88
N ARG A 384 -11.71 63.08 16.24
CA ARG A 384 -10.49 62.82 16.99
C ARG A 384 -10.00 64.10 17.68
N PRO A 385 -9.41 63.98 18.87
CA PRO A 385 -8.89 65.17 19.55
C PRO A 385 -7.68 65.77 18.85
N LEU A 386 -7.13 66.83 19.42
CA LEU A 386 -5.99 67.52 18.82
C LEU A 386 -4.69 67.04 19.44
N CYS A 387 -3.72 66.72 18.59
CA CYS A 387 -2.40 66.29 19.06
C CYS A 387 -1.59 67.50 19.53
N THR A 388 -0.65 67.23 20.42
CA THR A 388 0.41 68.18 20.74
C THR A 388 1.75 67.52 20.42
N GLY A 389 2.83 68.19 20.79
CA GLY A 389 4.15 67.64 20.60
C GLY A 389 4.78 67.16 21.88
N ASP A 390 3.97 66.95 22.91
CA ASP A 390 4.45 66.65 24.25
C ASP A 390 3.88 65.33 24.77
N GLU A 391 3.73 64.35 23.90
CA GLU A 391 3.38 63.00 24.32
C GLU A 391 4.63 62.15 24.45
N ASN A 392 4.50 61.07 25.21
CA ASN A 392 5.60 60.15 25.48
C ASN A 392 5.30 58.82 24.82
N ILE A 393 6.23 58.34 23.99
CA ILE A 393 6.01 57.11 23.23
C ILE A 393 6.22 55.86 24.07
N SER A 394 6.59 55.99 25.34
CA SER A 394 6.70 54.84 26.23
C SER A 394 5.38 54.52 26.91
N SER A 395 4.33 55.31 26.68
CA SER A 395 3.02 55.05 27.28
C SER A 395 2.25 54.00 26.48
N VAL A 396 2.18 54.17 25.17
CA VAL A 396 1.42 53.26 24.31
C VAL A 396 2.31 52.10 23.91
N GLU A 397 1.81 50.88 24.12
CA GLU A 397 2.55 49.66 23.78
C GLU A 397 2.20 49.23 22.37
N THR A 398 3.16 49.36 21.46
CA THR A 398 3.04 48.98 20.07
C THR A 398 4.29 48.20 19.67
N PRO A 399 4.25 47.48 18.56
CA PRO A 399 5.45 46.76 18.11
C PRO A 399 6.62 47.66 17.73
N TYR A 400 6.49 48.97 17.90
CA TYR A 400 7.56 49.90 17.54
C TYR A 400 8.76 49.75 18.46
N ILE A 401 8.53 49.75 19.78
CA ILE A 401 9.60 49.60 20.76
C ILE A 401 9.37 48.42 21.69
N ASP A 402 8.29 47.67 21.53
CA ASP A 402 8.00 46.50 22.35
C ASP A 402 8.46 45.27 21.57
N TYR A 403 9.74 44.94 21.73
CA TYR A 403 10.34 43.81 21.05
C TYR A 403 11.44 43.22 21.92
N THR A 404 11.84 41.99 21.59
CA THR A 404 12.90 41.31 22.32
C THR A 404 14.17 41.12 21.51
N HIS A 405 14.05 40.83 20.21
CA HIS A 405 15.20 40.56 19.37
C HIS A 405 15.09 41.31 18.05
N LEU A 406 16.24 41.62 17.46
CA LEU A 406 16.31 42.28 16.15
C LEU A 406 16.79 41.25 15.13
N ARG A 407 15.93 40.87 14.20
CA ARG A 407 16.28 39.88 13.17
C ARG A 407 16.22 40.43 11.75
N ILE A 408 15.10 41.03 11.37
CA ILE A 408 15.02 41.66 10.06
C ILE A 408 15.65 43.05 10.06
N SER A 409 15.59 43.74 11.20
CA SER A 409 16.26 45.04 11.31
C SER A 409 17.77 44.89 11.14
N TYR A 410 18.34 43.83 11.71
CA TYR A 410 19.76 43.56 11.50
C TYR A 410 20.05 43.23 10.05
N ASN A 411 19.13 42.53 9.36
CA ASN A 411 19.33 42.32 7.93
C ASN A 411 19.34 43.64 7.15
N VAL A 412 18.46 44.58 7.48
CA VAL A 412 18.45 45.89 6.83
C VAL A 412 19.77 46.63 7.09
N TYR A 413 20.24 46.59 8.34
CA TYR A 413 21.50 47.20 8.72
C TYR A 413 22.66 46.63 7.89
N LEU A 414 22.71 45.30 7.78
CA LEU A 414 23.76 44.66 7.00
C LEU A 414 23.65 44.99 5.53
N ALA A 415 22.43 45.10 5.01
CA ALA A 415 22.23 45.45 3.61
C ALA A 415 22.79 46.83 3.30
N VAL A 416 22.58 47.79 4.20
CA VAL A 416 23.17 49.11 4.00
C VAL A 416 24.70 49.06 4.10
N TYR A 417 25.22 48.32 5.08
CA TYR A 417 26.67 48.30 5.28
C TYR A 417 27.39 47.56 4.15
N SER A 418 26.72 46.62 3.48
CA SER A 418 27.34 45.96 2.32
C SER A 418 27.61 46.95 1.20
N ILE A 419 26.62 47.78 0.88
CA ILE A 419 26.80 48.81 -0.14
C ILE A 419 27.87 49.79 0.29
N ALA A 420 27.88 50.16 1.58
CA ALA A 420 28.91 51.07 2.06
C ALA A 420 30.31 50.51 1.88
N HIS A 421 30.50 49.22 2.19
CA HIS A 421 31.82 48.62 2.05
C HIS A 421 32.20 48.41 0.59
N ALA A 422 31.23 48.14 -0.28
CA ALA A 422 31.54 48.09 -1.71
C ALA A 422 32.03 49.44 -2.21
N LEU A 423 31.37 50.52 -1.78
CA LEU A 423 31.83 51.85 -2.17
C LEU A 423 33.22 52.16 -1.62
N GLN A 424 33.49 51.76 -0.38
CA GLN A 424 34.83 51.97 0.18
C GLN A 424 35.89 51.19 -0.60
N ASP A 425 35.56 49.95 -1.00
CA ASP A 425 36.48 49.17 -1.80
C ASP A 425 36.74 49.82 -3.15
N ILE A 426 35.72 50.43 -3.74
CA ILE A 426 35.94 51.23 -4.95
C ILE A 426 36.88 52.40 -4.63
N TYR A 427 36.69 53.02 -3.46
CA TYR A 427 37.45 54.21 -3.10
C TYR A 427 38.94 53.92 -2.97
N THR A 428 39.29 52.80 -2.32
CA THR A 428 40.69 52.52 -2.01
C THR A 428 41.35 51.60 -3.03
N CYS A 429 40.97 51.71 -4.31
CA CYS A 429 41.54 50.87 -5.35
C CYS A 429 42.89 51.41 -5.79
N LEU A 430 43.85 50.50 -6.00
CA LEU A 430 45.20 50.83 -6.46
C LEU A 430 45.33 50.57 -7.96
N PRO A 431 45.95 51.47 -8.71
CA PRO A 431 46.11 51.24 -10.15
C PRO A 431 46.88 49.97 -10.44
N GLY A 432 46.43 49.24 -11.45
CA GLY A 432 46.98 47.94 -11.78
C GLY A 432 46.43 46.80 -10.95
N ARG A 433 45.60 47.08 -9.95
CA ARG A 433 45.03 46.05 -9.09
C ARG A 433 43.52 46.17 -8.97
N GLY A 434 42.86 46.68 -10.01
CA GLY A 434 41.41 46.76 -10.05
C GLY A 434 40.79 45.48 -10.57
N LEU A 435 39.47 45.52 -10.72
CA LEU A 435 38.71 44.39 -11.22
C LEU A 435 38.31 44.54 -12.69
N PHE A 436 38.66 45.66 -13.31
CA PHE A 436 38.18 45.98 -14.64
C PHE A 436 39.18 45.49 -15.69
N THR A 437 39.02 45.95 -16.95
CA THR A 437 39.66 45.30 -18.09
C THR A 437 41.18 45.20 -17.96
N ASN A 438 41.87 46.35 -17.94
CA ASN A 438 43.32 46.36 -17.85
C ASN A 438 43.82 46.46 -16.42
N GLY A 439 43.02 46.01 -15.45
CA GLY A 439 43.36 46.18 -14.06
C GLY A 439 43.12 47.56 -13.51
N SER A 440 42.43 48.42 -14.26
CA SER A 440 42.21 49.79 -13.84
C SER A 440 41.17 49.85 -12.72
N CYS A 441 40.97 51.05 -12.20
CA CYS A 441 40.04 51.29 -11.10
C CYS A 441 38.93 52.21 -11.55
N ALA A 442 37.75 52.04 -10.96
CA ALA A 442 36.65 52.96 -11.19
C ALA A 442 36.92 54.27 -10.47
N ASP A 443 36.19 55.31 -10.88
CA ASP A 443 36.35 56.64 -10.31
C ASP A 443 35.20 56.91 -9.34
N ILE A 444 35.56 57.26 -8.10
CA ILE A 444 34.54 57.54 -7.08
C ILE A 444 33.73 58.78 -7.44
N LYS A 445 34.32 59.72 -8.18
CA LYS A 445 33.60 60.93 -8.54
C LYS A 445 32.56 60.66 -9.63
N LYS A 446 32.76 59.64 -10.44
CA LYS A 446 31.87 59.28 -11.55
C LYS A 446 31.55 57.80 -11.50
N VAL A 447 31.17 57.30 -10.32
CA VAL A 447 30.89 55.88 -10.18
C VAL A 447 29.56 55.53 -10.85
N GLU A 448 29.42 54.27 -11.22
CA GLU A 448 28.23 53.78 -11.90
C GLU A 448 27.71 52.52 -11.23
N ALA A 449 26.41 52.27 -11.43
CA ALA A 449 25.73 51.18 -10.74
C ALA A 449 26.28 49.82 -11.13
N TRP A 450 26.66 49.65 -12.39
CA TRP A 450 27.24 48.37 -12.80
C TRP A 450 28.60 48.13 -12.16
N GLN A 451 29.40 49.19 -11.97
CA GLN A 451 30.66 49.04 -11.24
C GLN A 451 30.40 48.70 -9.77
N VAL A 452 29.40 49.32 -9.16
CA VAL A 452 29.03 48.99 -7.79
C VAL A 452 28.60 47.53 -7.71
N LEU A 453 27.87 47.05 -8.72
CA LEU A 453 27.44 45.64 -8.73
C LEU A 453 28.63 44.70 -8.88
N LYS A 454 29.60 45.09 -9.72
CA LYS A 454 30.81 44.27 -9.87
C LYS A 454 31.55 44.16 -8.55
N HIS A 455 31.70 45.26 -7.82
CA HIS A 455 32.36 45.19 -6.51
C HIS A 455 31.51 44.47 -5.49
N LEU A 456 30.18 44.51 -5.63
CA LEU A 456 29.32 43.75 -4.74
C LEU A 456 29.49 42.25 -4.93
N ARG A 457 29.71 41.81 -6.17
CA ARG A 457 29.89 40.38 -6.42
C ARG A 457 31.19 39.83 -5.85
N HIS A 458 32.14 40.70 -5.48
CA HIS A 458 33.42 40.27 -4.93
C HIS A 458 33.64 40.85 -3.54
N LEU A 459 32.63 40.81 -2.68
CA LEU A 459 32.67 41.46 -1.38
C LEU A 459 33.02 40.46 -0.28
N ASN A 460 33.83 40.91 0.67
CA ASN A 460 34.18 40.09 1.83
C ASN A 460 34.67 41.04 2.93
N PHE A 461 33.88 41.16 4.01
CA PHE A 461 34.20 42.09 5.09
C PHE A 461 33.68 41.52 6.40
N THR A 462 34.16 42.12 7.50
CA THR A 462 33.77 41.71 8.85
C THR A 462 32.85 42.77 9.46
N ASN A 463 31.83 42.31 10.17
CA ASN A 463 30.82 43.18 10.74
C ASN A 463 31.09 43.42 12.23
N ASN A 464 30.14 44.07 12.90
CA ASN A 464 30.33 44.48 14.29
C ASN A 464 30.30 43.31 15.27
N MET A 465 29.91 42.12 14.84
CA MET A 465 29.95 40.93 15.69
C MET A 465 31.18 40.06 15.42
N GLY A 466 32.13 40.55 14.64
CA GLY A 466 33.29 39.76 14.29
C GLY A 466 33.00 38.58 13.41
N GLU A 467 32.10 38.73 12.45
CA GLU A 467 31.73 37.67 11.52
C GLU A 467 31.97 38.15 10.10
N GLN A 468 32.24 37.21 9.20
CA GLN A 468 32.54 37.52 7.81
C GLN A 468 31.28 37.44 6.96
N VAL A 469 31.06 38.46 6.15
CA VAL A 469 29.91 38.53 5.25
C VAL A 469 30.41 38.44 3.81
N THR A 470 29.85 37.51 3.05
CA THR A 470 30.21 37.34 1.65
C THR A 470 29.06 36.66 0.93
N PHE A 471 28.83 37.05 -0.33
CA PHE A 471 27.77 36.50 -1.13
C PHE A 471 28.32 35.46 -2.10
N ASP A 472 27.58 34.37 -2.27
CA ASP A 472 28.02 33.27 -3.12
C ASP A 472 27.66 33.56 -4.58
N GLU A 473 27.76 32.53 -5.43
CA GLU A 473 27.58 32.71 -6.86
C GLU A 473 26.20 33.23 -7.21
N CYS A 474 25.17 32.88 -6.43
CA CYS A 474 23.81 33.33 -6.69
C CYS A 474 23.40 34.51 -5.83
N GLY A 475 24.34 35.15 -5.15
CA GLY A 475 24.03 36.27 -4.28
C GLY A 475 23.20 35.88 -3.07
N ASP A 476 23.54 34.78 -2.42
CA ASP A 476 22.80 34.27 -1.29
C ASP A 476 23.70 34.17 -0.07
N LEU A 477 23.08 34.15 1.11
CA LEU A 477 23.76 33.91 2.37
C LEU A 477 23.29 32.58 2.96
N VAL A 478 24.05 32.09 3.93
CA VAL A 478 23.68 30.90 4.70
C VAL A 478 23.64 31.30 6.17
N GLY A 479 22.74 30.66 6.91
CA GLY A 479 22.59 30.99 8.31
C GLY A 479 21.84 29.92 9.07
N ASN A 480 22.02 29.96 10.39
CA ASN A 480 21.35 29.03 11.30
C ASN A 480 19.88 29.41 11.46
N TYR A 481 19.10 28.46 11.97
CA TYR A 481 17.71 28.67 12.33
C TYR A 481 17.52 28.38 13.81
N SER A 482 16.52 29.03 14.40
CA SER A 482 16.10 28.78 15.77
C SER A 482 14.67 28.27 15.77
N ILE A 483 14.35 27.41 16.73
CA ILE A 483 13.04 26.78 16.84
C ILE A 483 12.35 27.31 18.09
N ILE A 484 11.12 27.81 17.93
CA ILE A 484 10.40 28.47 19.00
C ILE A 484 9.09 27.73 19.24
N ASN A 485 8.52 27.95 20.43
CA ASN A 485 7.26 27.36 20.85
C ASN A 485 6.40 28.44 21.48
N TRP A 486 5.12 28.48 21.12
CA TRP A 486 4.20 29.50 21.60
C TRP A 486 3.69 29.12 22.98
N HIS A 487 3.93 29.98 23.96
CA HIS A 487 3.46 29.81 25.33
C HIS A 487 2.54 30.96 25.71
N LEU A 488 1.97 30.88 26.90
CA LEU A 488 1.08 31.91 27.43
C LEU A 488 1.72 32.51 28.67
N SER A 489 1.77 33.84 28.73
CA SER A 489 2.35 34.52 29.87
C SER A 489 1.40 34.44 31.06
N PRO A 490 1.87 34.00 32.24
CA PRO A 490 0.98 33.94 33.40
C PRO A 490 0.64 35.30 33.98
N GLU A 491 1.42 36.34 33.70
CA GLU A 491 1.21 37.65 34.30
C GLU A 491 0.45 38.60 33.36
N ASP A 492 0.86 38.68 32.09
CA ASP A 492 0.26 39.64 31.16
C ASP A 492 -0.82 39.05 30.27
N GLY A 493 -0.91 37.73 30.18
CA GLY A 493 -1.88 37.09 29.32
C GLY A 493 -1.49 37.05 27.86
N SER A 494 -0.34 37.60 27.49
CA SER A 494 0.09 37.66 26.10
C SER A 494 0.75 36.34 25.71
N ILE A 495 1.30 36.30 24.50
CA ILE A 495 1.94 35.12 23.96
C ILE A 495 3.45 35.29 24.03
N VAL A 496 4.13 34.29 24.57
CA VAL A 496 5.58 34.30 24.76
C VAL A 496 6.19 33.29 23.81
N PHE A 497 7.27 33.68 23.14
CA PHE A 497 8.00 32.81 22.22
C PHE A 497 9.22 32.25 22.94
N LYS A 498 9.20 30.95 23.21
CA LYS A 498 10.25 30.29 23.96
C LYS A 498 11.08 29.40 23.04
N GLU A 499 12.39 29.54 23.12
CA GLU A 499 13.29 28.77 22.26
C GLU A 499 13.42 27.34 22.78
N VAL A 500 13.30 26.37 21.88
CA VAL A 500 13.33 24.96 22.26
C VAL A 500 14.30 24.15 21.41
N GLY A 501 15.04 24.76 20.50
CA GLY A 501 15.98 24.02 19.68
C GLY A 501 16.62 24.91 18.63
N TYR A 502 17.33 24.27 17.71
CA TYR A 502 17.98 24.99 16.62
C TYR A 502 18.14 24.04 15.44
N TYR A 503 18.60 24.59 14.33
CA TYR A 503 18.88 23.83 13.11
C TYR A 503 20.23 24.31 12.58
N ASN A 504 21.22 23.43 12.59
CA ASN A 504 22.58 23.78 12.15
C ASN A 504 22.74 23.41 10.69
N VAL A 505 22.90 24.41 9.83
CA VAL A 505 23.00 24.16 8.39
C VAL A 505 24.42 23.83 7.94
N TYR A 506 25.42 24.00 8.81
CA TYR A 506 26.79 23.66 8.48
C TYR A 506 27.15 22.22 8.83
N ALA A 507 26.22 21.45 9.39
CA ALA A 507 26.48 20.07 9.75
C ALA A 507 26.12 19.14 8.60
N LYS A 508 26.23 17.85 8.85
CA LYS A 508 25.95 16.84 7.83
C LYS A 508 24.48 16.44 7.87
N LYS A 509 24.03 15.80 6.79
CA LYS A 509 22.66 15.35 6.70
C LYS A 509 22.34 14.38 7.83
N GLY A 510 21.20 14.58 8.48
CA GLY A 510 20.78 13.75 9.58
C GLY A 510 21.33 14.12 10.93
N GLU A 511 22.16 15.18 11.01
CA GLU A 511 22.73 15.65 12.26
C GLU A 511 22.57 17.16 12.40
N ARG A 512 21.55 17.71 11.75
CA ARG A 512 21.34 19.16 11.73
C ARG A 512 20.29 19.63 12.72
N LEU A 513 19.41 18.74 13.20
CA LEU A 513 18.29 19.13 14.04
C LEU A 513 18.59 18.79 15.50
N PHE A 514 18.32 19.73 16.39
CA PHE A 514 18.39 19.51 17.83
C PHE A 514 17.12 20.06 18.47
N ILE A 515 16.43 19.23 19.25
CA ILE A 515 15.18 19.59 19.89
C ILE A 515 15.28 19.27 21.37
N ASN A 516 14.92 20.23 22.22
CA ASN A 516 14.85 20.04 23.66
C ASN A 516 13.38 19.78 23.99
N GLU A 517 13.02 18.50 24.09
CA GLU A 517 11.61 18.11 24.10
C GLU A 517 10.91 18.43 25.41
N GLU A 518 11.64 18.59 26.51
CA GLU A 518 10.98 18.85 27.78
C GLU A 518 10.52 20.30 27.93
N LYS A 519 10.86 21.18 26.99
CA LYS A 519 10.43 22.57 27.04
C LYS A 519 9.20 22.82 26.17
N ILE A 520 8.60 21.78 25.60
CA ILE A 520 7.50 21.92 24.65
C ILE A 520 6.18 21.65 25.35
N LEU A 521 5.26 22.60 25.22
CA LEU A 521 3.85 22.39 25.56
C LEU A 521 3.09 22.23 24.25
N TRP A 522 2.29 21.18 24.15
CA TRP A 522 1.83 20.74 22.84
C TRP A 522 0.58 21.48 22.38
N SER A 523 -0.35 21.76 23.29
CA SER A 523 -1.44 22.68 23.03
C SER A 523 -1.40 23.86 24.00
N GLY A 524 -0.23 24.16 24.54
CA GLY A 524 -0.07 25.18 25.56
C GLY A 524 -0.24 24.68 26.98
N PHE A 525 -0.71 23.44 27.16
CA PHE A 525 -0.95 22.91 28.50
C PHE A 525 -0.61 21.44 28.67
N SER A 526 -0.04 20.77 27.67
CA SER A 526 0.12 19.33 27.70
C SER A 526 1.58 18.93 27.54
N ARG A 527 1.94 17.80 28.15
CA ARG A 527 3.30 17.27 28.12
C ARG A 527 3.38 15.92 27.42
N GLU A 528 2.35 15.55 26.66
CA GLU A 528 2.33 14.28 25.95
C GLU A 528 2.35 14.52 24.45
N VAL A 529 3.18 13.75 23.75
CA VAL A 529 3.30 13.88 22.29
C VAL A 529 2.01 13.39 21.63
N PRO A 530 1.40 14.18 20.75
CA PRO A 530 0.15 13.75 20.12
C PRO A 530 0.35 12.63 19.13
N PHE A 531 -0.75 11.95 18.80
CA PHE A 531 -0.77 10.83 17.86
C PHE A 531 -1.30 11.32 16.53
N SER A 532 -0.52 11.16 15.47
CA SER A 532 -0.89 11.63 14.15
C SER A 532 -0.57 10.58 13.09
N ASN A 533 -0.96 9.34 13.34
CA ASN A 533 -0.83 8.26 12.36
C ASN A 533 -2.21 7.88 11.85
N CYS A 534 -2.26 7.44 10.59
CA CYS A 534 -3.56 7.12 9.96
C CYS A 534 -4.23 5.94 10.65
N SER A 535 -3.47 4.91 11.00
CA SER A 535 -4.05 3.70 11.58
C SER A 535 -3.17 3.21 12.71
N ARG A 536 -3.79 2.47 13.64
CA ARG A 536 -3.06 1.91 14.76
C ARG A 536 -2.15 0.78 14.30
N ASP A 537 -1.10 0.56 15.07
CA ASP A 537 -0.07 -0.41 14.70
C ASP A 537 -0.51 -1.83 15.03
N CYS A 538 -0.13 -2.77 14.17
CA CYS A 538 -0.50 -4.17 14.35
C CYS A 538 0.25 -4.78 15.52
N LEU A 539 -0.29 -5.86 16.05
CA LEU A 539 0.28 -6.53 17.21
C LEU A 539 1.23 -7.64 16.76
N ALA A 540 1.64 -8.49 17.70
CA ALA A 540 2.69 -9.47 17.42
C ALA A 540 2.22 -10.55 16.45
N GLY A 541 1.01 -11.07 16.65
CA GLY A 541 0.53 -12.19 15.84
C GLY A 541 -0.21 -11.82 14.57
N THR A 542 -0.23 -10.55 14.20
CA THR A 542 -1.03 -10.07 13.08
C THR A 542 -0.15 -9.36 12.06
N ARG A 543 -0.62 -9.31 10.82
CA ARG A 543 0.08 -8.68 9.70
C ARG A 543 -0.82 -7.61 9.08
N LYS A 544 -0.28 -6.93 8.07
CA LYS A 544 -0.99 -5.84 7.41
C LYS A 544 -1.97 -6.34 6.36
N GLY A 545 -2.82 -5.45 5.90
CA GLY A 545 -3.75 -5.74 4.82
C GLY A 545 -4.11 -4.48 4.09
N ILE A 546 -4.32 -4.61 2.78
CA ILE A 546 -4.55 -3.46 1.91
C ILE A 546 -5.98 -2.96 2.09
N ILE A 547 -6.14 -1.65 2.11
CA ILE A 547 -7.44 -0.99 2.01
C ILE A 547 -7.45 -0.26 0.67
N GLU A 548 -8.30 -0.73 -0.25
CA GLU A 548 -8.31 -0.17 -1.60
C GLU A 548 -8.81 1.27 -1.59
N GLY A 549 -8.17 2.11 -2.39
CA GLY A 549 -8.51 3.51 -2.47
C GLY A 549 -7.82 4.40 -1.46
N GLU A 550 -6.94 3.86 -0.62
CA GLU A 550 -6.25 4.62 0.42
C GLU A 550 -4.75 4.45 0.29
N PRO A 551 -3.97 5.42 0.76
CA PRO A 551 -2.51 5.31 0.66
C PRO A 551 -1.96 4.22 1.58
N THR A 552 -0.65 3.99 1.45
CA THR A 552 0.02 2.91 2.17
C THR A 552 0.04 3.12 3.67
N CYS A 553 -0.12 4.35 4.14
CA CYS A 553 -0.08 4.63 5.57
C CYS A 553 -1.31 4.14 6.30
N CYS A 554 -2.37 3.73 5.59
CA CYS A 554 -3.61 3.27 6.18
C CYS A 554 -3.83 1.81 5.79
N PHE A 555 -4.01 0.95 6.79
CA PHE A 555 -4.08 -0.48 6.57
C PHE A 555 -4.99 -1.11 7.61
N GLU A 556 -5.12 -2.44 7.55
CA GLU A 556 -5.86 -3.21 8.53
C GLU A 556 -5.02 -4.42 8.95
N CYS A 557 -5.22 -4.86 10.18
CA CYS A 557 -4.44 -5.95 10.76
C CYS A 557 -5.19 -7.26 10.59
N VAL A 558 -4.51 -8.28 10.06
CA VAL A 558 -5.08 -9.60 9.82
C VAL A 558 -4.22 -10.63 10.54
N GLU A 559 -4.88 -11.58 11.20
CA GLU A 559 -4.17 -12.61 11.96
C GLU A 559 -3.48 -13.60 11.04
N CYS A 560 -2.32 -14.09 11.49
CA CYS A 560 -1.61 -15.13 10.75
C CYS A 560 -2.39 -16.45 10.82
N PRO A 561 -2.35 -17.25 9.75
CA PRO A 561 -3.02 -18.55 9.76
C PRO A 561 -2.28 -19.58 10.59
N ASP A 562 -2.75 -20.83 10.56
CA ASP A 562 -2.12 -21.91 11.30
C ASP A 562 -0.92 -22.43 10.54
N GLY A 563 0.17 -22.68 11.27
CA GLY A 563 1.43 -23.08 10.69
C GLY A 563 2.35 -21.94 10.33
N GLU A 564 1.89 -20.70 10.45
CA GLU A 564 2.67 -19.50 10.19
C GLU A 564 2.74 -18.66 11.45
N TYR A 565 3.69 -17.73 11.48
CA TYR A 565 3.83 -16.86 12.63
C TYR A 565 4.44 -15.54 12.19
N SER A 566 4.24 -14.51 13.01
CA SER A 566 4.94 -13.26 12.89
C SER A 566 5.36 -12.80 14.29
N ASP A 567 6.46 -12.07 14.36
CA ASP A 567 7.03 -11.70 15.65
C ASP A 567 7.35 -10.21 15.78
N GLU A 568 7.60 -9.54 14.65
CA GLU A 568 7.91 -8.11 14.73
C GLU A 568 6.62 -7.31 14.98
N THR A 569 6.82 -6.03 15.29
CA THR A 569 5.68 -5.20 15.66
C THR A 569 4.78 -4.87 14.46
N ASP A 570 5.35 -4.48 13.32
CA ASP A 570 4.53 -4.07 12.17
C ASP A 570 4.90 -4.91 10.94
N ALA A 571 4.40 -6.15 10.90
CA ALA A 571 4.73 -7.07 9.83
C ALA A 571 3.87 -6.82 8.60
N SER A 572 4.36 -7.26 7.44
CA SER A 572 3.61 -7.21 6.21
C SER A 572 3.43 -8.59 5.59
N ALA A 573 3.95 -9.64 6.22
CA ALA A 573 3.83 -11.00 5.73
C ALA A 573 4.18 -11.96 6.85
N CYS A 574 3.28 -12.90 7.13
CA CYS A 574 3.58 -13.93 8.11
C CYS A 574 4.63 -14.87 7.57
N ASN A 575 5.41 -15.45 8.48
CA ASN A 575 6.54 -16.30 8.12
C ASN A 575 6.20 -17.77 8.41
N LYS A 576 6.53 -18.63 7.46
CA LYS A 576 6.38 -20.07 7.63
C LYS A 576 7.72 -20.61 8.14
N CYS A 577 7.78 -20.89 9.44
CA CYS A 577 9.02 -21.43 9.99
C CYS A 577 9.20 -22.88 9.55
N PRO A 578 10.45 -23.36 9.49
CA PRO A 578 10.74 -24.61 8.76
C PRO A 578 10.03 -25.83 9.32
N ASP A 579 10.18 -26.93 8.60
CA ASP A 579 9.51 -28.18 8.95
C ASP A 579 9.96 -28.69 10.32
N ASP A 580 9.28 -29.73 10.79
CA ASP A 580 9.46 -30.27 12.14
C ASP A 580 9.13 -29.24 13.23
N PHE A 581 8.46 -28.15 12.85
CA PHE A 581 8.03 -27.10 13.77
C PHE A 581 6.59 -26.74 13.39
N TRP A 582 5.81 -26.32 14.39
CA TRP A 582 4.44 -25.84 14.16
C TRP A 582 4.25 -24.61 15.04
N SER A 583 3.28 -23.77 14.66
CA SER A 583 3.06 -22.48 15.34
C SER A 583 2.58 -22.69 16.78
N ASN A 584 2.63 -21.60 17.55
CA ASN A 584 2.08 -21.51 18.89
C ASN A 584 0.59 -21.19 18.79
N GLU A 585 -0.10 -21.14 19.93
CA GLU A 585 -1.50 -20.72 19.94
C GLU A 585 -1.67 -19.25 19.59
N ASN A 586 -0.71 -18.41 19.98
CA ASN A 586 -0.77 -16.98 19.71
C ASN A 586 -0.12 -16.57 18.40
N HIS A 587 0.48 -17.52 17.68
CA HIS A 587 1.12 -17.27 16.39
C HIS A 587 2.30 -16.30 16.51
N THR A 588 2.83 -16.15 17.73
CA THR A 588 3.93 -15.17 17.98
C THR A 588 5.30 -15.82 17.86
N SER A 589 5.47 -17.04 18.37
CA SER A 589 6.76 -17.77 18.17
C SER A 589 6.45 -19.23 17.88
N CYS A 590 7.33 -19.94 17.18
CA CYS A 590 6.99 -21.34 16.81
C CYS A 590 7.76 -22.38 17.62
N ILE A 591 7.08 -23.43 18.11
CA ILE A 591 7.69 -24.44 19.03
C ILE A 591 7.93 -25.79 18.33
N ALA A 592 8.83 -26.62 18.87
CA ALA A 592 9.17 -27.93 18.28
C ALA A 592 8.06 -28.96 18.54
N LYS A 593 7.74 -29.78 17.55
CA LYS A 593 6.67 -30.73 17.81
C LYS A 593 7.22 -32.05 18.34
N GLU A 594 6.31 -32.89 18.84
CA GLU A 594 6.69 -34.05 19.64
C GLU A 594 6.93 -35.27 18.76
N ILE A 595 7.84 -36.13 19.23
CA ILE A 595 8.12 -37.42 18.63
C ILE A 595 7.50 -38.50 19.52
N GLU A 596 6.63 -39.31 18.89
CA GLU A 596 5.87 -40.33 19.66
C GLU A 596 6.32 -41.74 19.29
N PHE A 597 6.76 -42.51 20.28
CA PHE A 597 7.15 -43.90 20.09
C PHE A 597 7.22 -44.55 21.47
N LEU A 598 7.18 -45.88 21.49
CA LEU A 598 7.24 -46.64 22.75
C LEU A 598 8.63 -46.51 23.33
N SER A 599 8.75 -45.86 24.48
CA SER A 599 10.03 -45.50 25.07
C SER A 599 10.40 -46.45 26.21
N TRP A 600 11.71 -46.70 26.34
CA TRP A 600 12.19 -47.55 27.43
C TRP A 600 11.92 -46.93 28.79
N THR A 601 12.18 -45.62 28.91
CA THR A 601 12.03 -44.93 30.20
C THR A 601 10.57 -44.82 30.62
N GLU A 602 9.65 -44.75 29.66
CA GLU A 602 8.24 -44.73 29.98
C GLU A 602 7.87 -45.99 30.77
N PRO A 603 7.08 -45.86 31.85
CA PRO A 603 6.85 -47.01 32.72
C PRO A 603 6.22 -48.21 32.04
N PHE A 604 5.47 -48.00 30.96
CA PHE A 604 4.89 -49.12 30.22
C PHE A 604 5.99 -50.02 29.66
N GLY A 605 7.03 -49.41 29.08
CA GLY A 605 8.14 -50.20 28.58
C GLY A 605 8.89 -50.93 29.68
N ILE A 606 9.04 -50.28 30.84
CA ILE A 606 9.70 -50.93 31.96
C ILE A 606 8.90 -52.15 32.41
N ALA A 607 7.58 -52.02 32.48
CA ALA A 607 6.73 -53.14 32.87
C ALA A 607 6.84 -54.29 31.87
N LEU A 608 6.81 -53.98 30.57
CA LEU A 608 6.93 -55.03 29.57
C LEU A 608 8.30 -55.71 29.64
N THR A 609 9.35 -54.93 29.87
CA THR A 609 10.68 -55.51 30.04
C THR A 609 10.74 -56.42 31.26
N LEU A 610 10.11 -56.02 32.36
CA LEU A 610 10.07 -56.86 33.55
C LEU A 610 9.34 -58.18 33.27
N PHE A 611 8.23 -58.11 32.53
CA PHE A 611 7.52 -59.34 32.17
C PHE A 611 8.40 -60.27 31.34
N ALA A 612 9.09 -59.71 30.34
CA ALA A 612 9.96 -60.53 29.50
C ALA A 612 11.08 -61.16 30.31
N VAL A 613 11.69 -60.39 31.22
CA VAL A 613 12.77 -60.91 32.05
C VAL A 613 12.25 -62.02 32.97
N LEU A 614 11.05 -61.85 33.53
CA LEU A 614 10.48 -62.89 34.38
C LEU A 614 10.26 -64.17 33.60
N GLY A 615 9.74 -64.06 32.37
CA GLY A 615 9.58 -65.24 31.55
C GLY A 615 10.90 -65.94 31.24
N ILE A 616 11.93 -65.14 30.95
CA ILE A 616 13.26 -65.69 30.67
C ILE A 616 13.77 -66.47 31.88
N PHE A 617 13.65 -65.88 33.07
CA PHE A 617 14.13 -66.57 34.28
C PHE A 617 13.36 -67.87 34.50
N LEU A 618 12.04 -67.82 34.36
CA LEU A 618 11.25 -69.02 34.59
C LEU A 618 11.68 -70.15 33.65
N THR A 619 11.95 -69.81 32.40
CA THR A 619 12.48 -70.82 31.51
C THR A 619 13.83 -71.34 32.04
N ALA A 620 14.63 -70.45 32.65
CA ALA A 620 15.93 -70.90 33.15
C ALA A 620 15.79 -71.93 34.26
N PHE A 621 14.83 -71.75 35.18
CA PHE A 621 14.57 -72.77 36.24
C PHE A 621 14.07 -74.09 35.66
N VAL A 622 13.17 -74.06 34.67
CA VAL A 622 12.72 -75.34 34.10
C VAL A 622 13.85 -76.04 33.34
N LEU A 623 14.75 -75.26 32.72
CA LEU A 623 15.89 -75.89 32.06
C LEU A 623 16.89 -76.41 33.09
N GLY A 624 17.15 -75.64 34.15
CA GLY A 624 18.08 -76.09 35.18
C GLY A 624 17.58 -77.31 35.93
N VAL A 625 16.28 -77.37 36.22
CA VAL A 625 15.71 -78.55 36.87
C VAL A 625 15.85 -79.76 35.96
N PHE A 626 15.50 -79.60 34.67
CA PHE A 626 15.66 -80.72 33.74
C PHE A 626 17.12 -81.10 33.56
N ILE A 627 18.03 -80.14 33.71
CA ILE A 627 19.46 -80.44 33.63
C ILE A 627 19.90 -81.25 34.84
N LYS A 628 19.39 -80.90 36.02
CA LYS A 628 19.73 -81.65 37.23
C LYS A 628 19.23 -83.08 37.15
N PHE A 629 18.02 -83.30 36.64
CA PHE A 629 17.41 -84.63 36.62
C PHE A 629 17.47 -85.28 35.24
N ARG A 630 18.60 -85.12 34.54
CA ARG A 630 18.71 -85.52 33.13
C ARG A 630 18.34 -86.98 32.90
N ASN A 631 18.93 -87.90 33.66
CA ASN A 631 18.74 -89.33 33.43
C ASN A 631 17.60 -89.93 34.25
N THR A 632 16.85 -89.10 34.99
CA THR A 632 15.77 -89.61 35.83
C THR A 632 14.57 -90.04 34.98
N PRO A 633 13.70 -90.90 35.52
CA PRO A 633 12.66 -91.51 34.69
C PRO A 633 11.72 -90.53 33.99
N ILE A 634 11.28 -89.47 34.66
CA ILE A 634 10.31 -88.55 34.04
C ILE A 634 10.96 -87.80 32.88
N VAL A 635 12.18 -87.30 33.09
CA VAL A 635 12.88 -86.62 32.00
C VAL A 635 13.25 -87.61 30.90
N LYS A 636 13.51 -88.86 31.25
CA LYS A 636 13.80 -89.88 30.26
C LYS A 636 12.56 -90.34 29.51
N ALA A 637 11.36 -90.01 30.01
CA ALA A 637 10.12 -90.45 29.39
C ALA A 637 9.98 -89.94 27.96
N THR A 638 10.17 -88.63 27.75
CA THR A 638 10.14 -88.00 26.43
C THR A 638 11.58 -87.91 25.94
N ASN A 639 11.85 -87.17 24.87
CA ASN A 639 13.23 -87.05 24.46
C ASN A 639 13.79 -85.77 25.06
N ARG A 640 14.74 -85.92 25.98
CA ARG A 640 15.36 -84.72 26.55
C ARG A 640 16.11 -83.92 25.48
N GLU A 641 16.62 -84.61 24.45
CA GLU A 641 17.27 -83.95 23.31
C GLU A 641 16.36 -82.95 22.61
N LEU A 642 15.04 -83.11 22.75
CA LEU A 642 14.06 -82.22 22.18
C LEU A 642 13.54 -81.21 23.19
N SER A 643 13.51 -81.59 24.47
CA SER A 643 13.08 -80.67 25.52
C SER A 643 14.04 -79.49 25.64
N TYR A 644 15.34 -79.75 25.52
CA TYR A 644 16.30 -78.66 25.56
C TYR A 644 16.07 -77.68 24.41
N LEU A 645 15.81 -78.20 23.20
CA LEU A 645 15.54 -77.34 22.05
C LEU A 645 14.28 -76.52 22.26
N LEU A 646 13.22 -77.14 22.80
CA LEU A 646 11.99 -76.41 23.06
C LEU A 646 12.21 -75.30 24.09
N LEU A 647 12.94 -75.59 25.16
CA LEU A 647 13.21 -74.56 26.17
C LEU A 647 14.09 -73.43 25.61
N PHE A 648 14.97 -73.77 24.67
CA PHE A 648 15.86 -72.78 24.03
C PHE A 648 15.07 -71.87 23.08
N SER A 649 14.07 -72.45 22.40
CA SER A 649 13.22 -71.65 21.53
C SER A 649 12.24 -70.79 22.32
N LEU A 650 11.84 -71.22 23.53
CA LEU A 650 11.02 -70.35 24.36
C LEU A 650 11.77 -69.08 24.75
N LEU A 651 13.03 -69.23 25.17
CA LEU A 651 13.84 -68.02 25.43
C LEU A 651 13.99 -67.16 24.17
N CYS A 652 14.17 -67.80 23.01
CA CYS A 652 14.24 -67.03 21.75
C CYS A 652 12.96 -66.23 21.50
N CYS A 653 11.81 -66.83 21.77
CA CYS A 653 10.53 -66.14 21.60
C CYS A 653 10.39 -64.97 22.57
N PHE A 654 10.68 -65.20 23.85
CA PHE A 654 10.55 -64.15 24.86
C PHE A 654 11.41 -62.95 24.51
N SER A 655 12.64 -63.22 24.07
CA SER A 655 13.57 -62.14 23.72
C SER A 655 13.13 -61.37 22.47
N SER A 656 12.34 -62.00 21.59
CA SER A 656 11.83 -61.30 20.42
C SER A 656 10.98 -60.06 20.77
N SER A 657 10.29 -60.11 21.92
CA SER A 657 9.47 -58.97 22.37
C SER A 657 10.32 -57.76 22.70
N LEU A 658 11.49 -57.99 23.29
CA LEU A 658 12.40 -56.91 23.63
C LEU A 658 12.88 -56.20 22.38
N PHE A 659 12.88 -56.91 21.25
CA PHE A 659 13.15 -56.28 19.96
C PHE A 659 12.02 -55.34 19.55
N PHE A 660 10.85 -55.44 20.15
CA PHE A 660 9.88 -54.48 19.65
C PHE A 660 9.98 -53.16 20.39
N ILE A 661 10.23 -53.18 21.71
CA ILE A 661 10.27 -51.96 22.51
C ILE A 661 11.42 -51.07 22.04
N GLY A 662 11.19 -49.77 22.04
CA GLY A 662 12.22 -48.79 21.75
C GLY A 662 11.95 -48.02 20.47
N GLU A 663 12.86 -47.08 20.21
CA GLU A 663 12.74 -46.23 19.02
C GLU A 663 13.07 -47.04 17.77
N PRO A 664 12.18 -47.07 16.78
CA PRO A 664 12.44 -47.89 15.58
C PRO A 664 13.68 -47.44 14.83
N GLN A 665 14.41 -48.42 14.30
CA GLN A 665 15.49 -48.19 13.36
C GLN A 665 15.37 -49.21 12.24
N ASP A 666 16.17 -49.03 11.19
CA ASP A 666 16.03 -49.85 10.00
C ASP A 666 16.29 -51.32 10.29
N TRP A 667 17.40 -51.63 10.97
CA TRP A 667 17.76 -53.03 11.19
C TRP A 667 16.81 -53.70 12.17
N THR A 668 16.45 -53.02 13.25
CA THR A 668 15.47 -53.59 14.19
C THR A 668 14.14 -53.82 13.51
N CYS A 669 13.71 -52.88 12.67
CA CYS A 669 12.47 -53.04 11.92
C CYS A 669 12.53 -54.23 10.99
N ARG A 670 13.66 -54.43 10.31
CA ARG A 670 13.79 -55.59 9.43
C ARG A 670 13.93 -56.90 10.19
N LEU A 671 14.33 -56.84 11.47
CA LEU A 671 14.57 -58.04 12.26
C LEU A 671 13.39 -58.44 13.13
N ARG A 672 12.39 -57.57 13.30
CA ARG A 672 11.26 -57.88 14.16
C ARG A 672 10.56 -59.19 13.79
N GLN A 673 9.97 -59.25 12.60
CA GLN A 673 9.07 -60.36 12.27
C GLN A 673 9.78 -61.72 12.23
N PRO A 674 10.88 -61.90 11.49
CA PRO A 674 11.49 -63.25 11.44
C PRO A 674 11.94 -63.77 12.79
N ALA A 675 12.41 -62.89 13.68
CA ALA A 675 12.91 -63.32 14.98
C ALA A 675 11.83 -64.05 15.78
N PHE A 676 10.57 -63.67 15.61
CA PHE A 676 9.46 -64.37 16.25
C PHE A 676 8.98 -65.54 15.41
N GLY A 677 8.88 -65.35 14.10
CA GLY A 677 8.33 -66.42 13.27
C GLY A 677 9.17 -67.69 13.32
N ILE A 678 10.48 -67.55 13.13
CA ILE A 678 11.35 -68.71 13.08
C ILE A 678 11.31 -69.47 14.41
N SER A 679 11.42 -68.73 15.51
CA SER A 679 11.42 -69.37 16.83
C SER A 679 10.10 -70.08 17.11
N PHE A 680 8.98 -69.46 16.76
CA PHE A 680 7.70 -70.10 17.05
C PHE A 680 7.45 -71.30 16.16
N VAL A 681 7.91 -71.27 14.91
CA VAL A 681 7.80 -72.46 14.07
C VAL A 681 8.68 -73.57 14.59
N LEU A 682 9.88 -73.22 15.10
CA LEU A 682 10.72 -74.23 15.73
C LEU A 682 10.01 -74.87 16.92
N CYS A 683 9.38 -74.05 17.76
CA CYS A 683 8.61 -74.59 18.89
C CYS A 683 7.51 -75.53 18.41
N ILE A 684 6.76 -75.11 17.39
CA ILE A 684 5.63 -75.90 16.91
C ILE A 684 6.12 -77.23 16.35
N SER A 685 7.21 -77.20 15.58
CA SER A 685 7.76 -78.44 15.03
C SER A 685 8.25 -79.38 16.13
N CYS A 686 8.91 -78.81 17.15
CA CYS A 686 9.37 -79.63 18.27
C CYS A 686 8.20 -80.33 18.95
N ILE A 687 7.08 -79.61 19.13
CA ILE A 687 5.91 -80.21 19.75
C ILE A 687 5.30 -81.27 18.85
N LEU A 688 5.15 -80.96 17.56
CA LEU A 688 4.49 -81.87 16.62
C LEU A 688 5.17 -83.22 16.55
N VAL A 689 6.51 -83.22 16.41
CA VAL A 689 7.24 -84.48 16.23
C VAL A 689 7.29 -85.34 17.48
N LYS A 690 6.69 -84.88 18.58
CA LYS A 690 6.46 -85.74 19.73
C LYS A 690 4.98 -85.89 20.07
N THR A 691 4.08 -85.84 19.06
CA THR A 691 2.66 -86.18 19.21
C THR A 691 2.45 -87.65 18.78
N ASN A 692 1.21 -88.13 18.85
CA ASN A 692 0.96 -89.57 18.64
C ASN A 692 1.31 -90.00 17.22
N ARG A 693 2.09 -91.08 17.12
CA ARG A 693 2.50 -91.64 15.83
C ARG A 693 3.15 -90.59 14.94
N VAL A 694 4.14 -89.87 15.48
CA VAL A 694 4.89 -88.94 14.64
C VAL A 694 5.52 -89.67 13.47
N LEU A 695 6.12 -90.82 13.76
CA LEU A 695 6.71 -91.68 12.76
C LEU A 695 5.61 -92.38 12.01
N ASN A 714 18.56 -87.84 13.92
CA ASN A 714 17.47 -88.79 13.70
C ASN A 714 16.43 -88.14 12.81
N LEU A 715 15.47 -88.96 12.35
CA LEU A 715 14.33 -88.46 11.57
C LEU A 715 13.60 -87.35 12.30
N GLN A 716 13.53 -87.47 13.64
CA GLN A 716 12.94 -86.42 14.46
C GLN A 716 13.65 -85.09 14.25
N PHE A 717 14.97 -85.12 14.36
CA PHE A 717 15.75 -83.91 14.20
C PHE A 717 15.62 -83.39 12.78
N LEU A 718 15.55 -84.32 11.82
CA LEU A 718 15.36 -83.92 10.43
C LEU A 718 14.09 -83.11 10.26
N LEU A 719 12.96 -83.65 10.72
CA LEU A 719 11.68 -82.97 10.49
C LEU A 719 11.67 -81.57 11.08
N VAL A 720 12.10 -81.43 12.35
CA VAL A 720 12.04 -80.09 12.94
C VAL A 720 12.86 -79.12 12.11
N PHE A 721 14.11 -79.50 11.80
CA PHE A 721 14.99 -78.58 11.06
C PHE A 721 14.48 -78.31 9.65
N LEU A 722 13.89 -79.32 8.99
CA LEU A 722 13.35 -79.13 7.64
C LEU A 722 12.21 -78.10 7.65
N CYS A 723 11.31 -78.21 8.62
CA CYS A 723 10.23 -77.24 8.73
C CYS A 723 10.76 -75.85 9.04
N THR A 724 11.80 -75.73 9.87
CA THR A 724 12.39 -74.41 10.11
C THR A 724 13.05 -73.83 8.83
N PHE A 725 13.66 -74.70 8.02
CA PHE A 725 14.34 -74.29 6.78
C PHE A 725 13.37 -73.70 5.75
N MET A 726 12.11 -74.15 5.74
CA MET A 726 11.14 -73.55 4.80
C MET A 726 10.81 -72.08 5.17
N GLN A 727 10.49 -71.83 6.45
CA GLN A 727 10.20 -70.46 6.89
C GLN A 727 11.40 -69.54 6.72
N ILE A 728 12.60 -70.08 6.99
CA ILE A 728 13.82 -69.33 6.74
C ILE A 728 13.92 -68.89 5.27
N VAL A 729 13.62 -69.80 4.32
CA VAL A 729 13.80 -69.41 2.92
C VAL A 729 12.77 -68.33 2.51
N ILE A 730 11.49 -68.53 2.85
CA ILE A 730 10.52 -67.46 2.63
C ILE A 730 11.07 -66.12 3.17
N CYS A 731 11.67 -66.17 4.36
CA CYS A 731 12.21 -64.94 4.95
C CYS A 731 13.32 -64.31 4.08
N VAL A 732 14.22 -65.14 3.56
CA VAL A 732 15.35 -64.60 2.79
C VAL A 732 14.85 -64.03 1.45
N ILE A 733 13.90 -64.73 0.83
CA ILE A 733 13.34 -64.26 -0.42
C ILE A 733 12.68 -62.89 -0.19
N TRP A 734 12.10 -62.66 0.98
CA TRP A 734 11.50 -61.34 1.27
C TRP A 734 12.54 -60.23 1.33
N LEU A 735 13.60 -60.42 2.16
CA LEU A 735 14.55 -59.31 2.38
C LEU A 735 15.29 -58.86 1.11
N TYR A 736 15.70 -59.79 0.24
CA TYR A 736 16.36 -59.31 -1.00
C TYR A 736 15.45 -58.45 -1.88
N THR A 737 14.18 -58.81 -2.00
CA THR A 737 13.31 -58.06 -2.93
C THR A 737 12.58 -56.88 -2.29
N ALA A 738 12.09 -56.96 -1.06
CA ALA A 738 11.31 -55.86 -0.46
C ALA A 738 11.54 -55.80 1.04
N PRO A 739 12.70 -55.30 1.47
CA PRO A 739 12.94 -55.17 2.90
C PRO A 739 12.09 -54.05 3.49
N PRO A 740 11.65 -54.19 4.74
CA PRO A 740 10.99 -53.08 5.42
C PRO A 740 11.98 -52.01 5.82
N SER A 741 11.45 -50.87 6.27
CA SER A 741 12.30 -49.74 6.64
C SER A 741 11.52 -48.83 7.59
N SER A 742 12.25 -47.90 8.20
CA SER A 742 11.67 -46.95 9.13
C SER A 742 11.08 -45.74 8.40
N TYR A 743 10.18 -45.05 9.07
CA TYR A 743 9.51 -43.89 8.50
C TYR A 743 9.15 -42.90 9.61
N ARG A 744 9.31 -41.61 9.30
CA ARG A 744 8.79 -40.53 10.13
C ARG A 744 7.58 -39.96 9.43
N ASN A 745 6.40 -40.21 9.98
CA ASN A 745 5.13 -39.94 9.28
C ASN A 745 4.66 -38.54 9.60
N GLN A 746 4.46 -37.73 8.55
CA GLN A 746 3.99 -36.36 8.67
C GLN A 746 2.54 -36.18 8.23
N GLU A 747 1.97 -37.15 7.51
CA GLU A 747 0.70 -36.94 6.85
C GLU A 747 -0.47 -37.03 7.84
N LEU A 748 -0.39 -37.91 8.82
CA LEU A 748 -1.55 -38.19 9.68
C LEU A 748 -1.96 -36.97 10.50
N GLU A 749 -0.99 -36.26 11.08
CA GLU A 749 -1.29 -35.15 11.97
C GLU A 749 -0.37 -33.97 11.65
N ASP A 750 -0.62 -32.86 12.35
CA ASP A 750 0.11 -31.62 12.13
C ASP A 750 1.17 -31.36 13.19
N GLU A 751 0.82 -31.53 14.46
CA GLU A 751 1.72 -31.21 15.57
C GLU A 751 2.39 -32.44 16.17
N ILE A 752 2.23 -33.61 15.55
CA ILE A 752 2.82 -34.85 16.05
C ILE A 752 3.53 -35.54 14.89
N ILE A 753 4.73 -36.06 15.15
CA ILE A 753 5.49 -36.84 14.19
C ILE A 753 5.55 -38.28 14.69
N PHE A 754 5.18 -39.23 13.83
CA PHE A 754 5.10 -40.63 14.19
C PHE A 754 6.22 -41.40 13.51
N ILE A 755 6.95 -42.20 14.29
CA ILE A 755 7.97 -43.09 13.77
C ILE A 755 7.40 -44.51 13.80
N THR A 756 7.37 -45.15 12.64
CA THR A 756 6.77 -46.47 12.51
C THR A 756 7.53 -47.27 11.45
N CYS A 757 6.97 -48.41 11.08
CA CYS A 757 7.49 -49.27 10.03
C CYS A 757 6.48 -49.46 8.92
N HIS A 758 6.92 -49.22 7.68
CA HIS A 758 6.31 -49.86 6.53
C HIS A 758 6.84 -51.29 6.45
N GLU A 759 5.94 -52.23 6.13
CA GLU A 759 6.31 -53.63 6.07
C GLU A 759 6.76 -54.06 4.68
N GLY A 760 7.06 -53.12 3.80
CA GLY A 760 7.50 -53.46 2.46
C GLY A 760 6.42 -54.21 1.72
N SER A 761 6.73 -55.45 1.34
CA SER A 761 5.74 -56.31 0.68
C SER A 761 4.86 -56.94 1.74
N LEU A 762 3.54 -56.74 1.63
CA LEU A 762 2.60 -57.32 2.56
C LEU A 762 2.27 -58.77 2.20
N MET A 763 2.43 -59.14 0.93
CA MET A 763 2.12 -60.50 0.51
C MET A 763 3.05 -61.52 1.20
N ALA A 764 4.33 -61.20 1.29
CA ALA A 764 5.27 -62.10 1.93
C ALA A 764 4.92 -62.30 3.38
N LEU A 765 4.52 -61.21 4.06
CA LEU A 765 4.09 -61.33 5.45
C LEU A 765 2.85 -62.21 5.55
N GLY A 766 2.01 -62.15 4.50
CA GLY A 766 0.88 -63.07 4.43
C GLY A 766 1.32 -64.51 4.41
N PHE A 767 2.37 -64.81 3.64
CA PHE A 767 2.91 -66.17 3.61
C PHE A 767 3.54 -66.57 4.94
N LEU A 768 4.22 -65.63 5.59
CA LEU A 768 4.87 -65.95 6.85
C LEU A 768 3.85 -66.13 7.97
N ILE A 769 2.60 -65.73 7.74
CA ILE A 769 1.54 -65.98 8.70
C ILE A 769 0.73 -67.22 8.33
N GLY A 770 0.39 -67.38 7.05
CA GLY A 770 -0.37 -68.56 6.64
C GLY A 770 0.38 -69.85 6.85
N TYR A 771 1.70 -69.85 6.56
CA TYR A 771 2.50 -71.04 6.81
C TYR A 771 2.54 -71.40 8.29
N THR A 772 2.73 -70.40 9.15
CA THR A 772 2.73 -70.66 10.59
C THR A 772 1.39 -71.21 11.04
N CYS A 773 0.29 -70.63 10.53
CA CYS A 773 -1.04 -71.07 10.93
C CYS A 773 -1.31 -72.51 10.47
N LEU A 774 -0.89 -72.85 9.26
CA LEU A 774 -1.07 -74.22 8.78
C LEU A 774 -0.26 -75.22 9.62
N LEU A 775 0.99 -74.86 9.95
CA LEU A 775 1.80 -75.75 10.78
C LEU A 775 1.17 -75.98 12.16
N ALA A 776 0.62 -74.91 12.75
CA ALA A 776 -0.07 -75.06 14.02
C ALA A 776 -1.33 -75.91 13.87
N ALA A 777 -2.08 -75.71 12.79
CA ALA A 777 -3.36 -76.40 12.63
C ALA A 777 -3.17 -77.90 12.46
N ILE A 778 -2.15 -78.31 11.70
CA ILE A 778 -1.91 -79.75 11.53
C ILE A 778 -1.59 -80.38 12.88
N CYS A 779 -0.73 -79.72 13.66
CA CYS A 779 -0.46 -80.25 14.99
C CYS A 779 -1.75 -80.36 15.81
N PHE A 780 -2.69 -79.43 15.61
CA PHE A 780 -3.93 -79.50 16.38
C PHE A 780 -4.71 -80.76 16.02
N PHE A 781 -4.95 -81.00 14.73
CA PHE A 781 -5.79 -82.14 14.30
C PHE A 781 -5.27 -83.47 14.83
N PHE A 782 -3.98 -83.75 14.61
CA PHE A 782 -3.43 -85.04 15.04
C PHE A 782 -3.40 -85.19 16.55
N ALA A 783 -3.17 -84.10 17.30
CA ALA A 783 -3.34 -84.21 18.75
C ALA A 783 -4.82 -84.43 19.11
N PHE A 784 -5.71 -83.63 18.52
CA PHE A 784 -7.13 -83.82 18.72
C PHE A 784 -7.55 -85.25 18.50
N LYS A 785 -6.92 -85.98 17.57
CA LYS A 785 -7.36 -87.36 17.37
C LYS A 785 -7.02 -88.23 18.57
N SER A 786 -5.90 -87.97 19.24
CA SER A 786 -5.45 -88.87 20.29
C SER A 786 -5.52 -88.22 21.67
N ARG A 787 -6.62 -87.54 21.98
CA ARG A 787 -6.74 -86.79 23.22
C ARG A 787 -7.04 -87.66 24.45
N LYS A 788 -7.07 -88.99 24.33
CA LYS A 788 -7.55 -89.83 25.43
C LYS A 788 -6.61 -90.99 25.74
N LEU A 789 -5.31 -90.75 25.75
CA LEU A 789 -4.33 -91.76 26.17
C LEU A 789 -3.60 -91.23 27.39
N PRO A 790 -3.60 -91.95 28.53
CA PRO A 790 -3.00 -91.40 29.76
C PRO A 790 -1.51 -91.63 29.72
N GLU A 791 -0.74 -90.85 28.96
CA GLU A 791 0.70 -91.04 28.79
C GLU A 791 1.42 -89.76 29.15
N ASN A 792 2.55 -89.87 29.83
CA ASN A 792 3.35 -88.69 30.20
C ASN A 792 2.49 -87.64 30.91
N PHE A 793 1.58 -88.15 31.75
CA PHE A 793 0.66 -87.31 32.53
C PHE A 793 -0.25 -86.47 31.64
N ASN A 794 -0.92 -87.17 30.70
CA ASN A 794 -1.88 -86.61 29.73
C ASN A 794 -1.27 -85.50 28.85
N GLU A 795 -0.25 -85.90 28.10
CA GLU A 795 0.44 -84.93 27.23
C GLU A 795 -0.47 -84.37 26.14
N ALA A 796 -1.24 -85.24 25.50
CA ALA A 796 -2.04 -84.75 24.39
C ALA A 796 -3.23 -83.94 24.86
N LYS A 797 -3.58 -84.02 26.14
CA LYS A 797 -4.56 -83.09 26.69
C LYS A 797 -3.99 -81.68 26.72
N PHE A 798 -2.68 -81.52 26.94
CA PHE A 798 -2.17 -80.15 27.09
C PHE A 798 -1.72 -79.51 25.77
N ILE A 799 -1.32 -80.29 24.76
CA ILE A 799 -0.91 -79.73 23.44
C ILE A 799 -2.08 -79.02 22.75
N THR A 800 -3.25 -79.65 22.75
CA THR A 800 -4.45 -79.01 22.18
C THR A 800 -4.75 -77.70 22.89
N PHE A 801 -4.58 -77.67 24.20
CA PHE A 801 -4.80 -76.43 24.95
C PHE A 801 -3.86 -75.33 24.50
N SER A 802 -2.58 -75.67 24.30
CA SER A 802 -1.61 -74.66 23.84
C SER A 802 -1.98 -74.12 22.46
N MET A 803 -2.35 -75.01 21.53
CA MET A 803 -2.76 -74.55 20.20
C MET A 803 -3.99 -73.64 20.29
N LEU A 804 -4.95 -74.02 21.14
CA LEU A 804 -6.14 -73.20 21.33
C LEU A 804 -5.78 -71.83 21.90
N ILE A 805 -4.85 -71.79 22.85
CA ILE A 805 -4.43 -70.51 23.41
C ILE A 805 -3.82 -69.61 22.34
N PHE A 806 -2.94 -70.19 21.52
CA PHE A 806 -2.32 -69.42 20.44
C PHE A 806 -3.36 -68.83 19.50
N PHE A 807 -4.26 -69.69 19.00
CA PHE A 807 -5.28 -69.24 18.06
C PHE A 807 -6.22 -68.22 18.69
N ILE A 808 -6.66 -68.47 19.92
CA ILE A 808 -7.58 -67.55 20.59
C ILE A 808 -6.93 -66.19 20.80
N VAL A 809 -5.67 -66.17 21.23
CA VAL A 809 -4.99 -64.91 21.48
C VAL A 809 -4.90 -64.09 20.19
N TRP A 810 -4.47 -64.73 19.10
CA TRP A 810 -4.29 -63.93 17.87
C TRP A 810 -5.65 -63.50 17.29
N ILE A 811 -6.64 -64.38 17.33
CA ILE A 811 -7.97 -64.01 16.83
C ILE A 811 -8.55 -62.86 17.64
N SER A 812 -8.42 -62.93 18.96
CA SER A 812 -8.92 -61.86 19.83
C SER A 812 -8.14 -60.57 19.65
N PHE A 813 -6.88 -60.64 19.26
CA PHE A 813 -6.11 -59.42 19.05
C PHE A 813 -6.23 -58.85 17.64
N ILE A 814 -6.98 -59.49 16.74
CA ILE A 814 -7.21 -58.90 15.40
C ILE A 814 -7.79 -57.49 15.46
N PRO A 815 -8.93 -57.25 16.14
CA PRO A 815 -9.59 -55.92 16.05
C PRO A 815 -8.68 -54.75 16.36
N ALA A 816 -7.97 -54.83 17.50
CA ALA A 816 -7.19 -53.71 17.98
C ALA A 816 -6.01 -53.43 17.07
N TYR A 817 -5.42 -54.46 16.48
CA TYR A 817 -4.33 -54.28 15.52
C TYR A 817 -4.79 -53.45 14.33
N ALA A 818 -6.05 -53.63 13.91
CA ALA A 818 -6.54 -52.88 12.75
C ALA A 818 -7.32 -51.61 13.13
N SER A 819 -7.26 -51.18 14.38
CA SER A 819 -7.85 -49.93 14.81
C SER A 819 -6.84 -48.88 15.21
N THR A 820 -5.60 -49.27 15.50
CA THR A 820 -4.58 -48.35 16.01
C THR A 820 -3.41 -48.34 15.06
N TYR A 821 -3.02 -47.15 14.60
CA TYR A 821 -1.78 -47.00 13.86
C TYR A 821 -0.84 -45.98 14.52
N GLY A 822 -0.99 -45.79 15.82
CA GLY A 822 -0.15 -44.96 16.66
C GLY A 822 0.95 -45.75 17.34
N LYS A 823 1.24 -45.41 18.58
CA LYS A 823 2.33 -46.08 19.29
C LYS A 823 1.88 -47.33 20.02
N PHE A 824 0.58 -47.62 20.03
CA PHE A 824 0.06 -48.73 20.83
C PHE A 824 0.07 -50.06 20.08
N VAL A 825 0.29 -50.04 18.76
CA VAL A 825 0.28 -51.29 18.00
C VAL A 825 1.44 -52.19 18.41
N SER A 826 2.62 -51.61 18.65
CA SER A 826 3.75 -52.40 19.11
C SER A 826 3.48 -53.01 20.47
N ALA A 827 2.79 -52.27 21.34
CA ALA A 827 2.39 -52.82 22.63
C ALA A 827 1.47 -54.01 22.46
N VAL A 828 0.52 -53.91 21.51
CA VAL A 828 -0.39 -55.02 21.25
C VAL A 828 0.39 -56.25 20.80
N GLU A 829 1.33 -56.07 19.88
CA GLU A 829 2.12 -57.20 19.40
C GLU A 829 2.96 -57.81 20.51
N VAL A 830 3.55 -56.97 21.36
CA VAL A 830 4.35 -57.47 22.47
C VAL A 830 3.49 -58.29 23.42
N ILE A 831 2.31 -57.79 23.75
CA ILE A 831 1.41 -58.52 24.65
C ILE A 831 1.01 -59.86 24.04
N ALA A 832 0.70 -59.86 22.74
CA ALA A 832 0.32 -61.12 22.09
C ALA A 832 1.45 -62.14 22.15
N ILE A 833 2.68 -61.70 21.85
CA ILE A 833 3.81 -62.62 21.86
C ILE A 833 4.04 -63.17 23.25
N LEU A 834 4.01 -62.28 24.27
CA LEU A 834 4.24 -62.73 25.64
C LEU A 834 3.18 -63.71 26.08
N ALA A 835 1.90 -63.44 25.76
CA ALA A 835 0.83 -64.34 26.16
C ALA A 835 0.98 -65.70 25.51
N ALA A 836 1.25 -65.72 24.20
CA ALA A 836 1.41 -66.99 23.50
C ALA A 836 2.58 -67.80 24.07
N SER A 837 3.70 -67.12 24.35
CA SER A 837 4.87 -67.83 24.86
C SER A 837 4.63 -68.38 26.26
N PHE A 838 4.01 -67.58 27.14
CA PHE A 838 3.72 -68.06 28.48
C PHE A 838 2.76 -69.26 28.44
N GLY A 839 1.73 -69.18 27.59
CA GLY A 839 0.84 -70.32 27.45
C GLY A 839 1.56 -71.56 26.96
N LEU A 840 2.42 -71.41 25.96
CA LEU A 840 3.15 -72.57 25.44
C LEU A 840 4.10 -73.16 26.48
N LEU A 841 4.67 -72.33 27.34
CA LEU A 841 5.51 -72.84 28.42
C LEU A 841 4.68 -73.64 29.43
N ALA A 842 3.63 -73.01 29.98
CA ALA A 842 2.90 -73.56 31.10
C ALA A 842 2.04 -74.75 30.70
N CYS A 843 1.65 -74.85 29.42
CA CYS A 843 0.85 -75.99 29.00
C CYS A 843 1.62 -77.30 29.16
N ILE A 844 2.90 -77.31 28.83
CA ILE A 844 3.69 -78.53 28.87
C ILE A 844 4.42 -78.70 30.20
N PHE A 845 5.22 -77.70 30.63
CA PHE A 845 6.24 -78.01 31.64
C PHE A 845 5.76 -77.93 33.09
N PHE A 846 4.62 -77.29 33.37
CA PHE A 846 4.22 -77.08 34.75
C PHE A 846 3.92 -78.39 35.46
N ASN A 847 3.13 -79.28 34.81
CA ASN A 847 2.78 -80.58 35.42
C ASN A 847 3.99 -81.48 35.65
N LYS A 848 4.92 -81.56 34.70
CA LYS A 848 6.10 -82.39 34.94
C LYS A 848 6.83 -81.90 36.20
N ILE A 849 7.07 -80.59 36.27
CA ILE A 849 7.74 -80.02 37.45
C ILE A 849 6.94 -80.28 38.73
N TYR A 850 5.60 -80.28 38.63
CA TYR A 850 4.74 -80.43 39.81
C TYR A 850 5.20 -81.56 40.71
N ILE A 851 5.36 -82.76 40.14
CA ILE A 851 5.69 -83.96 40.91
C ILE A 851 7.15 -84.34 40.78
N ILE A 852 8.01 -83.50 40.18
CA ILE A 852 9.45 -83.75 40.28
C ILE A 852 10.16 -82.79 41.25
N LEU A 853 9.67 -81.56 41.41
CA LEU A 853 10.21 -80.68 42.45
C LEU A 853 9.94 -81.25 43.84
N PHE A 854 8.73 -81.76 44.05
CA PHE A 854 8.30 -82.51 45.21
C PHE A 854 8.08 -83.92 44.72
N LYS A 855 7.71 -84.84 45.59
CA LYS A 855 7.58 -86.23 45.21
C LYS A 855 8.82 -86.64 44.44
N PRO A 856 10.04 -86.42 45.03
CA PRO A 856 11.28 -86.53 44.25
C PRO A 856 11.36 -87.68 43.26
N SER A 857 10.75 -88.82 43.61
CA SER A 857 10.83 -89.99 42.75
C SER A 857 9.52 -90.76 42.70
N ARG A 858 8.42 -90.15 43.16
CA ARG A 858 7.17 -90.90 43.37
C ARG A 858 6.57 -91.40 42.08
N ASN A 859 6.45 -90.55 41.06
CA ASN A 859 5.81 -91.01 39.83
C ASN A 859 6.81 -91.48 38.78
N THR A 860 8.10 -91.25 39.02
CA THR A 860 9.12 -91.61 38.05
C THR A 860 9.11 -93.11 37.78
N ILE A 861 8.95 -93.93 38.83
CA ILE A 861 9.06 -95.37 38.70
C ILE A 861 8.02 -95.93 37.74
N GLU A 862 6.76 -95.48 37.88
CA GLU A 862 5.65 -96.07 37.09
C GLU A 862 4.71 -95.01 36.53
N GLU A 863 5.26 -94.04 35.80
CA GLU A 863 4.44 -93.08 35.03
C GLU A 863 4.07 -93.75 33.71
N VAL A 864 2.88 -94.33 33.63
CA VAL A 864 2.52 -95.16 32.48
C VAL A 864 3.65 -96.18 32.29
N ARG A 865 4.09 -96.74 33.40
CA ARG A 865 5.15 -97.77 33.41
C ARG A 865 6.48 -97.30 32.82
N CYS A 866 6.84 -96.04 33.08
CA CYS A 866 8.09 -95.43 32.60
C CYS A 866 8.75 -96.18 31.44
N TYR B 34 13.58 56.38 -27.78
CA TYR B 34 12.39 55.83 -28.42
C TYR B 34 12.21 54.36 -28.07
N GLY B 35 13.02 53.50 -28.67
CA GLY B 35 12.95 52.08 -28.43
C GLY B 35 13.85 51.30 -29.36
N PRO B 36 13.53 50.03 -29.61
CA PRO B 36 14.33 49.23 -30.53
C PRO B 36 14.31 49.80 -31.93
N ASP B 37 15.44 49.68 -32.63
CA ASP B 37 15.56 50.21 -33.98
C ASP B 37 14.86 49.34 -35.03
N GLN B 38 14.67 48.05 -34.74
CA GLN B 38 14.02 47.12 -35.67
C GLN B 38 12.56 46.99 -35.27
N ARG B 39 11.66 47.36 -36.17
CA ARG B 39 10.24 47.44 -35.84
C ARG B 39 9.43 47.45 -37.12
N ALA B 40 8.11 47.42 -36.97
CA ALA B 40 7.16 47.62 -38.05
C ALA B 40 6.11 48.61 -37.56
N GLN B 41 6.08 49.79 -38.18
CA GLN B 41 5.21 50.86 -37.70
C GLN B 41 4.56 51.60 -38.86
N LYS B 42 3.37 52.12 -38.60
CA LYS B 42 2.61 52.90 -39.58
C LYS B 42 1.75 53.90 -38.81
N LYS B 43 1.47 55.03 -39.45
CA LYS B 43 0.74 56.11 -38.80
C LYS B 43 -0.76 55.97 -38.99
N GLY B 44 -1.52 56.58 -38.07
CA GLY B 44 -2.96 56.55 -38.15
C GLY B 44 -3.57 57.33 -37.02
N ASP B 45 -4.90 57.43 -37.05
CA ASP B 45 -5.62 58.12 -35.98
C ASP B 45 -5.49 57.39 -34.65
N ILE B 46 -5.56 56.06 -34.67
CA ILE B 46 -5.47 55.24 -33.48
C ILE B 46 -4.39 54.19 -33.70
N ILE B 47 -3.52 54.01 -32.71
CA ILE B 47 -2.34 53.15 -32.83
C ILE B 47 -2.53 51.91 -31.96
N LEU B 48 -2.21 50.75 -32.52
CA LEU B 48 -2.23 49.48 -31.80
C LEU B 48 -0.81 48.97 -31.59
N GLY B 49 -0.55 48.38 -30.43
CA GLY B 49 0.74 47.82 -30.13
C GLY B 49 0.77 46.32 -30.38
N GLY B 50 1.97 45.78 -30.54
CA GLY B 50 2.13 44.36 -30.79
C GLY B 50 3.46 43.84 -30.32
N LEU B 51 3.47 42.57 -29.89
CA LEU B 51 4.68 41.90 -29.43
C LEU B 51 4.66 40.48 -29.98
N PHE B 52 5.65 40.15 -30.82
CA PHE B 52 5.75 38.83 -31.41
C PHE B 52 7.17 38.29 -31.26
N PRO B 53 7.34 36.97 -31.12
CA PRO B 53 8.69 36.39 -31.14
C PRO B 53 9.18 36.16 -32.56
N ILE B 54 10.12 36.99 -32.99
CA ILE B 54 10.75 36.77 -34.30
C ILE B 54 12.01 35.93 -34.18
N HIS B 55 12.57 35.81 -32.97
CA HIS B 55 13.72 34.96 -32.71
C HIS B 55 13.40 34.03 -31.55
N PHE B 56 14.08 32.88 -31.54
CA PHE B 56 13.79 31.85 -30.54
C PHE B 56 14.46 32.11 -29.19
N GLY B 57 15.46 32.98 -29.13
CA GLY B 57 16.13 33.23 -27.86
C GLY B 57 17.24 34.23 -28.02
N VAL B 58 17.98 34.43 -26.92
CA VAL B 58 19.08 35.38 -26.87
C VAL B 58 20.40 34.62 -26.81
N ALA B 59 21.48 35.34 -27.08
CA ALA B 59 22.81 34.75 -27.03
C ALA B 59 23.20 34.40 -25.60
N ALA B 60 23.80 33.24 -25.42
CA ALA B 60 24.29 32.80 -24.12
C ALA B 60 25.63 33.48 -23.86
N LYS B 61 25.63 34.48 -22.97
CA LYS B 61 26.81 35.32 -22.71
C LYS B 61 26.76 35.76 -21.24
N ASP B 62 27.45 35.01 -20.37
CA ASP B 62 27.54 35.41 -18.95
C ASP B 62 28.55 36.56 -18.79
N GLN B 63 28.07 37.78 -18.95
CA GLN B 63 28.97 38.92 -18.89
C GLN B 63 29.64 39.04 -17.52
N ASP B 64 30.94 39.34 -17.54
CA ASP B 64 31.74 39.40 -16.33
C ASP B 64 31.81 40.82 -15.75
N LEU B 65 31.20 41.79 -16.42
CA LEU B 65 31.11 43.18 -15.94
C LEU B 65 32.48 43.84 -15.78
N LYS B 66 33.44 43.50 -16.66
CA LYS B 66 34.70 44.23 -16.65
C LYS B 66 34.62 45.53 -17.43
N SER B 67 33.59 45.69 -18.26
CA SER B 67 33.35 46.92 -19.00
C SER B 67 31.85 47.20 -18.98
N ARG B 68 31.46 48.34 -19.55
CA ARG B 68 30.05 48.70 -19.59
C ARG B 68 29.28 47.68 -20.42
N PRO B 69 28.17 47.14 -19.90
CA PRO B 69 27.44 46.11 -20.63
C PRO B 69 26.80 46.66 -21.90
N GLU B 70 26.68 45.78 -22.90
CA GLU B 70 26.05 46.09 -24.17
C GLU B 70 24.73 45.35 -24.28
N SER B 71 24.01 45.65 -25.36
CA SER B 71 22.75 44.97 -25.63
C SER B 71 23.00 43.53 -26.08
N VAL B 72 22.09 42.64 -25.69
CA VAL B 72 22.21 41.24 -26.04
C VAL B 72 21.67 41.01 -27.46
N GLU B 73 22.06 39.89 -28.06
CA GLU B 73 21.70 39.57 -29.44
C GLU B 73 20.79 38.35 -29.49
N CYS B 74 19.91 38.33 -30.49
CA CYS B 74 18.99 37.22 -30.72
C CYS B 74 19.56 36.30 -31.80
N ILE B 75 19.16 35.03 -31.77
CA ILE B 75 19.92 33.97 -32.46
C ILE B 75 19.14 33.36 -33.62
N ARG B 76 18.02 32.69 -33.34
CA ARG B 76 17.40 31.79 -34.31
C ARG B 76 16.08 32.36 -34.81
N TYR B 77 15.92 32.42 -36.13
CA TYR B 77 14.76 33.05 -36.73
C TYR B 77 13.50 32.20 -36.55
N ASN B 78 12.35 32.87 -36.50
CA ASN B 78 11.05 32.24 -36.26
C ASN B 78 10.06 32.62 -37.35
N PHE B 79 9.95 31.76 -38.36
CA PHE B 79 9.03 32.02 -39.47
C PHE B 79 7.57 31.98 -39.04
N ARG B 80 7.25 31.14 -38.06
CA ARG B 80 5.90 31.11 -37.51
C ARG B 80 5.54 32.44 -36.86
N GLY B 81 6.48 33.02 -36.11
CA GLY B 81 6.24 34.34 -35.53
C GLY B 81 6.10 35.42 -36.58
N PHE B 82 6.89 35.33 -37.66
CA PHE B 82 6.72 36.27 -38.75
C PHE B 82 5.34 36.14 -39.39
N ARG B 83 4.84 34.90 -39.52
CA ARG B 83 3.50 34.70 -40.06
C ARG B 83 2.44 35.29 -39.14
N TRP B 84 2.61 35.15 -37.83
CA TRP B 84 1.65 35.75 -36.89
C TRP B 84 1.64 37.27 -37.00
N LEU B 85 2.82 37.88 -37.11
CA LEU B 85 2.90 39.33 -37.31
C LEU B 85 2.20 39.73 -38.61
N GLN B 86 2.40 38.96 -39.67
CA GLN B 86 1.73 39.24 -40.93
C GLN B 86 0.23 39.11 -40.80
N ALA B 87 -0.24 38.18 -39.97
CA ALA B 87 -1.68 38.05 -39.73
C ALA B 87 -2.24 39.31 -39.07
N MET B 88 -1.52 39.85 -38.08
CA MET B 88 -1.98 41.09 -37.46
C MET B 88 -2.03 42.23 -38.47
N ILE B 89 -0.99 42.37 -39.29
CA ILE B 89 -0.96 43.45 -40.29
C ILE B 89 -2.08 43.29 -41.30
N PHE B 90 -2.34 42.05 -41.73
CA PHE B 90 -3.42 41.79 -42.69
C PHE B 90 -4.78 42.15 -42.11
N ALA B 91 -5.01 41.80 -40.84
CA ALA B 91 -6.27 42.17 -40.21
C ALA B 91 -6.44 43.67 -40.14
N ILE B 92 -5.38 44.40 -39.78
CA ILE B 92 -5.48 45.86 -39.70
C ILE B 92 -5.77 46.45 -41.06
N GLU B 93 -5.10 45.95 -42.11
CA GLU B 93 -5.34 46.47 -43.46
C GLU B 93 -6.75 46.19 -43.92
N GLU B 94 -7.28 45.00 -43.62
CA GLU B 94 -8.65 44.68 -43.99
C GLU B 94 -9.64 45.60 -43.29
N ILE B 95 -9.42 45.88 -41.99
CA ILE B 95 -10.30 46.77 -41.26
C ILE B 95 -10.24 48.18 -41.86
N ASN B 96 -9.04 48.66 -42.19
CA ASN B 96 -8.93 49.98 -42.80
C ASN B 96 -9.58 50.04 -44.16
N SER B 97 -9.58 48.93 -44.90
CA SER B 97 -10.21 48.91 -46.21
C SER B 97 -11.72 48.87 -46.12
N SER B 98 -12.27 48.15 -45.15
CA SER B 98 -13.71 47.97 -45.07
C SER B 98 -14.40 49.27 -44.64
N PRO B 99 -15.36 49.77 -45.42
CA PRO B 99 -16.06 51.01 -45.05
C PRO B 99 -17.16 50.84 -44.01
N ALA B 100 -17.51 49.62 -43.64
CA ALA B 100 -18.64 49.37 -42.74
C ALA B 100 -18.23 49.25 -41.28
N LEU B 101 -16.95 49.31 -40.96
CA LEU B 101 -16.53 49.09 -39.58
C LEU B 101 -16.06 50.36 -38.89
N LEU B 102 -15.29 51.22 -39.56
CA LEU B 102 -14.86 52.50 -38.97
C LEU B 102 -14.70 53.51 -40.09
N PRO B 103 -15.80 54.12 -40.54
CA PRO B 103 -15.71 55.11 -41.61
C PRO B 103 -14.89 56.33 -41.20
N ASN B 104 -14.11 56.83 -42.15
CA ASN B 104 -13.31 58.05 -41.97
C ASN B 104 -12.46 58.00 -40.70
N LEU B 105 -11.80 56.87 -40.50
CA LEU B 105 -10.92 56.70 -39.35
C LEU B 105 -9.96 55.56 -39.67
N THR B 106 -8.66 55.80 -39.50
CA THR B 106 -7.63 54.83 -39.82
C THR B 106 -6.97 54.29 -38.56
N LEU B 107 -6.29 53.15 -38.72
CA LEU B 107 -5.56 52.49 -37.65
C LEU B 107 -4.09 52.41 -38.01
N GLY B 108 -3.23 52.69 -37.03
CA GLY B 108 -1.81 52.48 -37.15
C GLY B 108 -1.34 51.39 -36.20
N TYR B 109 -0.05 51.11 -36.25
CA TYR B 109 0.52 50.07 -35.40
C TYR B 109 1.97 50.36 -35.09
N ARG B 110 2.45 49.76 -34.01
CA ARG B 110 3.87 49.77 -33.64
C ARG B 110 4.19 48.40 -33.05
N ILE B 111 4.93 47.59 -33.80
CA ILE B 111 5.15 46.18 -33.47
C ILE B 111 6.64 45.95 -33.24
N PHE B 112 6.96 45.22 -32.18
CA PHE B 112 8.33 44.95 -31.77
C PHE B 112 8.54 43.45 -31.65
N ASP B 113 9.78 43.06 -31.34
CA ASP B 113 10.20 41.68 -31.23
C ASP B 113 10.69 41.40 -29.81
N THR B 114 10.28 40.27 -29.25
CA THR B 114 10.58 39.94 -27.87
C THR B 114 11.69 38.90 -27.70
N CYS B 115 11.93 38.06 -28.72
CA CYS B 115 12.92 36.99 -28.66
C CYS B 115 12.67 36.05 -27.48
N ASN B 116 11.40 35.95 -27.05
CA ASN B 116 10.99 35.08 -25.95
C ASN B 116 11.70 35.44 -24.64
N THR B 117 12.03 36.72 -24.46
CA THR B 117 12.81 37.17 -23.32
C THR B 117 12.06 38.31 -22.62
N VAL B 118 12.10 38.29 -21.29
CA VAL B 118 11.42 39.32 -20.51
C VAL B 118 12.09 40.68 -20.70
N SER B 119 13.43 40.70 -20.72
CA SER B 119 14.15 41.97 -20.76
C SER B 119 13.85 42.75 -22.04
N LYS B 120 13.78 42.05 -23.18
CA LYS B 120 13.47 42.73 -24.43
C LYS B 120 12.04 43.23 -24.46
N ALA B 121 11.11 42.47 -23.89
CA ALA B 121 9.71 42.87 -23.89
C ALA B 121 9.48 44.11 -23.03
N LEU B 122 10.21 44.23 -21.92
CA LEU B 122 10.01 45.37 -21.04
C LEU B 122 10.55 46.66 -21.64
N GLU B 123 11.58 46.56 -22.49
CA GLU B 123 12.06 47.75 -23.19
C GLU B 123 11.01 48.30 -24.13
N ALA B 124 10.29 47.42 -24.85
CA ALA B 124 9.25 47.87 -25.74
C ALA B 124 8.02 48.38 -24.99
N THR B 125 7.72 47.79 -23.84
CA THR B 125 6.58 48.24 -23.04
C THR B 125 6.82 49.63 -22.46
N LEU B 126 8.08 50.00 -22.23
CA LEU B 126 8.37 51.33 -21.72
C LEU B 126 8.08 52.41 -22.75
N SER B 127 8.19 52.08 -24.04
CA SER B 127 7.84 53.03 -25.08
C SER B 127 6.33 53.16 -25.25
N PHE B 128 5.58 52.08 -24.94
CA PHE B 128 4.13 52.14 -25.07
C PHE B 128 3.52 53.12 -24.08
N VAL B 129 4.05 53.17 -22.86
CA VAL B 129 3.55 54.06 -21.82
C VAL B 129 4.37 55.34 -21.74
N ALA B 130 5.23 55.60 -22.72
CA ALA B 130 6.12 56.75 -22.65
C ALA B 130 5.36 58.07 -22.60
N GLN B 131 4.33 58.21 -23.43
CA GLN B 131 3.57 59.45 -23.44
C GLN B 131 2.69 59.58 -22.20
N ASN B 132 2.13 58.46 -21.73
CA ASN B 132 1.27 58.50 -20.56
C ASN B 132 2.05 58.85 -19.30
N LYS B 133 3.33 58.51 -19.25
CA LYS B 133 4.14 58.76 -18.07
C LYS B 133 4.51 60.23 -17.93
N ILE B 134 4.29 61.04 -18.96
CA ILE B 134 4.60 62.47 -18.88
C ILE B 134 3.75 63.14 -17.81
N ASP B 135 2.46 62.82 -17.77
CA ASP B 135 1.59 63.38 -16.75
C ASP B 135 1.84 62.74 -15.39
N SER B 136 2.01 61.42 -15.36
CA SER B 136 2.20 60.71 -14.10
C SER B 136 3.54 61.04 -13.47
N LEU B 137 4.61 61.04 -14.27
CA LEU B 137 5.96 61.26 -13.74
C LEU B 137 6.71 62.27 -14.62
N HIS B 148 7.02 63.74 -30.26
CA HIS B 148 6.74 62.83 -29.16
C HIS B 148 6.03 61.57 -29.70
N ILE B 149 6.10 60.48 -28.95
CA ILE B 149 5.40 59.24 -29.32
C ILE B 149 3.90 59.43 -29.16
N PRO B 150 3.07 59.01 -30.12
CA PRO B 150 1.61 59.09 -29.93
C PRO B 150 1.15 58.01 -28.94
N SER B 151 -0.01 58.24 -28.30
CA SER B 151 -0.43 57.31 -27.24
C SER B 151 -0.97 56.00 -27.84
N THR B 152 -0.70 54.90 -27.13
CA THR B 152 -1.18 53.58 -27.51
C THR B 152 -2.52 53.29 -26.84
N ILE B 153 -3.45 52.72 -27.60
CA ILE B 153 -4.77 52.40 -27.07
C ILE B 153 -4.82 50.98 -26.52
N ALA B 154 -4.32 50.01 -27.27
CA ALA B 154 -4.34 48.62 -26.84
C ALA B 154 -3.13 47.90 -27.40
N VAL B 155 -2.77 46.79 -26.76
CA VAL B 155 -1.61 46.00 -27.12
C VAL B 155 -2.05 44.57 -27.38
N VAL B 156 -1.65 44.02 -28.52
CA VAL B 156 -1.83 42.59 -28.79
C VAL B 156 -0.73 41.83 -28.05
N GLY B 157 -1.13 40.90 -27.20
CA GLY B 157 -0.28 40.39 -26.15
C GLY B 157 0.91 39.59 -26.65
N ALA B 158 1.58 38.93 -25.70
CA ALA B 158 2.78 38.15 -25.97
C ALA B 158 2.42 36.68 -26.09
N THR B 159 3.44 35.84 -26.20
CA THR B 159 3.28 34.40 -26.34
C THR B 159 3.49 33.65 -25.03
N GLY B 160 4.62 33.88 -24.38
CA GLY B 160 4.91 33.17 -23.14
C GLY B 160 4.19 33.77 -21.95
N SER B 161 3.85 32.88 -21.00
CA SER B 161 3.10 33.32 -19.82
C SER B 161 3.93 34.23 -18.93
N GLY B 162 5.22 33.94 -18.77
CA GLY B 162 6.07 34.81 -17.96
C GLY B 162 6.23 36.18 -18.58
N VAL B 163 6.44 36.24 -19.90
CA VAL B 163 6.52 37.51 -20.59
C VAL B 163 5.22 38.27 -20.47
N SER B 164 4.08 37.57 -20.59
CA SER B 164 2.79 38.23 -20.48
C SER B 164 2.57 38.79 -19.08
N THR B 165 2.95 38.04 -18.05
CA THR B 165 2.83 38.56 -16.68
C THR B 165 3.70 39.79 -16.48
N ALA B 166 4.95 39.75 -16.97
CA ALA B 166 5.83 40.89 -16.81
C ALA B 166 5.28 42.13 -17.53
N VAL B 167 4.72 41.94 -18.72
CA VAL B 167 4.17 43.06 -19.46
C VAL B 167 2.90 43.60 -18.78
N ALA B 168 2.06 42.69 -18.26
CA ALA B 168 0.80 43.09 -17.67
C ALA B 168 1.00 43.82 -16.35
N ASN B 169 2.02 43.46 -15.58
CA ASN B 169 2.30 44.17 -14.33
C ASN B 169 2.49 45.67 -14.59
N LEU B 170 3.14 46.02 -15.70
CA LEU B 170 3.36 47.42 -16.05
C LEU B 170 2.19 48.04 -16.80
N LEU B 171 1.50 47.26 -17.65
CA LEU B 171 0.39 47.81 -18.40
C LEU B 171 -0.83 48.08 -17.52
N GLY B 172 -0.99 47.33 -16.42
CA GLY B 172 -2.12 47.54 -15.55
C GLY B 172 -2.06 48.82 -14.75
N LEU B 173 -0.88 49.44 -14.66
CA LEU B 173 -0.77 50.72 -13.95
C LEU B 173 -1.54 51.81 -14.67
N PHE B 174 -1.50 51.82 -16.00
CA PHE B 174 -2.14 52.86 -16.80
C PHE B 174 -3.47 52.42 -17.38
N TYR B 175 -3.96 51.24 -17.01
CA TYR B 175 -5.26 50.73 -17.45
C TYR B 175 -5.34 50.63 -18.98
N ILE B 176 -4.25 50.19 -19.60
CA ILE B 176 -4.21 49.94 -21.03
C ILE B 176 -4.60 48.47 -21.27
N PRO B 177 -5.61 48.19 -22.07
CA PRO B 177 -5.99 46.80 -22.32
C PRO B 177 -4.92 46.02 -23.06
N GLN B 178 -4.83 44.73 -22.76
CA GLN B 178 -3.88 43.83 -23.40
C GLN B 178 -4.58 42.53 -23.74
N VAL B 179 -4.56 42.15 -25.01
CA VAL B 179 -5.22 40.94 -25.48
C VAL B 179 -4.15 39.99 -26.02
N SER B 180 -4.04 38.82 -25.39
CA SER B 180 -3.02 37.83 -25.72
C SER B 180 -3.61 36.72 -26.58
N TYR B 181 -2.79 36.19 -27.49
CA TYR B 181 -3.22 35.14 -28.40
C TYR B 181 -2.68 33.76 -28.04
N ALA B 182 -1.72 33.66 -27.12
CA ALA B 182 -1.12 32.37 -26.82
C ALA B 182 -0.92 32.06 -25.34
N SER B 183 -1.02 33.05 -24.43
CA SER B 183 -0.76 32.80 -23.02
C SER B 183 -1.96 32.11 -22.39
N SER B 184 -1.73 30.95 -21.78
CA SER B 184 -2.82 30.12 -21.25
C SER B 184 -2.62 29.75 -19.79
N SER B 185 -1.75 30.45 -19.07
CA SER B 185 -1.54 30.16 -17.65
C SER B 185 -2.76 30.53 -16.82
N ARG B 186 -3.07 29.68 -15.84
CA ARG B 186 -4.17 29.97 -14.93
C ARG B 186 -3.86 31.10 -13.97
N LEU B 187 -2.59 31.51 -13.87
CA LEU B 187 -2.22 32.60 -12.98
C LEU B 187 -2.70 33.96 -13.48
N LEU B 188 -3.02 34.08 -14.76
CA LEU B 188 -3.47 35.33 -15.34
C LEU B 188 -4.96 35.56 -15.18
N SER B 189 -5.68 34.62 -14.58
CA SER B 189 -7.11 34.79 -14.33
C SER B 189 -7.41 35.57 -13.06
N ASN B 190 -6.39 35.91 -12.28
CA ASN B 190 -6.58 36.71 -11.07
C ASN B 190 -6.71 38.17 -11.47
N LYS B 191 -7.89 38.74 -11.27
CA LYS B 191 -8.16 40.12 -11.65
C LYS B 191 -7.77 41.12 -10.56
N ASN B 192 -7.33 40.63 -9.39
CA ASN B 192 -6.82 41.54 -8.37
C ASN B 192 -5.44 42.08 -8.72
N GLN B 193 -4.62 41.27 -9.39
CA GLN B 193 -3.28 41.67 -9.80
C GLN B 193 -3.21 42.14 -11.24
N PHE B 194 -3.99 41.52 -12.15
CA PHE B 194 -4.00 41.88 -13.56
C PHE B 194 -5.37 42.47 -13.88
N LYS B 195 -5.42 43.80 -13.97
CA LYS B 195 -6.69 44.51 -14.10
C LYS B 195 -7.17 44.67 -15.54
N SER B 196 -6.29 44.54 -16.53
CA SER B 196 -6.65 44.80 -17.91
C SER B 196 -6.08 43.73 -18.83
N PHE B 197 -6.21 42.46 -18.44
CA PHE B 197 -5.73 41.35 -19.25
C PHE B 197 -6.89 40.56 -19.83
N LEU B 198 -6.83 40.30 -21.13
CA LEU B 198 -7.78 39.45 -21.82
C LEU B 198 -7.02 38.52 -22.75
N ARG B 199 -7.67 37.43 -23.16
CA ARG B 199 -7.05 36.50 -24.08
C ARG B 199 -8.11 35.82 -24.94
N THR B 200 -7.70 35.36 -26.12
CA THR B 200 -8.55 34.61 -27.04
C THR B 200 -8.21 33.14 -27.05
N ILE B 201 -7.56 32.63 -26.00
CA ILE B 201 -7.15 31.23 -25.92
C ILE B 201 -7.60 30.69 -24.56
N PRO B 202 -8.08 29.46 -24.47
CA PRO B 202 -8.49 28.90 -23.17
C PRO B 202 -7.29 28.62 -22.28
N ASN B 203 -7.57 28.43 -21.00
CA ASN B 203 -6.53 28.11 -20.03
C ASN B 203 -6.37 26.59 -19.90
N ASP B 204 -5.40 26.16 -19.10
CA ASP B 204 -4.86 24.81 -19.17
C ASP B 204 -5.52 23.81 -18.23
N GLU B 205 -6.45 24.24 -17.38
CA GLU B 205 -7.08 23.30 -16.44
C GLU B 205 -7.85 22.21 -17.18
N HIS B 206 -8.59 22.61 -18.23
CA HIS B 206 -9.32 21.63 -19.03
C HIS B 206 -8.36 20.66 -19.71
N GLN B 207 -7.19 21.14 -20.13
CA GLN B 207 -6.24 20.27 -20.82
C GLN B 207 -5.58 19.29 -19.85
N ALA B 208 -5.28 19.73 -18.63
CA ALA B 208 -4.77 18.79 -17.63
C ALA B 208 -5.82 17.73 -17.28
N THR B 209 -7.08 18.14 -17.13
CA THR B 209 -8.14 17.17 -16.89
C THR B 209 -8.29 16.22 -18.07
N ALA B 210 -8.10 16.72 -19.29
CA ALA B 210 -8.16 15.87 -20.47
C ALA B 210 -7.05 14.83 -20.48
N MET B 211 -5.84 15.22 -20.08
CA MET B 211 -4.75 14.26 -20.00
C MET B 211 -5.04 13.18 -18.97
N ALA B 212 -5.56 13.58 -17.80
CA ALA B 212 -5.95 12.59 -16.80
C ALA B 212 -7.03 11.66 -17.34
N ASP B 213 -7.99 12.21 -18.08
CA ASP B 213 -9.05 11.40 -18.67
C ASP B 213 -8.50 10.40 -19.69
N ILE B 214 -7.53 10.83 -20.50
CA ILE B 214 -6.94 9.92 -21.48
C ILE B 214 -6.21 8.78 -20.78
N ILE B 215 -5.43 9.11 -19.74
CA ILE B 215 -4.69 8.08 -19.02
C ILE B 215 -5.65 7.09 -18.38
N GLU B 216 -6.76 7.59 -17.81
CA GLU B 216 -7.76 6.70 -17.23
C GLU B 216 -8.47 5.88 -18.30
N TYR B 217 -8.64 6.45 -19.50
CA TYR B 217 -9.29 5.73 -20.60
C TYR B 217 -8.46 4.53 -21.03
N PHE B 218 -7.15 4.71 -21.13
CA PHE B 218 -6.31 3.60 -21.59
C PHE B 218 -5.89 2.66 -20.47
N ARG B 219 -6.33 2.93 -19.23
CA ARG B 219 -6.16 2.02 -18.09
C ARG B 219 -4.68 1.83 -17.74
N TRP B 220 -3.97 2.93 -17.58
CA TRP B 220 -2.63 2.96 -17.04
C TRP B 220 -2.65 3.51 -15.62
N ASN B 221 -1.68 3.09 -14.81
CA ASN B 221 -1.61 3.58 -13.44
C ASN B 221 -0.18 3.86 -12.98
N TRP B 222 0.77 4.03 -13.90
CA TRP B 222 2.18 4.12 -13.53
C TRP B 222 2.87 5.02 -14.56
N VAL B 223 3.00 6.31 -14.22
CA VAL B 223 3.46 7.33 -15.15
C VAL B 223 4.49 8.23 -14.47
N GLY B 224 5.22 8.98 -15.31
CA GLY B 224 6.09 10.03 -14.82
C GLY B 224 5.76 11.33 -15.52
N THR B 225 6.24 12.43 -14.93
CA THR B 225 5.91 13.77 -15.41
C THR B 225 7.16 14.61 -15.58
N ILE B 226 7.13 15.50 -16.57
CA ILE B 226 8.20 16.46 -16.82
C ILE B 226 7.56 17.80 -17.16
N ALA B 227 8.05 18.87 -16.55
CA ALA B 227 7.47 20.19 -16.76
C ALA B 227 8.56 21.24 -16.93
N ALA B 228 8.25 22.28 -17.69
CA ALA B 228 9.15 23.41 -17.84
C ALA B 228 9.14 24.28 -16.58
N ASP B 229 10.30 24.81 -16.23
CA ASP B 229 10.45 25.60 -15.02
C ASP B 229 10.14 27.07 -15.30
N ASP B 230 8.85 27.34 -15.47
CA ASP B 230 8.37 28.70 -15.71
C ASP B 230 6.89 28.75 -15.31
N ASP B 231 6.23 29.86 -15.65
CA ASP B 231 4.85 30.08 -15.24
C ASP B 231 3.85 29.25 -16.03
N TYR B 232 4.27 28.55 -17.08
CA TYR B 232 3.37 27.75 -17.89
C TYR B 232 3.36 26.28 -17.52
N GLY B 233 4.52 25.70 -17.22
CA GLY B 233 4.61 24.28 -16.94
C GLY B 233 4.24 23.87 -15.54
N ARG B 234 4.69 24.64 -14.55
CA ARG B 234 4.46 24.27 -13.15
C ARG B 234 2.99 24.27 -12.75
N PRO B 235 2.19 25.32 -13.03
CA PRO B 235 0.77 25.23 -12.68
C PRO B 235 0.04 24.12 -13.40
N GLY B 236 0.37 23.88 -14.67
CA GLY B 236 -0.25 22.80 -15.40
C GLY B 236 0.06 21.43 -14.80
N ILE B 237 1.33 21.22 -14.44
CA ILE B 237 1.70 19.94 -13.86
C ILE B 237 1.11 19.78 -12.46
N GLU B 238 0.97 20.87 -11.71
CA GLU B 238 0.33 20.78 -10.40
C GLU B 238 -1.14 20.41 -10.53
N LYS B 239 -1.85 21.02 -11.49
CA LYS B 239 -3.24 20.66 -11.74
C LYS B 239 -3.36 19.21 -12.18
N PHE B 240 -2.46 18.76 -13.05
CA PHE B 240 -2.50 17.38 -13.51
C PHE B 240 -2.26 16.41 -12.35
N ARG B 241 -1.32 16.73 -11.46
CA ARG B 241 -1.08 15.86 -10.31
C ARG B 241 -2.30 15.79 -9.41
N GLU B 242 -2.94 16.95 -9.16
CA GLU B 242 -4.14 16.96 -8.33
C GLU B 242 -5.25 16.13 -8.97
N GLU B 243 -5.42 16.20 -10.29
CA GLU B 243 -6.47 15.45 -10.95
C GLU B 243 -6.14 13.96 -11.00
N ALA B 244 -4.87 13.60 -11.17
CA ALA B 244 -4.49 12.20 -11.29
C ALA B 244 -4.53 11.49 -9.96
N GLU B 245 -4.29 12.22 -8.86
CA GLU B 245 -4.35 11.58 -7.54
C GLU B 245 -5.75 11.05 -7.23
N GLU B 246 -6.79 11.70 -7.72
CA GLU B 246 -8.15 11.24 -7.38
C GLU B 246 -8.66 10.13 -8.30
N ARG B 247 -7.93 9.80 -9.37
CA ARG B 247 -8.27 8.67 -10.23
C ARG B 247 -7.46 7.42 -9.93
N ASP B 248 -6.74 7.40 -8.80
CA ASP B 248 -5.94 6.26 -8.38
C ASP B 248 -4.85 5.92 -9.41
N ILE B 249 -4.06 6.95 -9.75
CA ILE B 249 -2.93 6.81 -10.65
C ILE B 249 -1.68 7.19 -9.87
N CYS B 250 -0.68 6.32 -9.90
CA CYS B 250 0.57 6.53 -9.17
C CYS B 250 1.59 7.18 -10.09
N ILE B 251 2.26 8.22 -9.59
CA ILE B 251 3.25 8.96 -10.35
C ILE B 251 4.63 8.59 -9.83
N ASP B 252 5.51 8.15 -10.73
CA ASP B 252 6.82 7.66 -10.34
C ASP B 252 7.81 8.80 -10.09
N PHE B 253 8.06 9.62 -11.11
CA PHE B 253 9.03 10.71 -11.00
C PHE B 253 8.43 12.00 -11.52
N SER B 254 9.07 13.11 -11.14
CA SER B 254 8.65 14.44 -11.57
C SER B 254 9.88 15.33 -11.61
N GLU B 255 10.17 15.92 -12.77
CA GLU B 255 11.38 16.69 -12.99
C GLU B 255 11.06 18.02 -13.67
N LEU B 256 11.99 18.96 -13.52
CA LEU B 256 11.90 20.27 -14.15
C LEU B 256 13.05 20.47 -15.12
N ILE B 257 12.79 21.16 -16.22
CA ILE B 257 13.78 21.42 -17.25
C ILE B 257 13.70 22.89 -17.66
N SER B 258 14.69 23.34 -18.43
CA SER B 258 14.76 24.72 -18.87
C SER B 258 15.59 24.79 -20.14
N GLN B 259 15.43 25.91 -20.86
CA GLN B 259 16.23 26.15 -22.06
C GLN B 259 17.70 26.36 -21.73
N TYR B 260 17.99 26.85 -20.52
CA TYR B 260 19.36 27.15 -20.10
C TYR B 260 19.88 26.14 -19.08
N SER B 261 19.37 24.91 -19.12
CA SER B 261 19.87 23.85 -18.27
C SER B 261 21.26 23.44 -18.74
N ASP B 262 22.04 22.86 -17.83
CA ASP B 262 23.39 22.45 -18.15
C ASP B 262 23.47 20.93 -18.32
N GLU B 263 24.66 20.47 -18.73
CA GLU B 263 24.85 19.07 -19.08
C GLU B 263 24.61 18.15 -17.90
N GLU B 264 25.07 18.55 -16.71
CA GLU B 264 24.89 17.69 -15.54
C GLU B 264 23.42 17.55 -15.17
N GLU B 265 22.64 18.65 -15.26
CA GLU B 265 21.21 18.56 -15.02
C GLU B 265 20.53 17.67 -16.06
N ILE B 266 20.91 17.82 -17.33
CA ILE B 266 20.31 16.99 -18.38
C ILE B 266 20.61 15.52 -18.12
N GLN B 267 21.86 15.21 -17.75
CA GLN B 267 22.23 13.82 -17.51
C GLN B 267 21.53 13.26 -16.28
N HIS B 268 21.33 14.09 -15.25
CA HIS B 268 20.59 13.64 -14.07
C HIS B 268 19.15 13.30 -14.44
N VAL B 269 18.51 14.15 -15.25
CA VAL B 269 17.14 13.88 -15.67
C VAL B 269 17.09 12.60 -16.52
N VAL B 270 18.08 12.41 -17.40
CA VAL B 270 18.10 11.23 -18.24
C VAL B 270 18.28 9.97 -17.41
N GLU B 271 19.13 10.02 -16.38
CA GLU B 271 19.31 8.87 -15.51
C GLU B 271 18.03 8.57 -14.73
N VAL B 272 17.34 9.61 -14.26
CA VAL B 272 16.07 9.41 -13.57
C VAL B 272 15.06 8.73 -14.49
N ILE B 273 15.01 9.16 -15.75
CA ILE B 273 14.10 8.54 -16.72
C ILE B 273 14.49 7.07 -16.96
N GLN B 274 15.79 6.81 -17.11
CA GLN B 274 16.28 5.48 -17.47
C GLN B 274 16.07 4.45 -16.38
N ASN B 275 16.18 4.86 -15.11
CA ASN B 275 16.05 3.91 -14.00
C ASN B 275 14.61 3.51 -13.71
N SER B 276 13.64 3.97 -14.49
CA SER B 276 12.22 3.78 -14.18
C SER B 276 11.58 2.77 -15.13
N THR B 277 10.56 2.08 -14.63
CA THR B 277 9.81 1.11 -15.42
C THR B 277 8.57 1.70 -16.07
N ALA B 278 8.19 2.92 -15.71
CA ALA B 278 7.02 3.55 -16.31
C ALA B 278 7.29 3.88 -17.78
N LYS B 279 6.27 3.64 -18.63
CA LYS B 279 6.40 3.88 -20.06
C LYS B 279 5.74 5.17 -20.52
N VAL B 280 4.76 5.69 -19.79
CA VAL B 280 4.01 6.87 -20.19
C VAL B 280 4.58 8.08 -19.48
N ILE B 281 4.87 9.14 -20.24
CA ILE B 281 5.46 10.37 -19.72
C ILE B 281 4.61 11.55 -20.17
N VAL B 282 4.27 12.43 -19.23
CA VAL B 282 3.45 13.61 -19.47
C VAL B 282 4.35 14.84 -19.38
N VAL B 283 4.36 15.64 -20.45
CA VAL B 283 5.26 16.79 -20.55
C VAL B 283 4.45 18.06 -20.78
N PHE B 284 4.65 19.05 -19.90
CA PHE B 284 4.12 20.40 -20.06
C PHE B 284 5.29 21.33 -20.33
N SER B 285 5.53 21.63 -21.61
CA SER B 285 6.67 22.46 -21.99
C SER B 285 6.47 22.95 -23.41
N SER B 286 7.46 23.71 -23.89
CA SER B 286 7.53 24.16 -25.27
C SER B 286 8.81 23.64 -25.91
N GLY B 287 8.93 23.84 -27.22
CA GLY B 287 10.04 23.33 -27.98
C GLY B 287 11.40 23.86 -27.56
N PRO B 288 11.53 25.18 -27.41
CA PRO B 288 12.81 25.72 -26.93
C PRO B 288 13.22 25.20 -25.57
N ASP B 289 12.26 24.95 -24.67
CA ASP B 289 12.58 24.41 -23.35
C ASP B 289 12.76 22.90 -23.36
N LEU B 290 12.34 22.21 -24.41
CA LEU B 290 12.41 20.75 -24.46
C LEU B 290 13.52 20.22 -25.35
N GLU B 291 14.08 21.03 -26.25
CA GLU B 291 15.02 20.52 -27.25
C GLU B 291 16.26 19.84 -26.67
N PRO B 292 16.97 20.40 -25.68
CA PRO B 292 18.19 19.73 -25.19
C PRO B 292 17.96 18.33 -24.65
N LEU B 293 16.88 18.13 -23.89
CA LEU B 293 16.60 16.81 -23.35
C LEU B 293 16.31 15.80 -24.47
N ILE B 294 15.57 16.23 -25.48
CA ILE B 294 15.29 15.36 -26.62
C ILE B 294 16.58 15.01 -27.34
N LYS B 295 17.48 15.98 -27.49
CA LYS B 295 18.76 15.72 -28.15
C LYS B 295 19.58 14.70 -27.38
N GLU B 296 19.64 14.84 -26.06
CA GLU B 296 20.39 13.87 -25.26
C GLU B 296 19.77 12.48 -25.32
N ILE B 297 18.44 12.39 -25.25
CA ILE B 297 17.78 11.10 -25.32
C ILE B 297 17.99 10.46 -26.67
N VAL B 298 17.98 11.25 -27.75
CA VAL B 298 18.26 10.72 -29.08
C VAL B 298 19.68 10.20 -29.17
N ARG B 299 20.64 10.96 -28.62
CA ARG B 299 22.03 10.52 -28.66
C ARG B 299 22.22 9.21 -27.90
N ARG B 300 21.56 9.06 -26.75
CA ARG B 300 21.66 7.83 -25.98
C ARG B 300 20.78 6.70 -26.53
N ASN B 301 19.89 7.00 -27.47
CA ASN B 301 19.05 5.99 -28.11
C ASN B 301 18.17 5.25 -27.10
N ILE B 302 17.27 6.01 -26.47
CA ILE B 302 16.28 5.47 -25.55
C ILE B 302 14.95 5.37 -26.31
N THR B 303 14.45 4.15 -26.46
CA THR B 303 13.25 3.88 -27.23
C THR B 303 12.18 3.25 -26.33
N GLY B 304 10.96 3.16 -26.87
CA GLY B 304 9.87 2.49 -26.20
C GLY B 304 9.00 3.34 -25.30
N LYS B 305 9.20 4.64 -25.28
CA LYS B 305 8.44 5.52 -24.40
C LYS B 305 7.19 6.05 -25.09
N ILE B 306 6.18 6.33 -24.29
CA ILE B 306 4.91 6.89 -24.76
C ILE B 306 4.80 8.33 -24.27
N TRP B 307 4.79 9.28 -25.19
CA TRP B 307 4.79 10.69 -24.87
C TRP B 307 3.40 11.28 -25.00
N LEU B 308 2.98 12.04 -24.00
CA LEU B 308 1.75 12.83 -24.03
C LEU B 308 2.14 14.30 -24.09
N ALA B 309 1.76 14.98 -25.17
CA ALA B 309 2.23 16.32 -25.46
C ALA B 309 1.15 17.36 -25.18
N SER B 310 1.56 18.47 -24.57
CA SER B 310 0.68 19.62 -24.43
C SER B 310 0.67 20.43 -25.72
N GLU B 311 -0.26 21.38 -25.79
CA GLU B 311 -0.48 22.14 -27.01
C GLU B 311 0.73 22.94 -27.46
N ALA B 312 1.63 23.30 -26.53
CA ALA B 312 2.73 24.18 -26.88
C ALA B 312 3.76 23.50 -27.78
N TRP B 313 4.05 22.22 -27.54
CA TRP B 313 5.04 21.50 -28.34
C TRP B 313 4.47 20.35 -29.15
N ALA B 314 3.13 20.18 -29.17
CA ALA B 314 2.53 19.09 -29.93
C ALA B 314 2.60 19.32 -31.44
N SER B 315 2.97 20.53 -31.88
CA SER B 315 3.11 20.83 -33.30
C SER B 315 4.38 21.63 -33.56
N SER B 316 5.44 21.36 -32.79
CA SER B 316 6.67 22.13 -32.87
C SER B 316 7.58 21.54 -33.94
N SER B 317 8.07 22.41 -34.83
CA SER B 317 9.01 21.97 -35.86
C SER B 317 10.40 21.71 -35.30
N LEU B 318 10.68 22.16 -34.07
CA LEU B 318 11.98 21.90 -33.46
C LEU B 318 12.11 20.46 -32.97
N ILE B 319 10.99 19.82 -32.63
CA ILE B 319 11.01 18.48 -32.11
C ILE B 319 10.45 17.46 -33.11
N ALA B 320 9.52 17.87 -33.97
CA ALA B 320 8.96 16.98 -34.99
C ALA B 320 9.91 16.91 -36.19
N MET B 321 11.10 16.38 -35.93
CA MET B 321 12.11 16.23 -36.97
C MET B 321 12.19 14.78 -37.42
N PRO B 322 12.44 14.53 -38.71
CA PRO B 322 12.44 13.16 -39.22
C PRO B 322 13.49 12.26 -38.57
N GLN B 323 14.61 12.83 -38.11
CA GLN B 323 15.68 12.03 -37.54
C GLN B 323 15.47 11.71 -36.07
N TYR B 324 14.42 12.24 -35.45
CA TYR B 324 14.08 11.92 -34.06
C TYR B 324 12.96 10.91 -33.94
N PHE B 325 12.51 10.33 -35.05
CA PHE B 325 11.28 9.54 -35.02
C PHE B 325 11.41 8.30 -34.16
N HIS B 326 12.61 7.71 -34.07
CA HIS B 326 12.77 6.52 -33.26
C HIS B 326 12.64 6.80 -31.77
N VAL B 327 12.59 8.07 -31.36
CA VAL B 327 12.36 8.44 -29.99
C VAL B 327 10.99 9.10 -29.80
N VAL B 328 10.57 9.94 -30.74
CA VAL B 328 9.35 10.72 -30.56
C VAL B 328 8.25 10.29 -31.52
N GLY B 329 8.31 9.04 -31.98
CA GLY B 329 7.26 8.53 -32.85
C GLY B 329 6.02 8.14 -32.08
N GLY B 330 4.87 8.33 -32.72
CA GLY B 330 3.60 7.99 -32.12
C GLY B 330 3.22 8.82 -30.91
N THR B 331 3.52 10.11 -30.92
CA THR B 331 3.14 11.01 -29.84
C THR B 331 1.66 11.36 -29.94
N ILE B 332 1.00 11.46 -28.78
CA ILE B 332 -0.39 11.90 -28.69
C ILE B 332 -0.40 13.25 -27.99
N GLY B 333 -0.99 14.25 -28.65
CA GLY B 333 -1.01 15.59 -28.12
C GLY B 333 -2.31 16.32 -28.39
N PHE B 334 -2.35 17.61 -28.05
CA PHE B 334 -3.54 18.42 -28.19
C PHE B 334 -3.30 19.54 -29.19
N ALA B 335 -4.38 19.95 -29.86
CA ALA B 335 -4.33 21.05 -30.81
C ALA B 335 -5.60 21.89 -30.66
N LEU B 336 -5.47 23.18 -30.96
CA LEU B 336 -6.61 24.08 -30.91
C LEU B 336 -7.46 23.93 -32.19
N LYS B 337 -8.56 24.68 -32.24
CA LYS B 337 -9.48 24.62 -33.37
C LYS B 337 -9.03 25.57 -34.47
N ALA B 338 -9.17 25.13 -35.72
CA ALA B 338 -8.70 25.88 -36.87
C ALA B 338 -9.76 26.86 -37.37
N GLY B 339 -9.30 27.92 -38.01
CA GLY B 339 -10.18 28.92 -38.58
C GLY B 339 -9.78 29.24 -40.02
N GLN B 340 -10.60 30.08 -40.65
CA GLN B 340 -10.42 30.42 -42.06
C GLN B 340 -10.18 31.91 -42.20
N ILE B 341 -9.16 32.26 -42.99
CA ILE B 341 -8.89 33.63 -43.42
C ILE B 341 -8.69 33.60 -44.93
N PRO B 342 -9.63 34.12 -45.73
CA PRO B 342 -9.65 33.81 -47.17
C PRO B 342 -8.43 34.21 -47.97
N GLY B 343 -8.09 35.50 -47.98
CA GLY B 343 -7.01 35.98 -48.84
C GLY B 343 -5.66 36.04 -48.16
N PHE B 344 -5.54 35.36 -47.02
CA PHE B 344 -4.33 35.47 -46.22
C PHE B 344 -3.12 34.90 -46.94
N ARG B 345 -3.27 33.76 -47.61
CA ARG B 345 -2.11 33.15 -48.29
C ARG B 345 -1.64 34.01 -49.46
N GLU B 346 -2.59 34.57 -50.22
CA GLU B 346 -2.22 35.47 -51.31
C GLU B 346 -1.54 36.73 -50.77
N PHE B 347 -1.99 37.22 -49.61
CA PHE B 347 -1.29 38.33 -48.97
C PHE B 347 0.13 37.92 -48.56
N LEU B 348 0.28 36.70 -48.05
CA LEU B 348 1.59 36.23 -47.59
C LEU B 348 2.57 36.10 -48.75
N LYS B 349 2.10 35.70 -49.92
CA LYS B 349 2.97 35.52 -51.06
C LYS B 349 3.41 36.82 -51.73
N LYS B 350 3.21 37.96 -51.07
CA LYS B 350 3.50 39.27 -51.65
C LYS B 350 4.60 40.03 -50.94
N VAL B 351 5.21 39.45 -49.90
CA VAL B 351 6.21 40.17 -49.13
C VAL B 351 7.47 40.38 -49.96
N HIS B 352 8.09 41.56 -49.82
CA HIS B 352 9.27 41.92 -50.58
C HIS B 352 10.17 42.78 -49.70
N PRO B 353 11.49 42.60 -49.78
CA PRO B 353 12.38 43.42 -48.95
C PRO B 353 12.40 44.89 -49.33
N ARG B 354 11.96 45.25 -50.53
CA ARG B 354 11.99 46.64 -50.99
C ARG B 354 10.63 47.31 -50.93
N LYS B 355 9.55 46.59 -51.24
CA LYS B 355 8.22 47.18 -51.29
C LYS B 355 7.57 47.27 -49.91
N SER B 356 8.09 46.54 -48.92
CA SER B 356 7.55 46.58 -47.56
C SER B 356 8.32 47.65 -46.78
N VAL B 357 7.93 48.91 -47.01
CA VAL B 357 8.57 50.02 -46.34
C VAL B 357 8.21 50.05 -44.86
N HIS B 358 6.96 49.73 -44.53
CA HIS B 358 6.53 49.79 -43.14
C HIS B 358 6.98 48.56 -42.36
N ASN B 359 7.38 47.48 -43.04
CA ASN B 359 7.80 46.25 -42.38
C ASN B 359 9.33 46.22 -42.33
N GLY B 360 9.88 46.35 -41.13
CA GLY B 360 11.32 46.33 -40.96
C GLY B 360 11.95 44.98 -40.76
N PHE B 361 11.14 43.93 -40.60
CA PHE B 361 11.65 42.57 -40.45
C PHE B 361 11.75 41.83 -41.78
N ALA B 362 11.27 42.42 -42.87
CA ALA B 362 11.27 41.73 -44.15
C ALA B 362 12.68 41.54 -44.69
N LYS B 363 13.60 42.44 -44.36
CA LYS B 363 14.98 42.31 -44.85
C LYS B 363 15.65 41.07 -44.28
N GLU B 364 15.59 40.91 -42.95
CA GLU B 364 16.15 39.72 -42.34
C GLU B 364 15.37 38.47 -42.73
N PHE B 365 14.05 38.59 -42.92
CA PHE B 365 13.27 37.45 -43.41
C PHE B 365 13.79 36.98 -44.76
N TRP B 366 14.02 37.92 -45.68
CA TRP B 366 14.52 37.58 -47.02
C TRP B 366 15.91 36.96 -46.93
N GLU B 367 16.79 37.55 -46.13
CA GLU B 367 18.15 37.04 -46.02
C GLU B 367 18.17 35.63 -45.43
N GLU B 368 17.37 35.39 -44.40
CA GLU B 368 17.30 34.05 -43.82
C GLU B 368 16.68 33.05 -44.77
N THR B 369 15.67 33.48 -45.55
CA THR B 369 15.00 32.57 -46.46
C THR B 369 15.90 32.15 -47.61
N PHE B 370 16.63 33.09 -48.21
CA PHE B 370 17.38 32.79 -49.42
C PHE B 370 18.88 32.69 -49.21
N ASN B 371 19.35 32.78 -47.96
CA ASN B 371 20.77 32.60 -47.63
C ASN B 371 21.66 33.50 -48.48
N CYS B 372 21.29 34.78 -48.54
CA CYS B 372 22.04 35.77 -49.29
C CYS B 372 22.14 37.04 -48.45
N HIS B 373 22.84 38.04 -48.98
CA HIS B 373 23.08 39.31 -48.29
C HIS B 373 22.52 40.45 -49.14
N LEU B 374 21.89 41.42 -48.47
CA LEU B 374 21.28 42.55 -49.15
C LEU B 374 22.22 43.75 -49.08
N GLN B 375 22.67 44.20 -50.25
CA GLN B 375 23.61 45.33 -50.33
C GLN B 375 22.81 46.61 -50.48
N GLU B 376 22.70 47.38 -49.40
CA GLU B 376 21.97 48.63 -49.44
C GLU B 376 22.80 49.70 -50.14
N GLY B 377 22.18 50.39 -51.09
CA GLY B 377 22.85 51.43 -51.84
C GLY B 377 22.44 52.83 -51.44
N ARG B 406 28.48 33.82 -48.33
CA ARG B 406 27.11 34.26 -48.57
C ARG B 406 27.03 35.19 -49.79
N PRO B 407 26.37 34.72 -50.85
CA PRO B 407 26.26 35.52 -52.08
C PRO B 407 25.37 36.74 -51.91
N LEU B 408 25.17 37.48 -53.00
CA LEU B 408 24.44 38.73 -52.98
C LEU B 408 22.99 38.51 -53.40
N CYS B 409 22.06 39.05 -52.61
CA CYS B 409 20.65 38.97 -52.97
C CYS B 409 20.37 39.78 -54.24
N THR B 410 19.55 39.22 -55.11
CA THR B 410 19.16 39.89 -56.35
C THR B 410 17.75 40.47 -56.29
N GLY B 411 16.90 39.99 -55.39
CA GLY B 411 15.62 40.61 -55.14
C GLY B 411 14.48 40.15 -56.01
N ASP B 412 14.73 39.27 -56.99
CA ASP B 412 13.66 38.74 -57.84
C ASP B 412 13.42 37.25 -57.63
N GLU B 413 13.85 36.72 -56.49
CA GLU B 413 13.67 35.30 -56.20
C GLU B 413 12.19 34.98 -55.98
N ASN B 414 11.90 33.70 -55.78
CA ASN B 414 10.55 33.20 -55.60
C ASN B 414 10.42 32.56 -54.23
N ILE B 415 9.41 32.99 -53.47
CA ILE B 415 9.19 32.46 -52.13
C ILE B 415 8.79 30.99 -52.19
N SER B 416 8.09 30.59 -53.24
CA SER B 416 7.65 29.19 -53.37
C SER B 416 8.80 28.21 -53.55
N SER B 417 10.01 28.70 -53.85
CA SER B 417 11.13 27.81 -54.11
C SER B 417 11.68 27.17 -52.84
N VAL B 418 11.64 27.87 -51.72
CA VAL B 418 12.22 27.39 -50.47
C VAL B 418 11.09 26.99 -49.53
N GLU B 419 11.22 25.81 -48.91
CA GLU B 419 10.21 25.26 -48.02
C GLU B 419 10.55 25.64 -46.58
N THR B 420 9.75 26.51 -45.99
CA THR B 420 9.89 26.97 -44.62
C THR B 420 8.51 26.96 -43.97
N PRO B 421 8.43 27.03 -42.63
CA PRO B 421 7.11 27.11 -41.98
C PRO B 421 6.31 28.36 -42.30
N TYR B 422 6.85 29.23 -43.17
CA TYR B 422 6.17 30.48 -43.49
C TYR B 422 4.88 30.24 -44.25
N ILE B 423 4.91 29.38 -45.27
CA ILE B 423 3.73 29.05 -46.06
C ILE B 423 3.50 27.56 -46.17
N ASP B 424 4.32 26.73 -45.52
CA ASP B 424 4.13 25.29 -45.51
C ASP B 424 3.33 24.93 -44.26
N TYR B 425 2.01 25.15 -44.33
CA TYR B 425 1.13 24.89 -43.21
C TYR B 425 -0.19 24.33 -43.74
N THR B 426 -0.90 23.61 -42.87
CA THR B 426 -2.21 23.07 -43.19
C THR B 426 -3.36 23.78 -42.49
N HIS B 427 -3.17 24.21 -41.26
CA HIS B 427 -4.23 24.84 -40.48
C HIS B 427 -3.72 26.13 -39.85
N LEU B 428 -4.62 27.10 -39.70
CA LEU B 428 -4.33 28.36 -39.01
C LEU B 428 -5.03 28.32 -37.65
N ARG B 429 -4.25 28.27 -36.57
CA ARG B 429 -4.81 28.20 -35.23
C ARG B 429 -4.46 29.42 -34.37
N ILE B 430 -3.17 29.71 -34.20
CA ILE B 430 -2.79 30.90 -33.45
C ILE B 430 -2.93 32.15 -34.31
N SER B 431 -2.74 32.02 -35.63
CA SER B 431 -2.97 33.14 -36.53
C SER B 431 -4.42 33.60 -36.46
N TYR B 432 -5.35 32.65 -36.39
CA TYR B 432 -6.75 32.99 -36.23
C TYR B 432 -6.98 33.70 -34.91
N ASN B 433 -6.28 33.29 -33.85
CA ASN B 433 -6.40 34.01 -32.58
C ASN B 433 -5.92 35.47 -32.68
N VAL B 434 -4.81 35.70 -33.37
CA VAL B 434 -4.33 37.08 -33.58
C VAL B 434 -5.36 37.89 -34.35
N TYR B 435 -5.89 37.31 -35.43
CA TYR B 435 -6.95 37.93 -36.21
C TYR B 435 -8.15 38.30 -35.32
N LEU B 436 -8.55 37.37 -34.44
CA LEU B 436 -9.70 37.59 -33.58
C LEU B 436 -9.45 38.70 -32.57
N ALA B 437 -8.24 38.76 -32.02
CA ALA B 437 -7.92 39.83 -31.07
C ALA B 437 -7.99 41.20 -31.73
N VAL B 438 -7.43 41.31 -32.94
CA VAL B 438 -7.50 42.58 -33.65
C VAL B 438 -8.95 42.97 -33.93
N TYR B 439 -9.75 42.01 -34.38
CA TYR B 439 -11.14 42.32 -34.68
C TYR B 439 -11.94 42.63 -33.41
N SER B 440 -11.57 42.04 -32.27
CA SER B 440 -12.21 42.39 -31.01
C SER B 440 -11.96 43.85 -30.65
N ILE B 441 -10.71 44.30 -30.78
CA ILE B 441 -10.41 45.70 -30.49
C ILE B 441 -11.18 46.61 -31.45
N ALA B 442 -11.23 46.23 -32.73
CA ALA B 442 -11.95 47.05 -33.71
C ALA B 442 -13.44 47.12 -33.38
N HIS B 443 -14.04 46.01 -32.96
CA HIS B 443 -15.47 46.02 -32.64
C HIS B 443 -15.76 46.81 -31.37
N ALA B 444 -14.86 46.79 -30.40
CA ALA B 444 -15.03 47.66 -29.24
C ALA B 444 -14.99 49.13 -29.66
N LEU B 445 -14.06 49.49 -30.55
CA LEU B 445 -14.01 50.88 -31.01
C LEU B 445 -15.28 51.24 -31.79
N GLN B 446 -15.80 50.32 -32.59
CA GLN B 446 -17.05 50.58 -33.32
C GLN B 446 -18.22 50.75 -32.37
N ASP B 447 -18.27 49.95 -31.30
CA ASP B 447 -19.32 50.11 -30.29
C ASP B 447 -19.23 51.48 -29.63
N ILE B 448 -18.01 51.96 -29.38
CA ILE B 448 -17.85 53.34 -28.90
C ILE B 448 -18.37 54.33 -29.93
N TYR B 449 -18.07 54.09 -31.20
CA TYR B 449 -18.45 55.02 -32.26
C TYR B 449 -19.98 55.15 -32.39
N THR B 450 -20.70 54.03 -32.28
CA THR B 450 -22.13 54.03 -32.55
C THR B 450 -22.99 54.22 -31.29
N CYS B 451 -22.46 54.89 -30.28
CA CYS B 451 -23.21 55.11 -29.05
C CYS B 451 -24.29 56.16 -29.26
N LEU B 452 -25.35 56.05 -28.45
CA LEU B 452 -26.46 57.00 -28.49
C LEU B 452 -26.58 57.71 -27.14
N PRO B 453 -26.74 59.03 -27.13
CA PRO B 453 -26.72 59.76 -25.86
C PRO B 453 -27.83 59.34 -24.92
N GLY B 454 -27.48 59.14 -23.65
CA GLY B 454 -28.41 58.68 -22.65
C GLY B 454 -28.46 57.18 -22.47
N ARG B 455 -27.75 56.41 -23.30
CA ARG B 455 -27.77 54.95 -23.24
C ARG B 455 -26.36 54.37 -23.18
N GLY B 456 -25.40 55.13 -22.65
CA GLY B 456 -24.03 54.67 -22.59
C GLY B 456 -23.75 53.73 -21.43
N LEU B 457 -22.51 53.26 -21.37
CA LEU B 457 -22.03 52.41 -20.29
C LEU B 457 -21.41 53.21 -19.15
N PHE B 458 -21.41 54.54 -19.23
CA PHE B 458 -20.79 55.40 -18.24
C PHE B 458 -21.87 56.05 -17.38
N THR B 459 -21.44 56.95 -16.50
CA THR B 459 -22.37 57.58 -15.56
C THR B 459 -23.45 58.36 -16.30
N ASN B 460 -24.69 58.24 -15.79
CA ASN B 460 -25.85 58.91 -16.35
C ASN B 460 -26.14 58.47 -17.78
N GLY B 461 -25.59 57.34 -18.20
CA GLY B 461 -25.79 56.88 -19.56
C GLY B 461 -25.06 57.68 -20.61
N SER B 462 -24.03 58.42 -20.23
CA SER B 462 -23.29 59.23 -21.19
C SER B 462 -22.41 58.36 -22.07
N CYS B 463 -22.12 58.87 -23.26
CA CYS B 463 -21.26 58.20 -24.22
C CYS B 463 -19.89 58.85 -24.24
N ALA B 464 -18.89 58.06 -24.66
CA ALA B 464 -17.54 58.57 -24.81
C ALA B 464 -17.40 59.33 -26.12
N ASP B 465 -16.28 60.03 -26.26
CA ASP B 465 -15.99 60.82 -27.45
C ASP B 465 -14.97 60.07 -28.30
N ILE B 466 -15.31 59.83 -29.56
CA ILE B 466 -14.45 59.03 -30.44
C ILE B 466 -13.18 59.80 -30.79
N LYS B 467 -13.22 61.13 -30.79
CA LYS B 467 -12.05 61.93 -31.09
C LYS B 467 -11.11 62.10 -29.91
N LYS B 468 -11.55 61.74 -28.70
CA LYS B 468 -10.71 61.81 -27.50
C LYS B 468 -10.87 60.54 -26.67
N VAL B 469 -11.04 59.40 -27.34
CA VAL B 469 -11.22 58.14 -26.64
C VAL B 469 -9.97 57.80 -25.82
N GLU B 470 -10.18 57.08 -24.72
CA GLU B 470 -9.12 56.73 -23.80
C GLU B 470 -9.09 55.23 -23.57
N ALA B 471 -7.94 54.78 -23.05
CA ALA B 471 -7.68 53.36 -22.91
C ALA B 471 -8.62 52.70 -21.91
N TRP B 472 -8.96 53.40 -20.82
CA TRP B 472 -9.84 52.80 -19.83
C TRP B 472 -11.27 52.66 -20.36
N GLN B 473 -11.72 53.62 -21.18
CA GLN B 473 -13.02 53.47 -21.82
C GLN B 473 -13.00 52.32 -22.83
N VAL B 474 -11.90 52.17 -23.56
CA VAL B 474 -11.78 51.03 -24.48
C VAL B 474 -11.82 49.72 -23.69
N LEU B 475 -11.19 49.69 -22.52
CA LEU B 475 -11.21 48.49 -21.68
C LEU B 475 -12.61 48.20 -21.17
N LYS B 476 -13.36 49.24 -20.81
CA LYS B 476 -14.73 49.04 -20.36
C LYS B 476 -15.58 48.42 -21.47
N HIS B 477 -15.50 48.97 -22.68
CA HIS B 477 -16.27 48.37 -23.79
C HIS B 477 -15.75 46.99 -24.17
N LEU B 478 -14.46 46.72 -23.96
CA LEU B 478 -13.96 45.36 -24.14
C LEU B 478 -14.58 44.39 -23.14
N ARG B 479 -14.72 44.83 -21.89
CA ARG B 479 -15.38 44.00 -20.88
C ARG B 479 -16.83 43.74 -21.24
N HIS B 480 -17.54 44.75 -21.76
CA HIS B 480 -18.91 44.56 -22.25
C HIS B 480 -18.90 44.45 -23.76
N LEU B 481 -18.52 43.27 -24.27
CA LEU B 481 -18.38 43.05 -25.70
C LEU B 481 -19.10 41.77 -26.11
N ASN B 482 -19.72 41.80 -27.29
CA ASN B 482 -20.42 40.64 -27.84
C ASN B 482 -20.60 40.88 -29.34
N PHE B 483 -19.96 40.05 -30.17
CA PHE B 483 -20.07 40.20 -31.62
C PHE B 483 -19.96 38.84 -32.28
N THR B 484 -20.19 38.83 -33.59
CA THR B 484 -20.16 37.62 -34.41
C THR B 484 -18.99 37.70 -35.39
N ASN B 485 -18.23 36.62 -35.49
CA ASN B 485 -17.04 36.59 -36.33
C ASN B 485 -17.42 36.22 -37.78
N ASN B 486 -16.42 36.05 -38.63
CA ASN B 486 -16.65 35.73 -40.04
C ASN B 486 -17.16 34.32 -40.25
N MET B 487 -17.09 33.45 -39.23
CA MET B 487 -17.53 32.07 -39.35
C MET B 487 -18.92 31.83 -38.77
N GLY B 488 -19.59 32.89 -38.30
CA GLY B 488 -20.92 32.74 -37.73
C GLY B 488 -20.95 32.39 -36.26
N GLU B 489 -19.87 32.59 -35.53
CA GLU B 489 -19.79 32.26 -34.12
C GLU B 489 -19.78 33.52 -33.27
N GLN B 490 -20.28 33.41 -32.04
CA GLN B 490 -20.33 34.53 -31.11
C GLN B 490 -19.05 34.58 -30.29
N VAL B 491 -18.57 35.79 -30.02
CA VAL B 491 -17.35 36.01 -29.25
C VAL B 491 -17.69 36.86 -28.05
N THR B 492 -17.50 36.30 -26.86
CA THR B 492 -17.75 37.00 -25.61
C THR B 492 -16.62 36.69 -24.64
N PHE B 493 -16.37 37.61 -23.72
CA PHE B 493 -15.39 37.44 -22.66
C PHE B 493 -16.10 37.35 -21.31
N ASP B 494 -15.67 36.41 -20.48
CA ASP B 494 -16.31 36.18 -19.19
C ASP B 494 -15.83 37.22 -18.18
N GLU B 495 -16.16 37.00 -16.90
CA GLU B 495 -15.76 37.95 -15.87
C GLU B 495 -14.25 37.99 -15.68
N CYS B 496 -13.55 36.92 -16.06
CA CYS B 496 -12.09 36.85 -15.95
C CYS B 496 -11.40 37.13 -17.27
N GLY B 497 -12.13 37.51 -18.32
CA GLY B 497 -11.54 37.73 -19.63
C GLY B 497 -11.04 36.50 -20.32
N ASP B 498 -11.80 35.41 -20.27
CA ASP B 498 -11.41 34.13 -20.84
C ASP B 498 -12.35 33.74 -21.97
N LEU B 499 -11.83 32.96 -22.92
CA LEU B 499 -12.60 32.44 -24.05
C LEU B 499 -12.43 30.94 -24.11
N VAL B 500 -13.53 30.21 -24.04
CA VAL B 500 -13.51 28.75 -23.97
C VAL B 500 -13.63 28.17 -25.38
N GLY B 501 -13.07 26.99 -25.56
CA GLY B 501 -13.13 26.32 -26.85
C GLY B 501 -12.85 24.84 -26.70
N ASN B 502 -13.05 24.13 -27.81
CA ASN B 502 -12.82 22.70 -27.88
C ASN B 502 -11.33 22.39 -28.07
N TYR B 503 -11.00 21.11 -27.94
CA TYR B 503 -9.65 20.63 -28.22
C TYR B 503 -9.71 19.50 -29.24
N SER B 504 -8.61 19.33 -29.97
CA SER B 504 -8.45 18.25 -30.92
C SER B 504 -7.26 17.39 -30.52
N ILE B 505 -7.34 16.10 -30.81
CA ILE B 505 -6.33 15.13 -30.42
C ILE B 505 -5.66 14.59 -31.68
N ILE B 506 -4.33 14.62 -31.70
CA ILE B 506 -3.55 14.28 -32.88
C ILE B 506 -2.57 13.17 -32.53
N ASN B 507 -2.09 12.50 -33.58
CA ASN B 507 -1.09 11.45 -33.46
C ASN B 507 0.01 11.69 -34.49
N TRP B 508 1.26 11.42 -34.10
CA TRP B 508 2.41 11.63 -34.97
C TRP B 508 2.65 10.39 -35.83
N HIS B 509 2.58 10.56 -37.14
CA HIS B 509 2.83 9.50 -38.10
C HIS B 509 4.04 9.85 -38.96
N LEU B 510 4.41 8.92 -39.84
CA LEU B 510 5.52 9.12 -40.77
C LEU B 510 5.00 9.04 -42.20
N SER B 511 5.40 10.00 -43.02
CA SER B 511 4.89 10.08 -44.39
C SER B 511 5.62 9.09 -45.29
N PRO B 512 4.90 8.30 -46.10
CA PRO B 512 5.58 7.41 -47.04
C PRO B 512 6.12 8.12 -48.27
N GLU B 513 5.46 9.20 -48.68
CA GLU B 513 5.89 9.93 -49.87
C GLU B 513 7.12 10.78 -49.61
N ASP B 514 7.22 11.38 -48.44
CA ASP B 514 8.26 12.35 -48.14
C ASP B 514 9.18 11.92 -47.01
N GLY B 515 8.64 11.32 -45.95
CA GLY B 515 9.46 10.97 -44.81
C GLY B 515 9.44 11.98 -43.69
N SER B 516 8.47 12.90 -43.69
CA SER B 516 8.32 13.90 -42.64
C SER B 516 7.22 13.48 -41.67
N ILE B 517 7.02 14.27 -40.63
CA ILE B 517 6.04 13.96 -39.60
C ILE B 517 4.67 14.46 -40.03
N VAL B 518 3.66 13.62 -39.87
CA VAL B 518 2.29 13.92 -40.25
C VAL B 518 1.41 13.82 -39.01
N PHE B 519 0.60 14.84 -38.78
CA PHE B 519 -0.30 14.88 -37.63
C PHE B 519 -1.69 14.48 -38.06
N LYS B 520 -2.18 13.39 -37.46
CA LYS B 520 -3.50 12.84 -37.85
C LYS B 520 -4.48 12.95 -36.69
N GLU B 521 -5.68 13.47 -36.94
CA GLU B 521 -6.72 13.56 -35.89
C GLU B 521 -7.17 12.15 -35.51
N VAL B 522 -7.39 11.90 -34.22
CA VAL B 522 -7.81 10.56 -33.73
C VAL B 522 -8.90 10.76 -32.67
N GLY B 523 -9.27 12.00 -32.35
CA GLY B 523 -10.32 12.25 -31.41
C GLY B 523 -10.47 13.73 -31.14
N TYR B 524 -11.29 14.03 -30.14
CA TYR B 524 -11.58 15.40 -29.75
C TYR B 524 -11.98 15.43 -28.29
N TYR B 525 -11.92 16.62 -27.69
CA TYR B 525 -12.33 16.84 -26.31
C TYR B 525 -13.39 17.92 -26.29
N ASN B 526 -14.61 17.55 -25.92
CA ASN B 526 -15.74 18.47 -25.90
C ASN B 526 -15.88 19.08 -24.51
N VAL B 527 -15.68 20.40 -24.43
CA VAL B 527 -15.69 21.08 -23.13
C VAL B 527 -17.08 21.47 -22.66
N TYR B 528 -18.07 21.43 -23.53
CA TYR B 528 -19.43 21.82 -23.18
C TYR B 528 -20.26 20.64 -22.67
N ALA B 529 -19.70 19.44 -22.63
CA ALA B 529 -20.42 18.25 -22.23
C ALA B 529 -20.30 18.02 -20.73
N LYS B 530 -21.17 17.15 -20.22
CA LYS B 530 -21.14 16.79 -18.82
C LYS B 530 -19.86 16.01 -18.50
N LYS B 531 -19.41 16.14 -17.26
CA LYS B 531 -18.19 15.44 -16.83
C LYS B 531 -18.35 13.94 -17.03
N GLY B 532 -17.29 13.33 -17.57
CA GLY B 532 -17.32 11.92 -17.91
C GLY B 532 -17.76 11.61 -19.32
N GLU B 533 -18.24 12.59 -20.08
CA GLU B 533 -18.59 12.41 -21.48
C GLU B 533 -17.93 13.49 -22.33
N ARG B 534 -16.70 13.86 -21.99
CA ARG B 534 -15.98 14.91 -22.71
C ARG B 534 -14.98 14.37 -23.72
N LEU B 535 -14.54 13.12 -23.57
CA LEU B 535 -13.47 12.55 -24.38
C LEU B 535 -14.02 11.55 -25.38
N PHE B 536 -13.54 11.64 -26.62
CA PHE B 536 -13.82 10.67 -27.66
C PHE B 536 -12.51 10.33 -28.37
N ILE B 537 -12.24 9.04 -28.54
CA ILE B 537 -11.00 8.59 -29.18
C ILE B 537 -11.33 7.44 -30.12
N ASN B 538 -10.81 7.51 -31.35
CA ASN B 538 -10.94 6.43 -32.33
C ASN B 538 -9.62 5.65 -32.34
N GLU B 539 -9.59 4.56 -31.57
CA GLU B 539 -8.35 3.84 -31.30
C GLU B 539 -7.75 3.20 -32.56
N GLU B 540 -8.58 2.87 -33.55
CA GLU B 540 -8.09 2.15 -34.73
C GLU B 540 -7.14 2.98 -35.57
N LYS B 541 -7.12 4.30 -35.39
CA LYS B 541 -6.26 5.20 -36.17
C LYS B 541 -4.93 5.49 -35.50
N ILE B 542 -4.67 4.90 -34.33
CA ILE B 542 -3.46 5.17 -33.56
C ILE B 542 -2.42 4.11 -33.88
N LEU B 543 -1.21 4.56 -34.23
CA LEU B 543 -0.05 3.70 -34.39
C LEU B 543 0.90 3.98 -33.23
N TRP B 544 1.01 3.03 -32.31
CA TRP B 544 1.86 3.21 -31.15
C TRP B 544 3.33 3.10 -31.54
N SER B 545 4.13 4.06 -31.07
CA SER B 545 5.54 4.20 -31.42
C SER B 545 5.75 4.37 -32.93
N GLY B 546 4.69 4.66 -33.68
CA GLY B 546 4.78 4.89 -35.11
C GLY B 546 4.45 3.69 -35.97
N PHE B 547 4.54 2.48 -35.44
CA PHE B 547 4.35 1.28 -36.24
C PHE B 547 3.47 0.23 -35.59
N SER B 548 3.30 0.25 -34.28
CA SER B 548 2.65 -0.83 -33.55
C SER B 548 1.16 -0.62 -33.46
N ARG B 549 0.42 -1.73 -33.49
CA ARG B 549 -1.03 -1.74 -33.41
C ARG B 549 -1.53 -2.25 -32.06
N GLU B 550 -0.65 -2.48 -31.10
CA GLU B 550 -1.00 -3.03 -29.80
C GLU B 550 -0.85 -1.98 -28.72
N VAL B 551 -1.83 -1.90 -27.83
CA VAL B 551 -1.79 -0.92 -26.74
C VAL B 551 -0.71 -1.33 -25.74
N PRO B 552 0.21 -0.43 -25.39
CA PRO B 552 1.31 -0.82 -24.49
C PRO B 552 0.85 -1.01 -23.05
N PHE B 553 1.69 -1.68 -22.28
CA PHE B 553 1.44 -2.01 -20.88
C PHE B 553 2.25 -1.05 -20.01
N SER B 554 1.56 -0.36 -19.11
CA SER B 554 2.20 0.65 -18.26
C SER B 554 1.70 0.55 -16.82
N ASN B 555 1.63 -0.67 -16.29
CA ASN B 555 1.27 -0.90 -14.90
C ASN B 555 2.51 -1.33 -14.11
N CYS B 556 2.53 -0.97 -12.83
CA CYS B 556 3.70 -1.28 -12.01
C CYS B 556 3.91 -2.78 -11.87
N SER B 557 2.83 -3.54 -11.71
CA SER B 557 2.93 -4.98 -11.50
C SER B 557 1.75 -5.66 -12.17
N ARG B 558 1.93 -6.95 -12.44
CA ARG B 558 0.88 -7.73 -13.09
C ARG B 558 -0.27 -8.02 -12.13
N ASP B 559 -1.48 -8.06 -12.68
CA ASP B 559 -2.67 -8.29 -11.86
C ASP B 559 -2.69 -9.72 -11.33
N CYS B 560 -3.06 -9.85 -10.06
CA CYS B 560 -3.21 -11.17 -9.47
C CYS B 560 -4.39 -11.89 -10.11
N LEU B 561 -4.34 -13.22 -10.08
CA LEU B 561 -5.34 -14.04 -10.74
C LEU B 561 -6.25 -14.68 -9.71
N ALA B 562 -7.22 -15.46 -10.19
CA ALA B 562 -8.17 -16.12 -9.29
C ALA B 562 -7.44 -17.11 -8.38
N GLY B 563 -7.83 -17.13 -7.11
CA GLY B 563 -7.17 -17.96 -6.12
C GLY B 563 -6.02 -17.28 -5.41
N THR B 564 -5.63 -16.08 -5.82
CA THR B 564 -4.45 -15.40 -5.32
C THR B 564 -4.85 -14.00 -4.85
N ARG B 565 -4.08 -13.46 -3.90
CA ARG B 565 -4.43 -12.27 -3.14
C ARG B 565 -3.25 -11.31 -3.12
N LYS B 566 -3.55 -10.03 -2.91
CA LYS B 566 -2.54 -8.98 -2.98
C LYS B 566 -1.73 -8.90 -1.68
N GLY B 567 -0.47 -8.50 -1.82
CA GLY B 567 0.39 -8.30 -0.66
C GLY B 567 1.09 -6.96 -0.73
N ILE B 568 1.47 -6.45 0.44
CA ILE B 568 2.08 -5.13 0.55
C ILE B 568 3.59 -5.26 0.40
N ILE B 569 4.19 -4.28 -0.28
CA ILE B 569 5.65 -4.15 -0.35
C ILE B 569 6.03 -2.88 0.38
N GLU B 570 6.98 -3.00 1.32
CA GLU B 570 7.35 -1.87 2.16
C GLU B 570 8.06 -0.79 1.34
N GLY B 571 7.67 0.46 1.56
CA GLY B 571 8.32 1.59 0.93
C GLY B 571 7.89 1.89 -0.48
N GLU B 572 6.81 1.29 -0.96
CA GLU B 572 6.36 1.48 -2.34
C GLU B 572 4.90 1.91 -2.35
N PRO B 573 4.47 2.60 -3.41
CA PRO B 573 3.09 3.08 -3.48
C PRO B 573 2.09 1.92 -3.56
N THR B 574 0.81 2.29 -3.52
CA THR B 574 -0.27 1.31 -3.52
C THR B 574 -0.41 0.58 -4.86
N CYS B 575 0.18 1.11 -5.93
CA CYS B 575 0.04 0.49 -7.25
C CYS B 575 0.96 -0.71 -7.45
N CYS B 576 1.90 -0.95 -6.54
CA CYS B 576 2.85 -2.04 -6.65
C CYS B 576 2.63 -3.00 -5.49
N PHE B 577 2.43 -4.29 -5.81
CA PHE B 577 2.02 -5.26 -4.81
C PHE B 577 2.59 -6.63 -5.16
N GLU B 578 2.36 -7.59 -4.28
CA GLU B 578 2.74 -8.99 -4.47
C GLU B 578 1.50 -9.86 -4.45
N CYS B 579 1.53 -10.93 -5.24
CA CYS B 579 0.42 -11.87 -5.33
C CYS B 579 0.67 -13.03 -4.37
N VAL B 580 -0.12 -13.11 -3.30
CA VAL B 580 0.00 -14.12 -2.27
C VAL B 580 -1.20 -15.06 -2.36
N GLU B 581 -0.97 -16.34 -2.13
CA GLU B 581 -2.01 -17.34 -2.28
C GLU B 581 -2.94 -17.34 -1.06
N CYS B 582 -4.20 -17.69 -1.31
CA CYS B 582 -5.18 -17.78 -0.24
C CYS B 582 -4.98 -19.05 0.58
N PRO B 583 -5.37 -19.07 1.89
CA PRO B 583 -5.18 -20.25 2.73
C PRO B 583 -6.11 -21.43 2.41
N ASP B 584 -6.17 -22.44 3.28
CA ASP B 584 -6.94 -23.68 3.00
C ASP B 584 -8.40 -23.59 3.44
N GLY B 585 -8.81 -22.48 4.06
CA GLY B 585 -10.23 -22.32 4.40
C GLY B 585 -10.89 -21.19 3.64
N GLU B 586 -10.17 -20.53 2.72
CA GLU B 586 -10.75 -19.37 2.05
C GLU B 586 -10.43 -19.43 0.57
N TYR B 587 -11.19 -18.67 -0.22
CA TYR B 587 -11.11 -18.72 -1.68
C TYR B 587 -11.10 -17.31 -2.25
N SER B 588 -11.03 -17.24 -3.58
CA SER B 588 -11.00 -15.98 -4.32
C SER B 588 -11.65 -16.19 -5.67
N ASP B 589 -12.62 -15.36 -6.01
CA ASP B 589 -13.37 -15.52 -7.25
C ASP B 589 -12.76 -14.71 -8.40
N GLU B 590 -12.57 -13.42 -8.21
CA GLU B 590 -12.17 -12.52 -9.27
C GLU B 590 -10.69 -12.18 -9.15
N THR B 591 -10.24 -11.26 -10.00
CA THR B 591 -8.88 -10.75 -9.96
C THR B 591 -8.77 -9.60 -8.97
N ASP B 592 -7.57 -9.44 -8.42
CA ASP B 592 -7.23 -8.32 -7.54
C ASP B 592 -8.13 -8.29 -6.31
N ALA B 593 -8.03 -9.33 -5.50
CA ALA B 593 -8.71 -9.36 -4.21
C ALA B 593 -7.76 -8.89 -3.12
N SER B 594 -8.23 -7.96 -2.28
CA SER B 594 -7.44 -7.48 -1.17
C SER B 594 -7.54 -8.37 0.06
N ALA B 595 -8.45 -9.34 0.06
CA ALA B 595 -8.55 -10.31 1.14
C ALA B 595 -9.19 -11.58 0.59
N CYS B 596 -9.04 -12.66 1.33
CA CYS B 596 -9.63 -13.95 0.96
C CYS B 596 -10.96 -14.10 1.69
N ASN B 597 -11.93 -14.71 1.01
CA ASN B 597 -13.29 -14.82 1.53
C ASN B 597 -13.51 -16.21 2.11
N LYS B 598 -14.08 -16.26 3.31
CA LYS B 598 -14.42 -17.52 3.96
C LYS B 598 -15.86 -17.88 3.60
N CYS B 599 -16.09 -19.12 3.21
CA CYS B 599 -17.41 -19.49 2.73
C CYS B 599 -18.17 -20.31 3.78
N PRO B 600 -19.49 -20.50 3.59
CA PRO B 600 -20.33 -21.04 4.67
C PRO B 600 -19.85 -22.34 5.29
N ASP B 601 -20.45 -22.66 6.45
CA ASP B 601 -19.91 -23.68 7.34
C ASP B 601 -20.06 -25.08 6.78
N ASP B 602 -20.95 -25.28 5.81
CA ASP B 602 -21.17 -26.59 5.22
C ASP B 602 -20.36 -26.80 3.96
N PHE B 603 -19.43 -25.91 3.65
CA PHE B 603 -18.62 -25.98 2.45
C PHE B 603 -17.15 -25.85 2.82
N TRP B 604 -16.29 -26.33 1.92
CA TRP B 604 -14.84 -26.22 2.11
C TRP B 604 -14.20 -25.81 0.79
N SER B 605 -13.03 -25.20 0.89
CA SER B 605 -12.41 -24.54 -0.26
C SER B 605 -11.91 -25.57 -1.27
N ASN B 606 -11.96 -25.19 -2.55
CA ASN B 606 -11.44 -26.00 -3.62
C ASN B 606 -9.91 -26.01 -3.56
N GLU B 607 -9.30 -26.95 -4.28
CA GLU B 607 -7.84 -27.02 -4.33
C GLU B 607 -7.25 -25.77 -4.99
N ASN B 608 -7.82 -25.36 -6.13
CA ASN B 608 -7.36 -24.14 -6.80
C ASN B 608 -7.72 -22.89 -6.03
N HIS B 609 -8.64 -22.99 -5.06
CA HIS B 609 -9.16 -21.86 -4.29
C HIS B 609 -9.92 -20.85 -5.14
N THR B 610 -10.39 -21.25 -6.32
CA THR B 610 -11.23 -20.37 -7.12
C THR B 610 -12.63 -20.26 -6.52
N SER B 611 -13.18 -21.38 -6.07
CA SER B 611 -14.45 -21.41 -5.35
C SER B 611 -14.30 -22.39 -4.20
N CYS B 612 -15.41 -22.73 -3.55
CA CYS B 612 -15.38 -23.73 -2.49
C CYS B 612 -16.51 -24.73 -2.72
N ILE B 613 -16.18 -26.02 -2.61
CA ILE B 613 -17.12 -27.09 -2.86
C ILE B 613 -17.83 -27.48 -1.57
N ALA B 614 -18.94 -28.19 -1.73
CA ALA B 614 -19.69 -28.66 -0.57
C ALA B 614 -18.93 -29.76 0.16
N LYS B 615 -19.28 -29.95 1.44
CA LYS B 615 -18.62 -30.94 2.26
C LYS B 615 -19.15 -32.34 1.94
N GLU B 616 -18.59 -33.34 2.60
CA GLU B 616 -18.94 -34.74 2.40
C GLU B 616 -19.53 -35.30 3.68
N ILE B 617 -20.62 -36.05 3.55
CA ILE B 617 -21.29 -36.71 4.67
C ILE B 617 -20.91 -38.17 4.68
N GLU B 618 -20.55 -38.68 5.86
CA GLU B 618 -20.06 -40.04 6.02
C GLU B 618 -20.85 -40.78 7.07
N PHE B 619 -21.40 -41.93 6.68
CA PHE B 619 -22.14 -42.81 7.60
C PHE B 619 -22.17 -44.20 6.97
N LEU B 620 -22.41 -45.20 7.82
CA LEU B 620 -22.57 -46.56 7.33
C LEU B 620 -23.89 -46.68 6.58
N SER B 621 -23.82 -46.98 5.28
CA SER B 621 -24.98 -46.87 4.41
C SER B 621 -25.22 -48.18 3.68
N TRP B 622 -26.48 -48.36 3.27
CA TRP B 622 -26.83 -49.45 2.38
C TRP B 622 -26.24 -49.18 0.98
N THR B 623 -26.47 -50.13 0.08
CA THR B 623 -25.92 -50.06 -1.28
C THR B 623 -24.40 -49.95 -1.26
N GLU B 624 -23.78 -50.51 -0.22
CA GLU B 624 -22.34 -50.52 -0.01
C GLU B 624 -21.89 -51.96 0.16
N PRO B 625 -20.71 -52.32 -0.37
CA PRO B 625 -20.27 -53.73 -0.28
C PRO B 625 -20.18 -54.25 1.15
N PHE B 626 -19.82 -53.40 2.12
CA PHE B 626 -19.74 -53.85 3.50
C PHE B 626 -21.14 -54.05 4.10
N GLY B 627 -22.03 -53.07 3.89
CA GLY B 627 -23.36 -53.17 4.46
C GLY B 627 -24.17 -54.30 3.84
N ILE B 628 -23.98 -54.57 2.56
CA ILE B 628 -24.66 -55.69 1.92
C ILE B 628 -24.22 -57.01 2.55
N ALA B 629 -22.92 -57.15 2.81
CA ALA B 629 -22.44 -58.37 3.47
C ALA B 629 -23.01 -58.50 4.87
N LEU B 630 -23.08 -57.39 5.62
CA LEU B 630 -23.66 -57.46 6.96
C LEU B 630 -25.13 -57.86 6.91
N THR B 631 -25.88 -57.30 5.95
CA THR B 631 -27.29 -57.66 5.79
C THR B 631 -27.44 -59.13 5.44
N LEU B 632 -26.56 -59.65 4.57
CA LEU B 632 -26.62 -61.05 4.20
C LEU B 632 -26.36 -61.94 5.42
N PHE B 633 -25.38 -61.56 6.25
CA PHE B 633 -25.11 -62.33 7.46
C PHE B 633 -26.31 -62.32 8.40
N ALA B 634 -26.95 -61.16 8.57
CA ALA B 634 -28.10 -61.07 9.46
C ALA B 634 -29.25 -61.94 8.96
N VAL B 635 -29.55 -61.88 7.66
CA VAL B 635 -30.66 -62.68 7.14
C VAL B 635 -30.33 -64.16 7.18
N LEU B 636 -29.06 -64.53 7.00
CA LEU B 636 -28.66 -65.93 7.16
C LEU B 636 -28.90 -66.41 8.58
N GLY B 637 -28.54 -65.58 9.57
CA GLY B 637 -28.82 -65.95 10.95
C GLY B 637 -30.30 -66.11 11.23
N ILE B 638 -31.12 -65.19 10.69
CA ILE B 638 -32.56 -65.29 10.86
C ILE B 638 -33.09 -66.57 10.25
N PHE B 639 -32.63 -66.91 9.05
CA PHE B 639 -33.11 -68.13 8.39
C PHE B 639 -32.68 -69.38 9.16
N LEU B 640 -31.47 -69.39 9.69
CA LEU B 640 -31.02 -70.55 10.47
C LEU B 640 -31.87 -70.73 11.73
N THR B 641 -32.17 -69.63 12.42
CA THR B 641 -33.03 -69.72 13.59
C THR B 641 -34.42 -70.23 13.21
N ALA B 642 -34.95 -69.76 12.09
CA ALA B 642 -36.26 -70.22 11.63
C ALA B 642 -36.24 -71.71 11.30
N PHE B 643 -35.16 -72.18 10.67
CA PHE B 643 -35.05 -73.61 10.35
C PHE B 643 -34.99 -74.46 11.62
N VAL B 644 -34.23 -74.01 12.62
CA VAL B 644 -34.18 -74.77 13.87
C VAL B 644 -35.55 -74.81 14.54
N LEU B 645 -36.26 -73.67 14.54
CA LEU B 645 -37.60 -73.63 15.11
C LEU B 645 -38.53 -74.58 14.36
N GLY B 646 -38.43 -74.62 13.04
CA GLY B 646 -39.25 -75.55 12.28
C GLY B 646 -38.91 -77.00 12.55
N VAL B 647 -37.63 -77.29 12.77
CA VAL B 647 -37.23 -78.65 13.11
C VAL B 647 -37.88 -79.09 14.41
N PHE B 648 -37.78 -78.25 15.45
CA PHE B 648 -38.42 -78.62 16.72
C PHE B 648 -39.93 -78.62 16.62
N ILE B 649 -40.52 -77.81 15.73
CA ILE B 649 -41.96 -77.86 15.52
C ILE B 649 -42.36 -79.21 14.93
N LYS B 650 -41.61 -79.67 13.93
CA LYS B 650 -41.92 -80.96 13.31
C LYS B 650 -41.72 -82.12 14.27
N PHE B 651 -40.66 -82.05 15.08
CA PHE B 651 -40.27 -83.17 15.96
C PHE B 651 -40.65 -82.91 17.41
N ARG B 652 -41.83 -82.32 17.65
CA ARG B 652 -42.26 -81.98 19.00
C ARG B 652 -42.59 -83.22 19.82
N ASN B 653 -43.34 -84.15 19.21
CA ASN B 653 -43.77 -85.35 19.93
C ASN B 653 -42.60 -86.20 20.38
N THR B 654 -41.56 -86.29 19.55
CA THR B 654 -40.40 -87.17 19.76
C THR B 654 -39.56 -86.80 21.02
N PRO B 655 -38.88 -87.80 21.66
CA PRO B 655 -38.30 -87.65 23.04
C PRO B 655 -37.18 -86.64 23.39
N ILE B 656 -36.16 -86.42 22.55
CA ILE B 656 -35.12 -85.45 22.93
C ILE B 656 -35.71 -84.04 23.03
N VAL B 657 -36.64 -83.70 22.13
CA VAL B 657 -37.29 -82.40 22.15
C VAL B 657 -38.09 -82.19 23.45
N LYS B 658 -38.65 -83.27 24.00
CA LYS B 658 -39.41 -83.19 25.25
C LYS B 658 -38.52 -83.12 26.49
N ALA B 659 -37.34 -83.71 26.43
CA ALA B 659 -36.43 -83.60 27.58
C ALA B 659 -35.75 -82.23 27.68
N THR B 660 -36.11 -81.31 26.80
CA THR B 660 -35.77 -79.90 26.91
C THR B 660 -37.12 -79.20 26.99
N ASN B 661 -37.31 -78.33 27.97
CA ASN B 661 -38.65 -77.75 28.12
C ASN B 661 -39.12 -77.24 26.77
N ARG B 662 -40.26 -77.77 26.32
CA ARG B 662 -40.66 -77.52 24.95
C ARG B 662 -40.85 -76.04 24.65
N GLU B 663 -41.41 -75.28 25.57
CA GLU B 663 -41.75 -73.89 25.21
C GLU B 663 -40.65 -72.84 25.48
N LEU B 664 -39.71 -73.08 26.39
CA LEU B 664 -38.55 -72.20 26.54
C LEU B 664 -37.66 -72.20 25.28
N SER B 665 -37.62 -73.32 24.57
CA SER B 665 -36.90 -73.38 23.30
C SER B 665 -37.51 -72.41 22.28
N TYR B 666 -38.84 -72.39 22.18
CA TYR B 666 -39.50 -71.46 21.28
C TYR B 666 -39.22 -70.01 21.69
N LEU B 667 -39.28 -69.73 22.99
CA LEU B 667 -39.01 -68.38 23.47
C LEU B 667 -37.56 -67.97 23.16
N LEU B 668 -36.62 -68.89 23.33
CA LEU B 668 -35.22 -68.59 23.04
C LEU B 668 -35.00 -68.33 21.55
N LEU B 669 -35.65 -69.11 20.69
CA LEU B 669 -35.54 -68.86 19.25
C LEU B 669 -36.15 -67.51 18.88
N PHE B 670 -37.28 -67.16 19.50
CA PHE B 670 -37.87 -65.85 19.31
C PHE B 670 -36.88 -64.75 19.70
N SER B 671 -36.21 -64.91 20.84
CA SER B 671 -35.26 -63.90 21.30
C SER B 671 -34.04 -63.81 20.38
N LEU B 672 -33.62 -64.93 19.80
CA LEU B 672 -32.50 -64.90 18.85
C LEU B 672 -32.88 -64.13 17.57
N LEU B 673 -34.09 -64.38 17.06
CA LEU B 673 -34.57 -63.60 15.93
C LEU B 673 -34.62 -62.11 16.26
N CYS B 674 -35.09 -61.79 17.48
CA CYS B 674 -35.08 -60.41 17.92
C CYS B 674 -33.67 -59.82 17.91
N CYS B 675 -32.64 -60.65 18.16
CA CYS B 675 -31.24 -60.19 18.23
C CYS B 675 -30.68 -59.75 16.87
N PHE B 676 -30.85 -60.62 15.87
CA PHE B 676 -30.36 -60.29 14.53
C PHE B 676 -31.06 -59.07 13.96
N SER B 677 -32.38 -58.96 14.23
CA SER B 677 -33.13 -57.78 13.77
C SER B 677 -32.64 -56.52 14.48
N SER B 678 -32.25 -56.66 15.75
CA SER B 678 -31.65 -55.54 16.49
C SER B 678 -30.35 -55.10 15.85
N SER B 679 -29.53 -56.04 15.40
CA SER B 679 -28.32 -55.65 14.68
C SER B 679 -28.68 -54.86 13.43
N LEU B 680 -29.73 -55.30 12.72
CA LEU B 680 -30.10 -54.49 11.54
C LEU B 680 -30.48 -53.06 11.89
N PHE B 681 -30.56 -52.68 13.17
CA PHE B 681 -30.84 -51.29 13.46
C PHE B 681 -29.68 -50.37 13.10
N PHE B 682 -28.45 -50.82 13.32
CA PHE B 682 -27.32 -49.89 13.30
C PHE B 682 -26.93 -49.45 11.89
N ILE B 683 -27.22 -50.28 10.88
CA ILE B 683 -26.87 -49.93 9.51
C ILE B 683 -27.84 -48.86 9.00
N GLY B 684 -27.29 -47.83 8.38
CA GLY B 684 -28.07 -46.76 7.80
C GLY B 684 -27.73 -45.41 8.41
N GLU B 685 -28.33 -44.38 7.81
CA GLU B 685 -28.10 -43.02 8.29
C GLU B 685 -28.82 -42.81 9.61
N PRO B 686 -28.13 -42.34 10.64
CA PRO B 686 -28.78 -42.16 11.95
C PRO B 686 -29.93 -41.17 11.87
N GLN B 687 -31.01 -41.49 12.58
CA GLN B 687 -32.16 -40.61 12.73
C GLN B 687 -32.53 -40.55 14.20
N ASP B 688 -33.42 -39.61 14.54
CA ASP B 688 -33.79 -39.42 15.93
C ASP B 688 -34.48 -40.65 16.52
N TRP B 689 -35.34 -41.30 15.73
CA TRP B 689 -36.11 -42.41 16.28
C TRP B 689 -35.34 -43.73 16.32
N THR B 690 -34.14 -43.79 15.73
CA THR B 690 -33.35 -45.01 15.79
C THR B 690 -32.26 -44.98 16.85
N CYS B 691 -31.69 -43.81 17.15
CA CYS B 691 -30.73 -43.72 18.24
C CYS B 691 -31.36 -43.98 19.59
N ARG B 692 -32.69 -43.94 19.66
CA ARG B 692 -33.44 -44.14 20.90
C ARG B 692 -33.76 -45.60 21.15
N LEU B 693 -33.69 -46.42 20.11
CA LEU B 693 -34.09 -47.82 20.17
C LEU B 693 -32.96 -48.80 19.88
N ARG B 694 -31.92 -48.37 19.17
CA ARG B 694 -30.90 -49.31 18.70
C ARG B 694 -30.24 -50.03 19.86
N GLN B 695 -29.90 -49.33 20.94
CA GLN B 695 -29.15 -49.94 22.04
C GLN B 695 -30.04 -50.75 23.01
N PRO B 696 -31.20 -50.22 23.43
CA PRO B 696 -32.08 -51.05 24.27
C PRO B 696 -32.59 -52.30 23.58
N ALA B 697 -32.69 -52.29 22.24
CA ALA B 697 -33.22 -53.45 21.51
C ALA B 697 -32.34 -54.67 21.67
N PHE B 698 -31.01 -54.49 21.63
CA PHE B 698 -30.11 -55.59 21.89
C PHE B 698 -30.16 -56.02 23.35
N GLY B 699 -30.22 -55.04 24.27
CA GLY B 699 -30.22 -55.39 25.68
C GLY B 699 -31.42 -56.25 26.09
N ILE B 700 -32.62 -55.84 25.68
CA ILE B 700 -33.83 -56.57 26.06
C ILE B 700 -33.75 -58.01 25.56
N SER B 701 -33.44 -58.19 24.27
CA SER B 701 -33.43 -59.51 23.68
C SER B 701 -32.34 -60.40 24.28
N PHE B 702 -31.16 -59.83 24.55
CA PHE B 702 -30.08 -60.65 25.06
C PHE B 702 -30.30 -61.02 26.52
N VAL B 703 -30.91 -60.13 27.31
CA VAL B 703 -31.32 -60.50 28.65
C VAL B 703 -32.36 -61.61 28.62
N LEU B 704 -33.30 -61.53 27.67
CA LEU B 704 -34.28 -62.60 27.55
C LEU B 704 -33.61 -63.93 27.20
N CYS B 705 -32.61 -63.90 26.30
CA CYS B 705 -31.85 -65.11 25.99
C CYS B 705 -31.17 -65.68 27.23
N ILE B 706 -30.49 -64.80 27.99
CA ILE B 706 -29.76 -65.26 29.17
C ILE B 706 -30.72 -65.86 30.19
N SER B 707 -31.88 -65.23 30.37
CA SER B 707 -32.86 -65.77 31.31
C SER B 707 -33.38 -67.13 30.87
N CYS B 708 -33.70 -67.28 29.59
CA CYS B 708 -34.20 -68.57 29.09
C CYS B 708 -33.15 -69.66 29.26
N ILE B 709 -31.87 -69.32 29.07
CA ILE B 709 -30.81 -70.31 29.29
C ILE B 709 -30.68 -70.61 30.79
N LEU B 710 -30.75 -69.59 31.63
CA LEU B 710 -30.48 -69.76 33.05
C LEU B 710 -31.58 -70.56 33.75
N VAL B 711 -32.82 -70.50 33.25
CA VAL B 711 -33.90 -71.21 33.95
C VAL B 711 -33.77 -72.71 33.75
N LYS B 712 -33.21 -73.12 32.62
CA LYS B 712 -32.87 -74.49 32.30
C LYS B 712 -31.55 -74.94 32.92
N THR B 713 -30.90 -74.08 33.71
CA THR B 713 -29.57 -74.39 34.24
C THR B 713 -29.67 -75.41 35.38
N ASN B 714 -28.54 -76.02 35.73
CA ASN B 714 -28.57 -77.10 36.71
C ASN B 714 -28.40 -76.57 38.12
N ARG B 715 -29.45 -76.74 38.94
CA ARG B 715 -29.47 -76.25 40.31
C ARG B 715 -30.73 -76.74 41.00
N GLY B 734 -43.90 -76.56 38.82
CA GLY B 734 -43.22 -75.29 38.74
C GLY B 734 -43.07 -74.79 37.31
N LEU B 735 -44.03 -75.17 36.45
CA LEU B 735 -43.98 -74.74 35.05
C LEU B 735 -44.15 -73.23 34.92
N ASN B 736 -45.09 -72.65 35.69
CA ASN B 736 -45.28 -71.21 35.63
C ASN B 736 -44.11 -70.45 36.22
N LEU B 737 -43.35 -71.07 37.13
CA LEU B 737 -42.17 -70.43 37.68
C LEU B 737 -41.09 -70.26 36.63
N GLN B 738 -40.95 -71.23 35.73
CA GLN B 738 -39.96 -71.13 34.66
C GLN B 738 -40.29 -70.00 33.69
N PHE B 739 -41.54 -69.54 33.68
CA PHE B 739 -41.94 -68.38 32.90
C PHE B 739 -42.04 -67.12 33.75
N LEU B 740 -41.61 -67.18 35.01
CA LEU B 740 -41.62 -66.01 35.87
C LEU B 740 -40.27 -65.28 35.88
N LEU B 741 -39.17 -66.04 35.94
CA LEU B 741 -37.84 -65.43 36.01
C LEU B 741 -37.53 -64.62 34.76
N VAL B 742 -37.85 -65.17 33.59
CA VAL B 742 -37.57 -64.47 32.34
C VAL B 742 -38.31 -63.14 32.30
N PHE B 743 -39.59 -63.17 32.68
CA PHE B 743 -40.39 -61.95 32.70
C PHE B 743 -39.85 -60.95 33.71
N LEU B 744 -39.40 -61.43 34.88
CA LEU B 744 -38.87 -60.50 35.87
C LEU B 744 -37.61 -59.81 35.38
N CYS B 745 -36.64 -60.58 34.88
CA CYS B 745 -35.40 -59.97 34.42
C CYS B 745 -35.67 -58.98 33.28
N THR B 746 -36.50 -59.39 32.33
CA THR B 746 -36.91 -58.47 31.27
C THR B 746 -37.60 -57.25 31.85
N PHE B 747 -38.31 -57.41 32.97
CA PHE B 747 -39.03 -56.29 33.56
C PHE B 747 -38.08 -55.23 34.11
N MET B 748 -37.07 -55.66 34.87
CA MET B 748 -36.08 -54.67 35.32
C MET B 748 -35.36 -54.01 34.14
N GLN B 749 -35.01 -54.77 33.12
CA GLN B 749 -34.36 -54.15 31.96
C GLN B 749 -35.27 -53.12 31.29
N ILE B 750 -36.55 -53.45 31.10
CA ILE B 750 -37.49 -52.52 30.48
C ILE B 750 -37.66 -51.28 31.34
N VAL B 751 -37.74 -51.45 32.65
CA VAL B 751 -37.94 -50.31 33.54
C VAL B 751 -36.76 -49.33 33.44
N ILE B 752 -35.52 -49.84 33.48
CA ILE B 752 -34.38 -48.90 33.35
C ILE B 752 -34.43 -48.16 32.03
N CYS B 753 -34.66 -48.86 30.93
CA CYS B 753 -34.69 -48.11 29.67
C CYS B 753 -35.77 -47.03 29.67
N VAL B 754 -36.97 -47.31 30.19
CA VAL B 754 -37.96 -46.24 30.14
C VAL B 754 -37.53 -45.05 30.99
N ILE B 755 -37.00 -45.27 32.20
CA ILE B 755 -36.58 -44.08 32.97
C ILE B 755 -35.57 -43.27 32.17
N TRP B 756 -34.53 -43.94 31.65
CA TRP B 756 -33.48 -43.22 30.92
C TRP B 756 -34.07 -42.46 29.74
N LEU B 757 -34.87 -43.12 28.90
CA LEU B 757 -35.38 -42.42 27.73
C LEU B 757 -36.23 -41.21 28.10
N TYR B 758 -37.13 -41.35 29.09
CA TYR B 758 -37.95 -40.18 29.43
C TYR B 758 -37.09 -39.04 29.90
N THR B 759 -36.15 -39.32 30.79
CA THR B 759 -35.41 -38.19 31.36
C THR B 759 -34.35 -37.67 30.40
N ALA B 760 -33.51 -38.53 29.82
CA ALA B 760 -32.52 -38.03 28.86
C ALA B 760 -32.49 -38.89 27.60
N PRO B 761 -33.39 -38.62 26.64
CA PRO B 761 -33.40 -39.40 25.42
C PRO B 761 -32.18 -39.09 24.56
N PRO B 762 -31.72 -40.07 23.78
CA PRO B 762 -30.64 -39.78 22.82
C PRO B 762 -31.14 -38.97 21.64
N SER B 763 -30.19 -38.38 20.92
CA SER B 763 -30.51 -37.57 19.75
C SER B 763 -29.34 -37.62 18.75
N SER B 764 -29.65 -37.33 17.50
CA SER B 764 -28.63 -37.23 16.47
C SER B 764 -27.76 -35.99 16.69
N TYR B 765 -26.51 -36.03 16.20
CA TYR B 765 -25.55 -34.95 16.49
C TYR B 765 -24.53 -34.84 15.35
N ARG B 766 -24.80 -33.93 14.42
CA ARG B 766 -23.86 -33.68 13.32
C ARG B 766 -22.51 -33.21 13.87
N ASN B 767 -21.44 -33.86 13.41
CA ASN B 767 -20.12 -33.66 13.99
C ASN B 767 -19.20 -33.02 12.96
N GLN B 768 -18.62 -31.88 13.32
CA GLN B 768 -17.73 -31.14 12.44
C GLN B 768 -16.35 -30.90 13.02
N GLU B 769 -16.16 -31.10 14.32
CA GLU B 769 -14.90 -30.75 14.96
C GLU B 769 -13.79 -31.75 14.62
N LEU B 770 -14.15 -33.00 14.30
CA LEU B 770 -13.13 -34.01 14.06
C LEU B 770 -12.26 -33.66 12.85
N GLU B 771 -12.89 -33.23 11.75
CA GLU B 771 -12.17 -32.82 10.56
C GLU B 771 -12.84 -31.60 9.95
N ASP B 772 -12.04 -30.72 9.35
CA ASP B 772 -12.60 -29.55 8.70
C ASP B 772 -13.29 -29.92 7.40
N GLU B 773 -12.76 -30.91 6.68
CA GLU B 773 -13.22 -31.20 5.33
C GLU B 773 -14.56 -31.94 5.33
N ILE B 774 -14.76 -32.88 6.25
CA ILE B 774 -15.89 -33.79 6.20
C ILE B 774 -16.70 -33.71 7.49
N ILE B 775 -17.92 -34.22 7.41
CA ILE B 775 -18.88 -34.18 8.52
C ILE B 775 -19.39 -35.58 8.78
N PHE B 776 -19.52 -35.94 10.06
CA PHE B 776 -20.01 -37.24 10.49
C PHE B 776 -21.39 -37.09 11.11
N ILE B 777 -22.29 -38.02 10.76
CA ILE B 777 -23.61 -38.09 11.39
C ILE B 777 -23.58 -39.25 12.37
N THR B 778 -23.64 -38.93 13.67
CA THR B 778 -23.58 -39.94 14.73
C THR B 778 -24.61 -39.61 15.79
N CYS B 779 -25.01 -40.65 16.52
CA CYS B 779 -25.95 -40.50 17.62
C CYS B 779 -25.22 -40.03 18.88
N HIS B 780 -25.94 -39.29 19.72
CA HIS B 780 -25.45 -38.86 21.02
C HIS B 780 -26.30 -39.52 22.09
N GLU B 781 -25.65 -40.21 23.02
CA GLU B 781 -26.39 -41.00 24.01
C GLU B 781 -27.22 -40.11 24.93
N GLY B 782 -26.64 -39.00 25.40
CA GLY B 782 -27.30 -38.12 26.32
C GLY B 782 -27.09 -38.46 27.78
N SER B 783 -26.75 -39.72 28.08
CA SER B 783 -26.44 -40.14 29.44
C SER B 783 -25.65 -41.43 29.39
N LEU B 784 -24.40 -41.39 29.85
CA LEU B 784 -23.57 -42.58 29.93
C LEU B 784 -23.93 -43.48 31.09
N MET B 785 -24.55 -42.92 32.14
CA MET B 785 -24.87 -43.70 33.32
C MET B 785 -25.83 -44.83 33.00
N ALA B 786 -26.87 -44.55 32.22
CA ALA B 786 -27.85 -45.58 31.91
C ALA B 786 -27.27 -46.66 31.01
N LEU B 787 -26.43 -46.27 30.03
CA LEU B 787 -25.77 -47.25 29.20
C LEU B 787 -24.89 -48.17 30.04
N GLY B 788 -24.14 -47.58 30.98
CA GLY B 788 -23.35 -48.39 31.88
C GLY B 788 -24.20 -49.33 32.72
N PHE B 789 -25.36 -48.86 33.17
CA PHE B 789 -26.24 -49.71 33.98
C PHE B 789 -26.77 -50.88 33.15
N LEU B 790 -27.15 -50.63 31.90
CA LEU B 790 -27.62 -51.70 31.03
C LEU B 790 -26.53 -52.75 30.83
N ILE B 791 -25.33 -52.31 30.49
CA ILE B 791 -24.24 -53.25 30.25
C ILE B 791 -23.90 -54.00 31.54
N GLY B 792 -23.96 -53.31 32.68
CA GLY B 792 -23.67 -53.96 33.94
C GLY B 792 -24.69 -55.03 34.30
N TYR B 793 -25.97 -54.76 34.06
CA TYR B 793 -27.00 -55.76 34.33
C TYR B 793 -26.82 -56.98 33.43
N THR B 794 -26.55 -56.75 32.14
CA THR B 794 -26.32 -57.87 31.23
C THR B 794 -25.12 -58.70 31.69
N CYS B 795 -24.02 -58.04 32.04
CA CYS B 795 -22.83 -58.75 32.46
C CYS B 795 -23.05 -59.50 33.77
N LEU B 796 -23.85 -58.92 34.68
CA LEU B 796 -24.13 -59.59 35.94
C LEU B 796 -24.93 -60.87 35.72
N LEU B 797 -25.96 -60.81 34.87
CA LEU B 797 -26.72 -62.02 34.58
C LEU B 797 -25.84 -63.08 33.92
N ALA B 798 -25.02 -62.66 32.94
CA ALA B 798 -24.12 -63.61 32.29
C ALA B 798 -23.19 -64.23 33.32
N ALA B 799 -22.80 -63.45 34.33
CA ALA B 799 -21.89 -63.90 35.36
C ALA B 799 -22.52 -64.98 36.25
N ILE B 800 -23.75 -64.72 36.74
CA ILE B 800 -24.37 -65.69 37.63
C ILE B 800 -24.57 -67.01 36.91
N CYS B 801 -25.01 -66.94 35.64
CA CYS B 801 -25.10 -68.16 34.87
C CYS B 801 -23.75 -68.88 34.84
N PHE B 802 -22.65 -68.15 34.58
CA PHE B 802 -21.34 -68.81 34.49
C PHE B 802 -20.99 -69.54 35.77
N PHE B 803 -21.13 -68.86 36.91
CA PHE B 803 -20.73 -69.47 38.19
C PHE B 803 -21.55 -70.73 38.47
N PHE B 804 -22.85 -70.68 38.16
CA PHE B 804 -23.71 -71.85 38.39
C PHE B 804 -23.54 -72.94 37.33
N ALA B 805 -23.33 -72.59 36.06
CA ALA B 805 -23.03 -73.61 35.07
C ALA B 805 -21.67 -74.24 35.34
N PHE B 806 -20.73 -73.44 35.84
CA PHE B 806 -19.40 -73.94 36.15
C PHE B 806 -19.44 -74.95 37.28
N LYS B 807 -20.26 -74.71 38.30
CA LYS B 807 -20.24 -75.65 39.45
C LYS B 807 -20.70 -77.06 39.08
N SER B 808 -21.37 -77.27 37.94
CA SER B 808 -21.89 -78.60 37.60
C SER B 808 -21.64 -78.97 36.13
N ARG B 809 -20.40 -78.83 35.67
CA ARG B 809 -20.08 -79.16 34.26
C ARG B 809 -20.07 -80.66 34.02
N LYS B 810 -19.54 -81.44 34.98
CA LYS B 810 -19.29 -82.88 34.75
C LYS B 810 -20.55 -83.66 34.39
N LEU B 811 -21.72 -83.18 34.75
CA LEU B 811 -22.94 -83.97 34.58
C LEU B 811 -23.12 -84.34 33.11
N PRO B 812 -23.44 -85.60 32.80
CA PRO B 812 -23.62 -86.02 31.40
C PRO B 812 -25.05 -85.90 30.88
N GLU B 813 -25.95 -85.25 31.60
CA GLU B 813 -27.35 -85.20 31.20
C GLU B 813 -27.53 -84.25 30.02
N ASN B 814 -28.47 -84.61 29.14
CA ASN B 814 -28.85 -83.78 27.99
C ASN B 814 -27.66 -83.46 27.11
N PHE B 815 -26.85 -84.49 26.83
CA PHE B 815 -25.68 -84.39 25.94
C PHE B 815 -24.71 -83.31 26.41
N ASN B 816 -24.41 -83.33 27.72
CA ASN B 816 -23.40 -82.45 28.32
C ASN B 816 -23.78 -80.97 28.13
N GLU B 817 -24.98 -80.63 28.62
CA GLU B 817 -25.52 -79.29 28.36
C GLU B 817 -24.74 -78.21 29.09
N ALA B 818 -24.26 -78.50 30.31
CA ALA B 818 -23.55 -77.50 31.09
C ALA B 818 -22.27 -77.08 30.39
N LYS B 819 -21.60 -78.05 29.75
CA LYS B 819 -20.35 -77.81 29.03
C LYS B 819 -20.52 -76.82 27.87
N PHE B 820 -21.65 -76.95 27.16
CA PHE B 820 -21.97 -76.06 26.05
C PHE B 820 -22.47 -74.69 26.53
N ILE B 821 -23.20 -74.66 27.65
CA ILE B 821 -23.62 -73.38 28.22
C ILE B 821 -22.40 -72.58 28.66
N THR B 822 -21.43 -73.25 29.28
CA THR B 822 -20.20 -72.58 29.68
C THR B 822 -19.47 -72.02 28.47
N PHE B 823 -19.37 -72.81 27.40
CA PHE B 823 -18.74 -72.29 26.18
C PHE B 823 -19.49 -71.07 25.63
N SER B 824 -20.83 -71.11 25.63
CA SER B 824 -21.62 -69.99 25.09
C SER B 824 -21.39 -68.70 25.88
N MET B 825 -21.32 -68.81 27.21
CA MET B 825 -21.05 -67.63 28.02
C MET B 825 -19.62 -67.13 27.80
N LEU B 826 -18.66 -68.06 27.67
CA LEU B 826 -17.27 -67.67 27.47
C LEU B 826 -17.10 -66.91 26.15
N ILE B 827 -17.83 -67.32 25.11
CA ILE B 827 -17.76 -66.61 23.84
C ILE B 827 -18.22 -65.16 24.02
N PHE B 828 -19.33 -64.98 24.74
CA PHE B 828 -19.79 -63.62 25.05
C PHE B 828 -18.70 -62.75 25.69
N PHE B 829 -18.19 -63.21 26.85
CA PHE B 829 -17.24 -62.35 27.56
C PHE B 829 -16.00 -62.05 26.71
N ILE B 830 -15.44 -63.07 26.04
CA ILE B 830 -14.22 -62.80 25.28
C ILE B 830 -14.47 -61.83 24.11
N VAL B 831 -15.62 -61.92 23.44
CA VAL B 831 -15.88 -61.04 22.30
C VAL B 831 -15.98 -59.58 22.75
N TRP B 832 -16.80 -59.32 23.78
CA TRP B 832 -16.99 -57.92 24.19
C TRP B 832 -15.71 -57.29 24.76
N ILE B 833 -14.97 -58.06 25.58
CA ILE B 833 -13.67 -57.55 26.07
C ILE B 833 -12.72 -57.27 24.92
N SER B 834 -12.72 -58.13 23.90
CA SER B 834 -11.89 -57.90 22.72
C SER B 834 -12.24 -56.61 21.99
N PHE B 835 -13.54 -56.31 21.86
CA PHE B 835 -13.86 -55.11 21.10
C PHE B 835 -13.69 -53.80 21.89
N ILE B 836 -13.55 -53.81 23.23
CA ILE B 836 -13.36 -52.52 23.96
C ILE B 836 -12.38 -51.54 23.26
N PRO B 837 -11.16 -51.95 22.84
CA PRO B 837 -10.20 -50.98 22.28
C PRO B 837 -10.70 -50.16 21.09
N ALA B 838 -11.40 -50.82 20.16
CA ALA B 838 -11.88 -50.13 18.96
C ALA B 838 -12.90 -49.07 19.33
N TYR B 839 -13.79 -49.38 20.27
CA TYR B 839 -14.73 -48.38 20.79
C TYR B 839 -13.96 -47.21 21.35
N ALA B 840 -12.88 -47.51 22.09
CA ALA B 840 -12.09 -46.45 22.71
C ALA B 840 -11.42 -45.56 21.67
N SER B 841 -10.96 -46.12 20.53
CA SER B 841 -10.13 -45.33 19.59
C SER B 841 -10.86 -44.82 18.34
N THR B 842 -11.41 -45.71 17.51
CA THR B 842 -11.99 -45.29 16.22
C THR B 842 -13.16 -44.32 16.42
N TYR B 843 -13.38 -43.43 15.44
CA TYR B 843 -14.42 -42.41 15.59
C TYR B 843 -15.41 -42.28 14.44
N GLY B 844 -15.21 -42.98 13.31
CA GLY B 844 -15.98 -42.71 12.11
C GLY B 844 -17.08 -43.72 11.85
N LYS B 845 -17.20 -44.12 10.58
CA LYS B 845 -18.17 -45.14 10.19
C LYS B 845 -17.73 -46.54 10.53
N PHE B 846 -16.61 -46.73 11.21
CA PHE B 846 -16.25 -48.10 11.55
C PHE B 846 -16.68 -48.48 12.96
N VAL B 847 -17.00 -47.48 13.79
CA VAL B 847 -17.46 -47.79 15.14
C VAL B 847 -18.81 -48.48 15.10
N SER B 848 -19.61 -48.21 14.06
CA SER B 848 -20.90 -48.89 13.90
C SER B 848 -20.74 -50.33 13.39
N ALA B 849 -19.67 -50.56 12.63
CA ALA B 849 -19.45 -51.88 12.07
C ALA B 849 -19.06 -52.87 13.15
N VAL B 850 -18.20 -52.46 14.09
CA VAL B 850 -17.78 -53.41 15.12
C VAL B 850 -18.96 -53.85 15.99
N GLU B 851 -19.92 -52.95 16.21
CA GLU B 851 -21.11 -53.30 16.99
C GLU B 851 -21.92 -54.37 16.31
N VAL B 852 -22.15 -54.21 15.00
CA VAL B 852 -22.87 -55.26 14.27
C VAL B 852 -22.10 -56.59 14.30
N ILE B 853 -20.78 -56.52 14.11
CA ILE B 853 -19.96 -57.74 14.11
C ILE B 853 -20.07 -58.45 15.45
N ALA B 854 -19.97 -57.69 16.54
CA ALA B 854 -20.04 -58.29 17.87
C ALA B 854 -21.41 -58.90 18.14
N ILE B 855 -22.48 -58.22 17.72
CA ILE B 855 -23.82 -58.76 17.93
C ILE B 855 -23.98 -60.08 17.20
N LEU B 856 -23.58 -60.12 15.92
CA LEU B 856 -23.70 -61.35 15.14
C LEU B 856 -22.84 -62.46 15.73
N ALA B 857 -21.63 -62.13 16.17
CA ALA B 857 -20.75 -63.15 16.75
C ALA B 857 -21.35 -63.75 18.01
N ALA B 858 -21.83 -62.90 18.91
CA ALA B 858 -22.42 -63.41 20.16
C ALA B 858 -23.68 -64.24 19.86
N SER B 859 -24.53 -63.76 18.96
CA SER B 859 -25.75 -64.50 18.65
C SER B 859 -25.45 -65.86 18.07
N PHE B 860 -24.54 -65.93 17.09
CA PHE B 860 -24.18 -67.21 16.49
C PHE B 860 -23.53 -68.13 17.51
N GLY B 861 -22.63 -67.60 18.35
CA GLY B 861 -21.97 -68.44 19.35
C GLY B 861 -22.94 -69.05 20.35
N LEU B 862 -23.95 -68.27 20.75
CA LEU B 862 -24.98 -68.80 21.63
C LEU B 862 -25.84 -69.85 20.92
N LEU B 863 -26.38 -69.50 19.74
CA LEU B 863 -27.32 -70.38 19.06
C LEU B 863 -26.69 -71.71 18.70
N ALA B 864 -25.52 -71.66 18.06
CA ALA B 864 -24.86 -72.88 17.63
C ALA B 864 -24.57 -73.78 18.82
N CYS B 865 -23.93 -73.23 19.86
CA CYS B 865 -23.56 -74.08 21.00
C CYS B 865 -24.79 -74.71 21.65
N ILE B 866 -25.87 -73.94 21.79
CA ILE B 866 -27.05 -74.49 22.47
C ILE B 866 -27.77 -75.51 21.62
N PHE B 867 -27.76 -75.37 20.28
CA PHE B 867 -28.76 -76.07 19.50
C PHE B 867 -28.24 -77.11 18.51
N PHE B 868 -27.05 -76.91 17.93
CA PHE B 868 -26.71 -77.68 16.72
C PHE B 868 -26.45 -79.15 17.01
N ASN B 869 -25.85 -79.48 18.16
CA ASN B 869 -25.62 -80.89 18.46
C ASN B 869 -26.94 -81.64 18.56
N LYS B 870 -27.93 -81.07 19.25
CA LYS B 870 -29.23 -81.71 19.35
C LYS B 870 -29.91 -81.83 17.98
N ILE B 871 -29.86 -80.75 17.20
CA ILE B 871 -30.59 -80.79 15.93
C ILE B 871 -29.96 -81.84 15.00
N TYR B 872 -28.65 -82.09 15.14
CA TYR B 872 -27.97 -83.06 14.29
C TYR B 872 -28.55 -84.46 14.45
N ILE B 873 -28.41 -85.05 15.65
CA ILE B 873 -28.89 -86.41 15.85
C ILE B 873 -30.33 -86.53 15.43
N ILE B 874 -31.15 -85.53 15.84
CA ILE B 874 -32.59 -85.65 15.65
C ILE B 874 -32.92 -85.88 14.17
N LEU B 875 -32.20 -85.18 13.28
CA LEU B 875 -32.40 -85.49 11.86
C LEU B 875 -31.15 -86.23 11.36
N PHE B 876 -30.92 -86.25 10.04
CA PHE B 876 -29.65 -86.76 9.47
C PHE B 876 -29.47 -88.21 9.90
N LYS B 877 -28.32 -88.60 10.46
CA LYS B 877 -27.97 -90.00 10.62
C LYS B 877 -28.76 -90.73 11.70
N PRO B 878 -28.77 -90.27 12.99
CA PRO B 878 -29.51 -91.04 14.01
C PRO B 878 -31.02 -90.93 13.88
N SER B 879 -31.57 -91.43 12.76
CA SER B 879 -33.00 -91.30 12.53
C SER B 879 -33.80 -91.92 13.66
N ARG B 880 -33.30 -93.05 14.18
CA ARG B 880 -33.88 -93.65 15.37
C ARG B 880 -32.82 -94.13 16.36
N ASN B 881 -31.54 -93.80 16.14
CA ASN B 881 -30.47 -94.39 16.94
C ASN B 881 -30.54 -93.96 18.39
N THR B 882 -30.66 -92.64 18.64
CA THR B 882 -30.88 -92.14 20.00
C THR B 882 -32.13 -91.29 20.07
N ILE B 883 -32.99 -91.37 19.06
CA ILE B 883 -34.11 -90.44 19.02
C ILE B 883 -35.08 -90.74 20.16
N GLU B 884 -34.99 -91.91 20.77
CA GLU B 884 -35.85 -92.24 21.91
C GLU B 884 -35.15 -92.74 23.19
N GLU B 885 -34.41 -93.85 23.12
CA GLU B 885 -33.96 -94.55 24.32
C GLU B 885 -32.94 -93.75 25.13
N VAL B 886 -31.93 -93.16 24.48
CA VAL B 886 -30.94 -92.43 25.26
C VAL B 886 -31.59 -91.25 25.96
N ARG B 887 -32.44 -90.51 25.23
CA ARG B 887 -33.22 -89.45 25.84
C ARG B 887 -34.15 -89.99 26.91
N CYS B 888 -34.85 -91.09 26.62
CA CYS B 888 -35.82 -91.65 27.55
C CYS B 888 -35.16 -92.05 28.87
N SER B 889 -33.96 -92.65 28.79
CA SER B 889 -33.33 -93.19 29.99
C SER B 889 -33.02 -92.09 31.00
N THR B 890 -32.48 -90.97 30.55
CA THR B 890 -32.07 -89.91 31.47
C THR B 890 -32.86 -88.61 31.26
#